data_7CQ7
#
_entry.id   7CQ7
#
_cell.length_a   1.00
_cell.length_b   1.00
_cell.length_c   1.00
_cell.angle_alpha   90.00
_cell.angle_beta   90.00
_cell.angle_gamma   90.00
#
_symmetry.space_group_name_H-M   'P 1'
#
loop_
_entity.id
_entity.type
_entity.pdbx_description
1 polymer 'Osteopetrosis-associated transmembrane protein 1'
2 polymer 'H(+)/Cl(-) exchange transporter 7'
3 branched 2-acetamido-2-deoxy-beta-D-glucopyranose-(1-4)-2-acetamido-2-deoxy-beta-D-glucopyranose
4 non-polymer "ADENOSINE-5'-DIPHOSPHATE"
5 non-polymer 'CHLORIDE ION'
#
loop_
_entity_poly.entity_id
_entity_poly.type
_entity_poly.pdbx_seq_one_letter_code
_entity_poly.pdbx_strand_id
1 'polypeptide(L)'
;MEPGPTAAQRRCSLPPWLPLGLLLWSGLALGALPFGSSPHRVFHDLLSEQQLLEVEDLSLSLLQGGGLGPLSLPPDLPDL
DPECRELLLDFANSSAELTGCLVRSARPVRLCQTCYPLFQQVVSKMDNISRAAGNTSESQSCARSLLMADRMQIVVILSE
FFNTTWQEANCANCLTNNSEELSNSTVYFLNLFNHTLTCFEHNLQGNAHSLLQTKNYSEVCKNCREAYKTLSSLYSEMQK
MNELENKAEPGTHLCIDVEDAMNITRKLWSRTFNCSVPCSDTVPVIAVSVFILFLPVVFYLSSFLHSEQKKRKLILPKRL
KSSTSFANIQENSNLEHHHHHHHH
;
A,B
2 'polypeptide(L)'
;MASDYKDDDDKASDEVDAGTMANVSKKVSWSGRDRDDEEAAPLLRRTARPGGGTPLLNGAGPGAARQSPRSALFRVGHMS
SVELDDELLDPDMDPPHPFPKEIPHNEKLLSLKYESLDYDNSENQLFLEEERRINHTAFRTVEIKRWVICALIGILTGLV
ACFIDIVVENLAGLKYRVIKGNIDKFTEKGGLSFSLLLWATLNAAFVLVGSVIVAFIEPVAAGSGIPQIKCFLNGVKIPH
VVRLKTLVIKVSGVILSVVGGLAVGKEGPMIHSGSVIAAGISQGRSTSLKRDFKIFEYFRRDTEKRDFVSAGAAAGVSAA
FGAPVGGVLFSLEEGASFWNQFLTWRIFFASMISTFTLNFVLSIYHGNMWDLSSPGLINFGRFDSEKMAYTIHEIPVFIA
MGVVGGVLGAVFNALNYWLTMFRIRYIHRPCLQVIEAVLVAAVTATVAFVLIYSSRDCQPLQGGSMSYPLQLFCADGEYN
SMAAAFFNTPEKSVVSLFHDPPGSYNPLTLGLFTLVYFFLACWTYGLTVSAGVFIPSLLIGAAWGRLFGISLSYLTGAAI
WADPGKYALMGAAAQLGGIVRMTLSLTVIMMEATSNVTYGFPIMLVLMTAKIVGDVFIEGLYDMHIQLQSVPFLHWEAPV
TSHSLTAREVMSTPVTCLRRREKVGVIVDVLSDTASNHNGFPVVEHADDTQPARLQGLILRSQLIVLLKHKVFVERSNLG
LVQRRLRLKDFRDAYPRFPPIQSIHVSQDERECTMDLSEFMNPSPYTVPQEASLPRVFKLFRALGLRHLVVVDNRNQVVG
LVTRKDLARYRLGKRGLEELSLAQT
;
C,D
#
loop_
_chem_comp.id
_chem_comp.type
_chem_comp.name
_chem_comp.formula
ADP non-polymer ADENOSINE-5'-DIPHOSPHATE 'C10 H15 N5 O10 P2'
CL non-polymer 'CHLORIDE ION' 'Cl -1'
NAG D-saccharide, beta linking 2-acetamido-2-deoxy-beta-D-glucopyranose 'C8 H15 N O6'
#
# COMPACT_ATOMS: atom_id res chain seq x y z
N SER A 72 48.42 3.92 41.52
CA SER A 72 47.62 4.96 42.16
C SER A 72 46.77 5.71 41.14
N LEU A 73 46.41 5.01 40.06
CA LEU A 73 45.49 5.56 39.08
C LEU A 73 44.08 5.64 39.68
N PRO A 74 43.20 6.48 39.13
CA PRO A 74 41.83 6.52 39.63
C PRO A 74 41.10 5.22 39.33
N PRO A 75 40.08 4.87 40.13
CA PRO A 75 39.47 3.54 40.01
C PRO A 75 38.69 3.36 38.71
N ASP A 76 38.58 2.08 38.32
CA ASP A 76 37.92 1.50 37.15
C ASP A 76 38.69 1.77 35.86
N LEU A 77 39.71 2.64 35.89
CA LEU A 77 40.36 2.88 34.61
C LEU A 77 41.48 1.87 34.30
N PRO A 78 42.51 1.62 35.18
CA PRO A 78 43.47 0.56 34.82
C PRO A 78 42.88 -0.84 34.96
N ASP A 79 42.32 -1.11 36.13
CA ASP A 79 41.76 -2.39 36.52
C ASP A 79 40.52 -2.10 37.34
N LEU A 80 40.00 -3.11 38.01
CA LEU A 80 38.89 -2.91 38.92
C LEU A 80 39.38 -2.79 40.35
N ASP A 81 38.55 -2.19 41.19
CA ASP A 81 38.79 -2.19 42.61
C ASP A 81 38.64 -3.61 43.15
N PRO A 82 39.40 -3.98 44.17
CA PRO A 82 39.19 -5.28 44.82
C PRO A 82 37.95 -5.32 45.70
N GLU A 83 37.27 -4.18 45.86
CA GLU A 83 36.08 -4.13 46.69
C GLU A 83 34.89 -4.79 46.00
N CYS A 84 34.88 -4.81 44.68
CA CYS A 84 33.81 -5.47 43.93
C CYS A 84 34.35 -6.61 43.07
N ARG A 85 35.68 -6.72 42.94
CA ARG A 85 36.30 -7.87 42.29
C ARG A 85 35.96 -9.16 43.01
N GLU A 86 35.80 -9.11 44.33
CA GLU A 86 35.33 -10.29 45.08
C GLU A 86 33.91 -10.67 44.68
N LEU A 87 33.07 -9.66 44.42
CA LEU A 87 31.71 -9.94 43.98
C LEU A 87 31.69 -10.56 42.59
N LEU A 88 32.56 -10.06 41.71
CA LEU A 88 32.69 -10.67 40.38
C LEU A 88 33.21 -12.09 40.47
N LEU A 89 34.17 -12.33 41.37
CA LEU A 89 34.78 -13.65 41.48
C LEU A 89 33.81 -14.69 42.04
N ASP A 90 33.05 -14.35 43.10
CA ASP A 90 32.14 -15.37 43.59
C ASP A 90 30.83 -15.40 42.83
N PHE A 91 30.55 -14.40 41.99
CA PHE A 91 29.55 -14.60 40.95
C PHE A 91 30.04 -15.61 39.93
N ALA A 92 31.30 -15.50 39.52
CA ALA A 92 31.86 -16.38 38.50
C ALA A 92 31.95 -17.82 38.98
N ASN A 93 32.37 -18.02 40.23
CA ASN A 93 32.45 -19.36 40.81
C ASN A 93 31.07 -20.00 40.86
N SER A 94 30.06 -19.24 41.22
CA SER A 94 28.71 -19.77 41.26
C SER A 94 28.14 -19.97 39.86
N SER A 95 28.38 -19.00 38.96
CA SER A 95 27.74 -19.06 37.65
C SER A 95 28.35 -20.13 36.76
N ALA A 96 29.61 -20.50 37.00
CA ALA A 96 30.20 -21.59 36.23
C ALA A 96 29.62 -22.94 36.62
N GLU A 97 29.07 -23.06 37.84
CA GLU A 97 28.48 -24.32 38.25
C GLU A 97 27.14 -24.56 37.56
N LEU A 98 26.46 -23.49 37.17
CA LEU A 98 25.16 -23.63 36.53
C LEU A 98 25.29 -24.29 35.18
N THR A 99 26.39 -24.00 34.47
CA THR A 99 26.73 -24.74 33.26
C THR A 99 26.90 -26.23 33.55
N GLY A 100 27.49 -26.55 34.70
CA GLY A 100 27.63 -27.95 35.09
C GLY A 100 26.29 -28.62 35.32
N CYS A 101 25.34 -27.89 35.90
CA CYS A 101 23.98 -28.41 35.99
C CYS A 101 23.38 -28.66 34.62
N LEU A 102 23.49 -27.66 33.73
CA LEU A 102 22.80 -27.73 32.45
C LEU A 102 23.36 -28.82 31.55
N VAL A 103 24.66 -29.09 31.60
CA VAL A 103 25.25 -30.05 30.70
C VAL A 103 25.40 -31.42 31.34
N ARG A 104 25.72 -31.50 32.63
CA ARG A 104 25.76 -32.81 33.27
C ARG A 104 24.36 -33.39 33.40
N SER A 105 23.39 -32.59 33.81
CA SER A 105 22.00 -33.04 33.84
C SER A 105 21.29 -32.55 32.58
N ALA A 106 21.65 -33.15 31.46
CA ALA A 106 21.09 -32.73 30.18
C ALA A 106 20.23 -33.80 29.53
N ARG A 107 20.79 -34.96 29.19
CA ARG A 107 20.00 -35.88 28.36
C ARG A 107 19.04 -36.72 29.20
N PRO A 108 19.41 -37.25 30.38
CA PRO A 108 18.35 -37.48 31.36
C PRO A 108 17.92 -36.12 31.87
N VAL A 109 16.75 -35.67 31.44
CA VAL A 109 16.44 -34.26 31.60
C VAL A 109 15.92 -34.04 33.01
N ARG A 110 16.85 -33.88 33.94
CA ARG A 110 16.56 -33.59 35.33
C ARG A 110 16.75 -32.11 35.64
N LEU A 111 16.47 -31.25 34.67
CA LEU A 111 17.06 -29.91 34.64
C LEU A 111 16.48 -29.01 35.72
N CYS A 112 15.16 -28.83 35.72
CA CYS A 112 14.55 -27.87 36.62
C CYS A 112 14.59 -28.33 38.07
N GLN A 113 14.70 -29.63 38.31
CA GLN A 113 14.74 -30.13 39.68
C GLN A 113 16.15 -30.23 40.24
N THR A 114 17.18 -29.97 39.42
CA THR A 114 18.55 -30.03 39.90
C THR A 114 19.08 -28.67 40.31
N CYS A 115 19.10 -27.71 39.39
CA CYS A 115 19.66 -26.40 39.68
C CYS A 115 18.60 -25.32 39.84
N TYR A 116 17.42 -25.69 40.32
CA TYR A 116 16.57 -24.66 40.89
C TYR A 116 17.16 -24.04 42.16
N PRO A 117 18.06 -24.71 42.97
CA PRO A 117 18.81 -23.89 43.94
C PRO A 117 19.92 -23.08 43.29
N LEU A 118 20.62 -23.66 42.31
CA LEU A 118 21.79 -23.00 41.73
C LEU A 118 21.38 -21.80 40.88
N PHE A 119 20.16 -21.80 40.36
CA PHE A 119 19.71 -20.65 39.59
C PHE A 119 19.32 -19.50 40.50
N GLN A 120 18.73 -19.79 41.65
CA GLN A 120 18.28 -18.72 42.54
C GLN A 120 19.45 -18.00 43.18
N GLN A 121 20.54 -18.70 43.45
CA GLN A 121 21.68 -18.04 44.06
C GLN A 121 22.40 -17.15 43.04
N VAL A 122 22.27 -17.46 41.75
CA VAL A 122 22.78 -16.57 40.72
C VAL A 122 21.96 -15.29 40.67
N VAL A 123 20.64 -15.41 40.85
CA VAL A 123 19.77 -14.24 40.88
C VAL A 123 20.08 -13.38 42.10
N SER A 124 20.37 -14.01 43.24
CA SER A 124 20.74 -13.26 44.43
C SER A 124 22.10 -12.59 44.29
N LYS A 125 23.01 -13.21 43.54
CA LYS A 125 24.29 -12.56 43.28
C LYS A 125 24.17 -11.48 42.23
N MET A 126 23.12 -11.51 41.40
CA MET A 126 22.86 -10.36 40.53
C MET A 126 22.40 -9.17 41.36
N ASP A 127 21.76 -9.42 42.50
CA ASP A 127 21.30 -8.32 43.34
C ASP A 127 22.44 -7.70 44.13
N ASN A 128 23.46 -8.48 44.48
CA ASN A 128 24.61 -7.92 45.17
C ASN A 128 25.43 -7.00 44.27
N ILE A 129 25.46 -7.28 42.97
CA ILE A 129 26.19 -6.44 42.04
C ILE A 129 25.25 -5.39 41.46
N SER A 130 24.05 -5.28 42.02
CA SER A 130 23.10 -4.24 41.64
C SER A 130 22.75 -3.40 42.86
N CYS A 142 29.20 -0.46 43.12
CA CYS A 142 29.92 -0.86 41.92
C CYS A 142 28.96 -1.30 40.82
N ALA A 143 27.79 -0.67 40.77
CA ALA A 143 26.80 -1.01 39.75
C ALA A 143 27.25 -0.53 38.37
N ARG A 144 27.39 0.78 38.21
CA ARG A 144 27.92 1.34 36.97
C ARG A 144 29.39 1.05 36.79
N SER A 145 30.09 0.68 37.87
CA SER A 145 31.52 0.38 37.76
C SER A 145 31.73 -0.95 37.07
N LEU A 146 31.02 -2.00 37.50
CA LEU A 146 31.10 -3.23 36.73
C LEU A 146 30.30 -3.14 35.45
N LEU A 147 28.99 -3.02 35.58
CA LEU A 147 28.12 -3.50 34.52
C LEU A 147 28.07 -2.53 33.33
N MET A 148 27.70 -1.29 33.57
CA MET A 148 27.48 -0.35 32.47
C MET A 148 28.75 0.47 32.21
N ALA A 149 29.84 -0.26 31.93
CA ALA A 149 31.12 0.36 31.58
C ALA A 149 31.83 -0.39 30.45
N ASP A 150 31.10 -1.13 29.63
CA ASP A 150 31.68 -1.88 28.53
C ASP A 150 30.60 -2.08 27.48
N ARG A 151 31.01 -2.32 26.25
CA ARG A 151 30.00 -2.56 25.22
C ARG A 151 29.63 -4.04 25.11
N MET A 152 30.50 -4.95 25.50
CA MET A 152 30.16 -6.37 25.57
C MET A 152 30.05 -6.70 27.04
N GLN A 153 28.88 -6.45 27.61
CA GLN A 153 28.61 -6.68 29.01
C GLN A 153 28.53 -8.18 29.24
N ILE A 154 29.61 -8.76 29.77
CA ILE A 154 29.70 -10.22 29.90
C ILE A 154 28.68 -10.72 30.90
N VAL A 155 28.60 -10.05 32.05
CA VAL A 155 27.72 -10.47 33.12
C VAL A 155 26.27 -10.33 32.72
N VAL A 156 25.94 -9.24 32.02
CA VAL A 156 24.55 -8.95 31.69
C VAL A 156 24.05 -9.89 30.60
N ILE A 157 24.86 -10.16 29.58
CA ILE A 157 24.39 -11.10 28.58
C ILE A 157 24.42 -12.52 29.09
N LEU A 158 25.26 -12.83 30.09
CA LEU A 158 25.20 -14.16 30.68
C LEU A 158 23.93 -14.34 31.51
N SER A 159 23.55 -13.32 32.27
CA SER A 159 22.31 -13.38 33.02
C SER A 159 21.09 -13.34 32.10
N GLU A 160 21.19 -12.65 30.98
CA GLU A 160 20.10 -12.67 30.01
C GLU A 160 19.97 -14.05 29.37
N PHE A 161 21.09 -14.73 29.15
CA PHE A 161 21.04 -16.13 28.69
C PHE A 161 20.41 -17.02 29.75
N PHE A 162 20.66 -16.74 31.02
CA PHE A 162 20.06 -17.58 32.05
C PHE A 162 18.56 -17.33 32.19
N ASN A 163 18.11 -16.08 31.97
CA ASN A 163 16.67 -15.84 31.90
C ASN A 163 16.07 -16.50 30.66
N THR A 164 16.81 -16.54 29.56
CA THR A 164 16.29 -17.13 28.33
C THR A 164 16.15 -18.63 28.46
N THR A 165 17.18 -19.30 29.00
CA THR A 165 17.09 -20.73 29.28
C THR A 165 16.05 -21.02 30.35
N TRP A 166 15.85 -20.08 31.27
CA TRP A 166 14.85 -20.27 32.31
C TRP A 166 13.44 -20.20 31.74
N GLN A 167 13.18 -19.19 30.92
CA GLN A 167 11.82 -18.92 30.43
C GLN A 167 11.48 -19.66 29.15
N GLU A 168 12.29 -20.64 28.74
CA GLU A 168 11.84 -21.60 27.75
C GLU A 168 11.59 -22.97 28.36
N ALA A 169 12.37 -23.34 29.38
CA ALA A 169 12.09 -24.56 30.10
C ALA A 169 10.83 -24.46 30.95
N ASN A 170 10.44 -23.24 31.31
CA ASN A 170 9.34 -22.95 32.23
C ASN A 170 9.49 -23.71 33.54
N CYS A 171 10.64 -23.51 34.17
CA CYS A 171 10.92 -24.24 35.41
C CYS A 171 10.09 -23.78 36.59
N ALA A 172 9.37 -22.65 36.47
CA ALA A 172 8.48 -22.21 37.53
C ALA A 172 7.33 -23.17 37.75
N ASN A 173 6.93 -23.88 36.69
CA ASN A 173 5.87 -24.88 36.84
C ASN A 173 6.30 -26.04 37.71
N CYS A 174 7.60 -26.38 37.70
CA CYS A 174 8.10 -27.29 38.71
C CYS A 174 8.23 -26.67 40.08
N LEU A 175 8.35 -25.35 40.18
CA LEU A 175 8.54 -24.67 41.46
C LEU A 175 7.19 -24.48 42.15
N THR A 176 7.25 -24.29 43.48
CA THR A 176 6.00 -24.30 44.24
C THR A 176 5.28 -22.95 44.20
N ASN A 177 5.81 -21.95 44.91
CA ASN A 177 5.16 -20.65 44.90
C ASN A 177 6.16 -19.52 44.72
N ASN A 178 7.31 -19.64 45.38
CA ASN A 178 8.34 -18.61 45.35
C ASN A 178 9.71 -19.22 45.28
N SER A 179 9.85 -20.29 44.48
CA SER A 179 11.10 -21.02 44.23
C SER A 179 11.73 -21.58 45.51
N GLU A 180 10.90 -21.89 46.50
CA GLU A 180 11.43 -22.49 47.73
C GLU A 180 11.66 -23.98 47.55
N GLU A 181 10.68 -24.68 46.97
CA GLU A 181 10.80 -26.11 46.74
C GLU A 181 9.93 -26.47 45.55
N LEU A 182 9.84 -27.76 45.26
CA LEU A 182 9.04 -28.25 44.14
C LEU A 182 7.56 -28.20 44.48
N SER A 183 6.73 -28.47 43.48
CA SER A 183 5.31 -28.62 43.71
C SER A 183 4.99 -30.07 44.00
N ASN A 184 3.92 -30.27 44.78
CA ASN A 184 3.54 -31.62 45.17
C ASN A 184 2.96 -32.39 43.99
N SER A 185 2.29 -31.68 43.08
CA SER A 185 1.70 -32.32 41.89
C SER A 185 2.78 -32.91 40.99
N THR A 186 3.87 -32.18 40.77
CA THR A 186 4.89 -32.66 39.85
C THR A 186 5.72 -33.78 40.45
N VAL A 187 6.00 -33.73 41.76
CA VAL A 187 6.76 -34.82 42.36
C VAL A 187 5.86 -36.06 42.51
N TYR A 188 4.55 -35.85 42.67
CA TYR A 188 3.59 -36.93 42.60
C TYR A 188 3.60 -37.58 41.21
N PHE A 189 3.64 -36.75 40.17
CA PHE A 189 3.75 -37.24 38.80
C PHE A 189 5.03 -38.01 38.57
N LEU A 190 6.15 -37.52 39.07
CA LEU A 190 7.42 -38.19 38.85
C LEU A 190 7.50 -39.52 39.60
N ASN A 191 6.88 -39.57 40.78
CA ASN A 191 6.88 -40.82 41.53
C ASN A 191 6.03 -41.87 40.81
N LEU A 192 4.87 -41.44 40.28
CA LEU A 192 4.06 -42.32 39.44
C LEU A 192 4.79 -42.69 38.15
N PHE A 193 5.63 -41.80 37.65
CA PHE A 193 6.38 -42.06 36.43
C PHE A 193 7.41 -43.15 36.64
N ASN A 194 8.11 -43.11 37.76
CA ASN A 194 9.07 -44.18 38.05
C ASN A 194 8.35 -45.49 38.32
N HIS A 195 7.15 -45.43 38.93
CA HIS A 195 6.36 -46.66 39.07
C HIS A 195 5.93 -47.22 37.72
N THR A 196 5.62 -46.33 36.77
CA THR A 196 5.26 -46.77 35.42
C THR A 196 6.46 -47.41 34.72
N LEU A 197 7.64 -46.87 34.96
CA LEU A 197 8.83 -47.46 34.38
C LEU A 197 9.16 -48.81 35.02
N THR A 198 8.89 -48.96 36.32
CA THR A 198 9.06 -50.29 36.93
C THR A 198 8.04 -51.29 36.40
N CYS A 199 6.82 -50.83 36.11
CA CYS A 199 5.85 -51.71 35.46
C CYS A 199 6.27 -52.08 34.06
N PHE A 200 6.96 -51.16 33.37
CA PHE A 200 7.57 -51.48 32.09
C PHE A 200 8.69 -52.51 32.24
N GLU A 201 9.43 -52.44 33.35
CA GLU A 201 10.60 -53.29 33.47
C GLU A 201 10.26 -54.70 33.94
N HIS A 202 9.27 -54.84 34.84
CA HIS A 202 8.91 -56.17 35.35
C HIS A 202 8.36 -57.07 34.26
N ASN A 203 7.49 -56.53 33.39
CA ASN A 203 6.95 -57.32 32.28
C ASN A 203 7.94 -57.33 31.14
N LEU A 204 9.03 -58.06 31.35
CA LEU A 204 10.05 -58.30 30.33
C LEU A 204 10.55 -59.73 30.38
N ASN A 216 9.04 -60.15 21.94
CA ASN A 216 7.79 -60.86 22.23
C ASN A 216 6.97 -60.05 23.22
N TYR A 217 6.19 -59.12 22.71
CA TYR A 217 5.43 -58.21 23.56
C TYR A 217 4.01 -58.71 23.81
N SER A 218 3.91 -59.94 24.32
CA SER A 218 2.61 -60.52 24.60
C SER A 218 2.00 -59.94 25.87
N GLU A 219 2.66 -60.15 27.00
CA GLU A 219 2.20 -59.66 28.30
C GLU A 219 2.77 -58.28 28.59
N VAL A 220 3.31 -57.61 27.58
CA VAL A 220 3.85 -56.27 27.74
C VAL A 220 2.80 -55.22 27.43
N CYS A 221 2.14 -55.35 26.27
CA CYS A 221 1.03 -54.45 25.94
C CYS A 221 -0.15 -54.71 26.87
N LYS A 222 -0.60 -55.95 26.93
CA LYS A 222 -1.59 -56.35 27.92
C LYS A 222 -0.96 -56.29 29.31
N ASN A 223 -1.80 -56.06 30.32
CA ASN A 223 -1.46 -56.11 31.75
C ASN A 223 -0.46 -55.01 32.14
N CYS A 224 -0.35 -53.97 31.33
CA CYS A 224 0.45 -52.80 31.68
C CYS A 224 -0.23 -51.51 31.23
N ARG A 225 -1.39 -51.61 30.57
CA ARG A 225 -2.04 -50.45 29.96
C ARG A 225 -2.58 -49.48 31.01
N GLU A 226 -2.90 -49.98 32.20
CA GLU A 226 -3.45 -49.15 33.28
C GLU A 226 -2.48 -48.06 33.71
N ALA A 227 -1.17 -48.37 33.74
CA ALA A 227 -0.19 -47.41 34.19
C ALA A 227 -0.03 -46.29 33.18
N TYR A 228 -0.01 -46.64 31.89
CA TYR A 228 0.06 -45.64 30.83
C TYR A 228 -1.17 -44.75 30.84
N LYS A 229 -2.34 -45.34 31.11
CA LYS A 229 -3.55 -44.53 31.11
C LYS A 229 -3.63 -43.60 32.31
N THR A 230 -3.21 -44.07 33.49
CA THR A 230 -3.26 -43.17 34.65
C THR A 230 -2.18 -42.10 34.56
N LEU A 231 -1.05 -42.41 33.91
CA LEU A 231 0.00 -41.41 33.80
C LEU A 231 -0.36 -40.34 32.77
N SER A 232 -0.92 -40.76 31.63
CA SER A 232 -1.40 -39.80 30.65
C SER A 232 -2.61 -39.04 31.17
N SER A 233 -3.39 -39.66 32.05
CA SER A 233 -4.51 -38.98 32.70
C SER A 233 -4.02 -37.82 33.55
N LEU A 234 -3.00 -38.09 34.38
CA LEU A 234 -2.41 -37.03 35.19
C LEU A 234 -1.72 -35.97 34.34
N TYR A 235 -1.15 -36.39 33.20
CA TYR A 235 -0.50 -35.42 32.31
C TYR A 235 -1.51 -34.45 31.71
N SER A 236 -2.59 -34.98 31.14
CA SER A 236 -3.64 -34.13 30.58
C SER A 236 -4.35 -33.33 31.65
N GLU A 237 -4.41 -33.87 32.87
CA GLU A 237 -4.96 -33.13 34.00
C GLU A 237 -4.12 -31.89 34.32
N MET A 238 -2.80 -32.06 34.43
CA MET A 238 -1.93 -30.91 34.70
C MET A 238 -1.88 -29.95 33.53
N GLN A 239 -1.99 -30.48 32.31
CA GLN A 239 -1.93 -29.65 31.12
C GLN A 239 -3.18 -28.79 30.99
N LYS A 240 -4.35 -29.33 31.38
CA LYS A 240 -5.54 -28.51 31.46
C LYS A 240 -5.47 -27.55 32.64
N MET A 241 -4.78 -27.94 33.72
CA MET A 241 -4.60 -27.04 34.85
C MET A 241 -3.75 -25.83 34.49
N ASN A 242 -2.87 -26.00 33.49
CA ASN A 242 -1.92 -24.95 33.11
C ASN A 242 -2.61 -23.70 32.58
N GLU A 243 -3.63 -23.85 31.74
CA GLU A 243 -4.00 -22.78 30.83
C GLU A 243 -4.76 -21.64 31.53
N LEU A 244 -5.42 -21.91 32.65
CA LEU A 244 -6.00 -20.81 33.43
C LEU A 244 -4.91 -19.97 34.07
N GLU A 245 -3.76 -20.57 34.38
CA GLU A 245 -2.63 -19.80 34.85
C GLU A 245 -1.67 -19.53 33.72
N HIS A 253 3.09 -24.79 27.30
CA HIS A 253 4.09 -25.76 27.76
C HIS A 253 4.04 -25.96 29.26
N LEU A 254 5.04 -26.68 29.76
CA LEU A 254 5.14 -27.00 31.18
C LEU A 254 6.62 -27.08 31.55
N CYS A 255 6.90 -27.71 32.68
CA CYS A 255 8.27 -28.00 33.07
C CYS A 255 8.88 -29.00 32.09
N ILE A 256 10.14 -28.77 31.74
CA ILE A 256 10.81 -29.60 30.73
C ILE A 256 11.04 -31.01 31.26
N ASP A 257 11.15 -31.17 32.58
CA ASP A 257 11.34 -32.47 33.19
C ASP A 257 10.13 -33.37 32.94
N VAL A 258 8.95 -32.90 33.31
CA VAL A 258 7.76 -33.73 33.18
C VAL A 258 7.37 -33.88 31.72
N GLU A 259 7.63 -32.86 30.89
CA GLU A 259 7.26 -32.97 29.49
C GLU A 259 8.18 -33.92 28.74
N ASP A 260 9.47 -33.92 29.07
CA ASP A 260 10.31 -34.91 28.41
C ASP A 260 10.10 -36.29 29.00
N ALA A 261 9.66 -36.38 30.26
CA ALA A 261 9.27 -37.67 30.80
C ALA A 261 8.08 -38.25 30.06
N MET A 262 7.08 -37.42 29.78
CA MET A 262 5.94 -37.89 29.02
C MET A 262 6.30 -38.12 27.56
N ASN A 263 7.30 -37.41 27.04
CA ASN A 263 7.80 -37.72 25.70
C ASN A 263 8.45 -39.09 25.67
N ILE A 264 9.19 -39.45 26.72
CA ILE A 264 9.76 -40.78 26.84
C ILE A 264 8.66 -41.82 26.90
N THR A 265 7.61 -41.53 27.68
CA THR A 265 6.51 -42.48 27.84
C THR A 265 5.75 -42.69 26.53
N ARG A 266 5.50 -41.62 25.79
CA ARG A 266 4.77 -41.73 24.54
C ARG A 266 5.62 -42.37 23.45
N LYS A 267 6.92 -42.09 23.43
CA LYS A 267 7.79 -42.70 22.44
C LYS A 267 7.98 -44.18 22.73
N LEU A 268 7.97 -44.55 24.01
CA LEU A 268 8.07 -45.96 24.35
C LEU A 268 6.76 -46.70 24.07
N TRP A 269 5.63 -46.09 24.41
CA TRP A 269 4.34 -46.73 24.20
C TRP A 269 4.03 -46.83 22.71
N SER A 270 4.45 -45.86 21.92
CA SER A 270 4.12 -45.84 20.51
C SER A 270 4.98 -46.83 19.73
N ARG A 271 6.29 -46.64 19.76
CA ARG A 271 7.20 -47.48 19.01
C ARG A 271 8.10 -48.25 19.95
N THR A 272 8.64 -49.37 19.41
CA THR A 272 9.28 -50.52 20.04
C THR A 272 8.31 -51.38 20.84
N PHE A 273 7.06 -50.93 20.97
CA PHE A 273 5.96 -51.70 21.52
C PHE A 273 4.84 -51.91 20.51
N ASN A 274 4.37 -50.83 19.91
CA ASN A 274 3.15 -50.78 19.09
C ASN A 274 1.95 -51.36 19.85
N CYS A 275 1.84 -50.98 21.13
CA CYS A 275 0.70 -51.37 21.97
C CYS A 275 -0.52 -50.57 21.53
N SER A 276 -1.10 -51.01 20.42
CA SER A 276 -2.11 -50.24 19.72
C SER A 276 -3.42 -51.03 19.73
N VAL A 277 -4.48 -50.37 20.16
CA VAL A 277 -5.83 -50.94 20.06
C VAL A 277 -6.19 -51.06 18.59
N PRO A 278 -6.68 -52.21 18.12
CA PRO A 278 -6.96 -52.35 16.68
C PRO A 278 -8.15 -51.53 16.22
N CYS A 279 -9.23 -51.48 17.00
CA CYS A 279 -10.41 -50.64 16.78
C CYS A 279 -11.07 -50.95 15.44
N SER A 280 -11.65 -52.16 15.39
CA SER A 280 -12.40 -52.57 14.21
C SER A 280 -13.69 -51.78 14.10
N ASP A 281 -13.66 -50.68 13.34
CA ASP A 281 -14.76 -49.73 13.33
C ASP A 281 -15.02 -49.22 11.91
N THR A 282 -14.67 -50.02 10.91
CA THR A 282 -14.67 -49.53 9.53
C THR A 282 -16.06 -49.59 8.90
N VAL A 283 -16.69 -50.76 8.96
CA VAL A 283 -17.91 -51.09 8.23
C VAL A 283 -19.11 -50.18 8.54
N PRO A 284 -19.40 -49.78 9.80
CA PRO A 284 -20.49 -48.80 9.97
C PRO A 284 -20.21 -47.44 9.36
N VAL A 285 -18.97 -46.95 9.46
CA VAL A 285 -18.67 -45.64 8.89
C VAL A 285 -18.71 -45.70 7.38
N ILE A 286 -18.33 -46.84 6.80
CA ILE A 286 -18.46 -47.00 5.35
C ILE A 286 -19.92 -47.08 4.94
N ALA A 287 -20.76 -47.72 5.76
CA ALA A 287 -22.18 -47.81 5.47
C ALA A 287 -22.84 -46.43 5.50
N VAL A 288 -22.53 -45.64 6.52
CA VAL A 288 -23.09 -44.29 6.62
C VAL A 288 -22.50 -43.39 5.53
N SER A 289 -21.25 -43.62 5.14
CA SER A 289 -20.61 -42.80 4.12
C SER A 289 -21.22 -43.03 2.74
N VAL A 290 -21.46 -44.29 2.39
CA VAL A 290 -22.11 -44.58 1.12
C VAL A 290 -23.58 -44.18 1.18
N PHE A 291 -24.18 -44.23 2.37
CA PHE A 291 -25.59 -43.89 2.54
C PHE A 291 -25.86 -42.41 2.27
N ILE A 292 -24.88 -41.55 2.53
CA ILE A 292 -25.07 -40.11 2.41
C ILE A 292 -24.55 -39.58 1.09
N LEU A 293 -23.45 -40.13 0.58
CA LEU A 293 -22.97 -39.76 -0.75
C LEU A 293 -23.90 -40.20 -1.88
N PHE A 294 -24.83 -41.12 -1.62
CA PHE A 294 -25.80 -41.53 -2.63
C PHE A 294 -27.08 -40.73 -2.56
N LEU A 295 -27.33 -40.03 -1.45
CA LEU A 295 -28.43 -39.08 -1.39
C LEU A 295 -28.46 -37.97 -2.45
N PRO A 296 -27.34 -37.30 -2.84
CA PRO A 296 -27.49 -36.19 -3.79
C PRO A 296 -27.89 -36.61 -5.18
N VAL A 297 -27.42 -37.76 -5.65
CA VAL A 297 -27.82 -38.19 -6.98
C VAL A 297 -29.27 -38.63 -6.97
N VAL A 298 -29.76 -39.14 -5.83
CA VAL A 298 -31.18 -39.38 -5.64
C VAL A 298 -31.95 -38.08 -5.72
N PHE A 299 -31.41 -37.03 -5.11
CA PHE A 299 -32.09 -35.73 -5.12
C PHE A 299 -32.12 -35.13 -6.52
N TYR A 300 -31.01 -35.24 -7.25
CA TYR A 300 -30.94 -34.67 -8.59
C TYR A 300 -31.85 -35.44 -9.55
N LEU A 301 -31.90 -36.76 -9.44
CA LEU A 301 -32.75 -37.52 -10.35
C LEU A 301 -34.22 -37.36 -10.00
N SER A 302 -34.57 -37.31 -8.71
CA SER A 302 -35.96 -37.07 -8.36
C SER A 302 -36.39 -35.64 -8.64
N SER A 303 -35.44 -34.71 -8.77
CA SER A 303 -35.77 -33.37 -9.23
C SER A 303 -35.94 -33.33 -10.74
N PHE A 304 -35.14 -34.12 -11.46
CA PHE A 304 -35.22 -34.12 -12.91
C PHE A 304 -36.45 -34.87 -13.40
N LEU A 305 -36.84 -35.96 -12.72
CA LEU A 305 -37.93 -36.79 -13.21
C LEU A 305 -39.29 -36.20 -12.88
N HIS A 306 -39.41 -35.56 -11.72
CA HIS A 306 -40.65 -34.84 -11.38
C HIS A 306 -40.69 -33.58 -12.23
N SER A 307 -41.10 -33.75 -13.48
CA SER A 307 -41.04 -32.71 -14.48
C SER A 307 -42.05 -32.98 -15.58
N LEU B 73 16.65 -52.89 28.77
CA LEU B 73 16.35 -51.47 28.55
C LEU B 73 16.61 -51.05 27.12
N PRO B 74 15.68 -50.28 26.55
CA PRO B 74 15.85 -49.80 25.17
C PRO B 74 16.84 -48.66 25.11
N PRO B 75 17.51 -48.46 23.97
CA PRO B 75 18.60 -47.47 23.92
C PRO B 75 18.09 -46.04 23.94
N ASP B 76 18.58 -45.28 24.92
CA ASP B 76 18.32 -43.85 25.12
C ASP B 76 16.84 -43.56 25.39
N LEU B 77 16.07 -44.55 25.79
CA LEU B 77 14.77 -44.21 26.34
C LEU B 77 14.89 -43.84 27.83
N PRO B 78 15.46 -44.68 28.75
CA PRO B 78 15.53 -44.20 30.13
C PRO B 78 16.72 -43.31 30.43
N ASP B 79 17.89 -43.62 29.87
CA ASP B 79 19.16 -43.13 30.38
C ASP B 79 20.14 -42.98 29.22
N LEU B 80 21.41 -42.89 29.54
CA LEU B 80 22.49 -42.68 28.58
C LEU B 80 23.07 -44.03 28.13
N ASP B 81 24.03 -43.93 27.24
CA ASP B 81 24.91 -44.95 26.71
C ASP B 81 26.28 -44.84 27.36
N PRO B 82 27.02 -45.95 27.47
CA PRO B 82 28.39 -45.85 28.03
C PRO B 82 29.36 -45.09 27.15
N GLU B 83 29.24 -45.22 25.82
CA GLU B 83 30.04 -44.43 24.89
C GLU B 83 29.38 -43.10 24.55
N CYS B 84 28.54 -42.59 25.43
CA CYS B 84 27.95 -41.27 25.28
C CYS B 84 28.01 -40.51 26.59
N ARG B 85 28.37 -41.18 27.68
CA ARG B 85 28.58 -40.52 28.97
C ARG B 85 29.82 -39.63 28.93
N GLU B 86 30.96 -40.20 28.49
CA GLU B 86 32.18 -39.41 28.32
C GLU B 86 32.00 -38.37 27.23
N LEU B 87 31.21 -38.69 26.20
CA LEU B 87 30.87 -37.75 25.15
C LEU B 87 29.96 -36.63 25.64
N LEU B 88 29.37 -36.75 26.82
CA LEU B 88 28.69 -35.64 27.44
C LEU B 88 29.51 -34.98 28.54
N LEU B 89 30.23 -35.79 29.33
CA LEU B 89 30.94 -35.25 30.48
C LEU B 89 32.20 -34.49 30.11
N ASP B 90 32.76 -34.71 28.93
CA ASP B 90 33.90 -33.88 28.53
C ASP B 90 33.48 -32.45 28.27
N PHE B 91 32.27 -32.27 27.73
CA PHE B 91 31.81 -30.94 27.39
C PHE B 91 31.45 -30.15 28.65
N ALA B 92 30.90 -30.83 29.64
CA ALA B 92 30.62 -30.20 30.92
C ALA B 92 31.88 -29.98 31.75
N ASN B 93 32.95 -30.71 31.46
CA ASN B 93 34.18 -30.47 32.19
C ASN B 93 34.97 -29.30 31.61
N SER B 94 34.50 -28.73 30.50
CA SER B 94 35.20 -27.66 29.80
C SER B 94 34.37 -26.40 29.63
N SER B 95 33.05 -26.53 29.44
CA SER B 95 32.23 -25.34 29.24
C SER B 95 32.09 -24.54 30.52
N ALA B 96 32.13 -25.21 31.67
CA ALA B 96 32.21 -24.51 32.94
C ALA B 96 33.50 -23.73 33.06
N GLU B 97 34.59 -24.30 32.55
CA GLU B 97 35.88 -23.62 32.56
C GLU B 97 35.84 -22.38 31.68
N LEU B 98 35.17 -22.46 30.53
CA LEU B 98 35.14 -21.34 29.60
C LEU B 98 34.23 -20.23 30.10
N THR B 99 33.07 -20.59 30.65
CA THR B 99 32.16 -19.60 31.22
C THR B 99 32.79 -18.90 32.42
N GLY B 100 33.48 -19.67 33.27
CA GLY B 100 34.24 -19.07 34.34
C GLY B 100 35.39 -18.22 33.85
N CYS B 101 36.00 -18.61 32.72
CA CYS B 101 37.08 -17.81 32.16
C CYS B 101 36.57 -16.44 31.73
N LEU B 102 35.42 -16.42 31.07
CA LEU B 102 34.80 -15.16 30.65
C LEU B 102 34.50 -14.27 31.85
N VAL B 103 33.83 -14.81 32.86
CA VAL B 103 33.38 -13.93 33.92
C VAL B 103 34.53 -13.54 34.86
N ARG B 104 35.50 -14.44 35.09
CA ARG B 104 36.66 -14.07 35.88
C ARG B 104 37.53 -13.05 35.15
N SER B 105 37.93 -13.35 33.92
CA SER B 105 38.70 -12.41 33.12
C SER B 105 37.78 -11.59 32.21
N ALA B 106 36.74 -11.00 32.79
CA ALA B 106 35.78 -10.24 32.01
C ALA B 106 36.04 -8.74 31.97
N ARG B 107 35.92 -8.06 33.10
CA ARG B 107 35.69 -6.62 33.01
C ARG B 107 36.95 -5.79 32.80
N PRO B 108 38.10 -6.06 33.45
CA PRO B 108 39.33 -5.65 32.79
C PRO B 108 39.44 -6.53 31.56
N VAL B 109 39.27 -5.92 30.38
CA VAL B 109 38.98 -6.71 29.19
C VAL B 109 40.26 -7.36 28.73
N ARG B 110 40.48 -8.58 29.21
CA ARG B 110 41.64 -9.39 28.90
C ARG B 110 41.17 -10.68 28.23
N LEU B 111 39.99 -10.63 27.62
CA LEU B 111 39.28 -11.85 27.27
C LEU B 111 39.89 -12.53 26.07
N CYS B 112 40.11 -11.78 24.99
CA CYS B 112 40.65 -12.37 23.76
C CYS B 112 42.10 -12.82 23.89
N GLN B 113 42.79 -12.41 24.96
CA GLN B 113 44.15 -12.88 25.22
C GLN B 113 44.20 -13.84 26.40
N THR B 114 43.05 -14.31 26.88
CA THR B 114 43.03 -15.35 27.89
C THR B 114 42.30 -16.59 27.45
N CYS B 115 41.06 -16.45 26.99
CA CYS B 115 40.12 -17.57 26.92
C CYS B 115 40.06 -18.24 25.57
N TYR B 116 40.86 -17.81 24.61
CA TYR B 116 40.82 -18.46 23.29
C TYR B 116 41.31 -19.92 23.23
N PRO B 117 42.28 -20.42 24.02
CA PRO B 117 42.51 -21.87 23.96
C PRO B 117 41.39 -22.66 24.60
N LEU B 118 40.81 -22.13 25.68
CA LEU B 118 39.66 -22.77 26.30
C LEU B 118 38.47 -22.78 25.35
N PHE B 119 38.27 -21.68 24.61
CA PHE B 119 37.19 -21.63 23.64
C PHE B 119 37.41 -22.62 22.51
N GLN B 120 38.64 -22.70 21.99
CA GLN B 120 38.88 -23.63 20.89
C GLN B 120 38.78 -25.07 21.33
N GLN B 121 39.13 -25.39 22.58
CA GLN B 121 38.94 -26.76 23.00
C GLN B 121 37.47 -27.05 23.28
N VAL B 122 36.67 -26.04 23.65
CA VAL B 122 35.22 -26.22 23.73
C VAL B 122 34.65 -26.52 22.35
N VAL B 123 35.18 -25.84 21.33
CA VAL B 123 34.77 -26.11 19.94
C VAL B 123 35.14 -27.52 19.53
N SER B 124 36.34 -27.97 19.92
CA SER B 124 36.79 -29.31 19.55
C SER B 124 36.00 -30.40 20.27
N LYS B 125 35.67 -30.17 21.54
CA LYS B 125 34.83 -31.12 22.27
C LYS B 125 33.41 -31.12 21.76
N MET B 126 32.95 -30.01 21.18
CA MET B 126 31.70 -30.03 20.45
C MET B 126 31.82 -30.86 19.17
N ASP B 127 32.97 -30.76 18.49
CA ASP B 127 33.12 -31.41 17.20
C ASP B 127 33.24 -32.91 17.33
N ASN B 128 34.09 -33.37 18.26
CA ASN B 128 34.35 -34.80 18.43
C ASN B 128 33.13 -35.57 18.92
N ILE B 129 32.15 -34.88 19.50
CA ILE B 129 30.86 -35.49 19.79
C ILE B 129 29.82 -35.16 18.74
N SER B 130 30.09 -34.20 17.87
CA SER B 130 29.16 -33.81 16.82
C SER B 130 29.38 -34.59 15.53
N ARG B 131 30.22 -35.62 15.56
CA ARG B 131 30.68 -36.25 14.34
C ARG B 131 30.63 -37.78 14.46
N CYS B 142 26.58 -40.43 18.99
CA CYS B 142 25.30 -40.20 19.66
C CYS B 142 24.93 -38.72 19.58
N ALA B 143 25.35 -38.07 18.50
CA ALA B 143 25.02 -36.66 18.30
C ALA B 143 23.53 -36.46 18.08
N ARG B 144 22.95 -37.25 17.17
CA ARG B 144 21.50 -37.29 17.01
C ARG B 144 20.81 -37.87 18.24
N SER B 145 21.54 -38.59 19.08
CA SER B 145 21.04 -39.03 20.36
C SER B 145 21.25 -38.00 21.46
N LEU B 146 21.95 -36.91 21.19
CA LEU B 146 22.08 -35.82 22.16
C LEU B 146 21.55 -34.50 21.64
N LEU B 147 21.94 -34.10 20.43
CA LEU B 147 21.52 -32.80 19.90
C LEU B 147 20.05 -32.85 19.52
N MET B 148 19.68 -33.76 18.64
CA MET B 148 18.28 -33.93 18.24
C MET B 148 17.61 -35.03 19.04
N ALA B 149 17.52 -34.82 20.35
CA ALA B 149 16.84 -35.78 21.20
C ALA B 149 15.95 -35.12 22.23
N ASP B 150 15.76 -33.80 22.18
CA ASP B 150 15.10 -33.08 23.24
C ASP B 150 14.60 -31.76 22.68
N ARG B 151 13.48 -31.29 23.19
CA ARG B 151 12.89 -30.09 22.62
C ARG B 151 13.59 -28.82 23.07
N MET B 152 14.48 -28.89 24.06
CA MET B 152 15.33 -27.77 24.43
C MET B 152 16.76 -28.29 24.32
N GLN B 153 17.33 -28.08 23.15
CA GLN B 153 18.60 -28.67 22.74
C GLN B 153 19.74 -28.00 23.50
N ILE B 154 20.08 -28.51 24.68
CA ILE B 154 20.98 -27.83 25.61
C ILE B 154 22.37 -27.68 25.02
N VAL B 155 22.87 -28.72 24.36
CA VAL B 155 24.21 -28.66 23.82
C VAL B 155 24.25 -27.76 22.59
N VAL B 156 23.14 -27.63 21.87
CA VAL B 156 23.12 -26.77 20.70
C VAL B 156 23.04 -25.30 21.12
N ILE B 157 22.14 -24.98 22.05
CA ILE B 157 21.98 -23.60 22.47
C ILE B 157 23.15 -23.09 23.30
N LEU B 158 24.00 -23.97 23.80
CA LEU B 158 25.15 -23.50 24.54
C LEU B 158 26.31 -23.18 23.62
N SER B 159 26.52 -24.01 22.60
CA SER B 159 27.49 -23.68 21.56
C SER B 159 27.04 -22.47 20.76
N GLU B 160 25.73 -22.29 20.60
CA GLU B 160 25.19 -21.16 19.87
C GLU B 160 25.50 -19.85 20.58
N PHE B 161 25.40 -19.85 21.92
CA PHE B 161 25.74 -18.66 22.67
C PHE B 161 27.24 -18.37 22.65
N PHE B 162 28.07 -19.40 22.63
CA PHE B 162 29.50 -19.18 22.56
C PHE B 162 29.92 -18.64 21.21
N ASN B 163 29.33 -19.16 20.13
CA ASN B 163 29.57 -18.58 18.81
C ASN B 163 29.00 -17.18 18.70
N THR B 164 27.91 -16.88 19.42
CA THR B 164 27.38 -15.53 19.44
C THR B 164 28.36 -14.56 20.09
N THR B 165 28.95 -14.97 21.22
CA THR B 165 29.94 -14.14 21.88
C THR B 165 31.19 -14.00 21.03
N TRP B 166 31.64 -15.10 20.42
CA TRP B 166 32.89 -15.10 19.70
C TRP B 166 32.78 -14.36 18.38
N GLN B 167 31.58 -14.29 17.80
CA GLN B 167 31.38 -13.44 16.65
C GLN B 167 31.12 -11.99 17.04
N GLU B 168 30.61 -11.76 18.25
CA GLU B 168 30.40 -10.38 18.66
C GLU B 168 31.69 -9.75 19.16
N ALA B 169 32.51 -10.51 19.88
CA ALA B 169 33.79 -9.98 20.34
C ALA B 169 34.77 -9.82 19.20
N ASN B 170 34.72 -10.73 18.23
CA ASN B 170 35.68 -10.86 17.13
C ASN B 170 37.11 -10.93 17.65
N CYS B 171 37.37 -11.99 18.44
CA CYS B 171 38.73 -12.26 18.86
C CYS B 171 39.60 -12.80 17.73
N ALA B 172 39.00 -13.16 16.60
CA ALA B 172 39.75 -13.64 15.44
C ALA B 172 40.65 -12.57 14.84
N ASN B 173 40.37 -11.30 15.09
CA ASN B 173 41.30 -10.25 14.73
C ASN B 173 42.58 -10.35 15.53
N CYS B 174 42.45 -10.60 16.84
CA CYS B 174 43.57 -10.65 17.77
C CYS B 174 44.33 -11.98 17.74
N LEU B 175 44.11 -12.84 16.74
CA LEU B 175 44.77 -14.13 16.67
C LEU B 175 45.45 -14.30 15.32
N THR B 176 46.66 -14.86 15.33
CA THR B 176 47.59 -14.76 14.22
C THR B 176 47.17 -15.45 12.93
N ASN B 177 47.17 -16.76 12.90
CA ASN B 177 46.86 -17.40 11.62
C ASN B 177 45.83 -18.51 11.72
N ASN B 178 45.88 -19.32 12.77
CA ASN B 178 44.99 -20.44 12.99
C ASN B 178 44.53 -20.45 14.43
N SER B 179 44.30 -19.26 14.98
CA SER B 179 43.89 -19.00 16.36
C SER B 179 44.85 -19.55 17.39
N GLU B 180 46.11 -19.75 17.00
CA GLU B 180 47.10 -20.35 17.90
C GLU B 180 47.74 -19.30 18.79
N GLU B 181 48.37 -18.30 18.17
CA GLU B 181 49.02 -17.22 18.89
C GLU B 181 48.25 -15.93 18.69
N LEU B 182 48.65 -14.91 19.44
CA LEU B 182 48.13 -13.58 19.23
C LEU B 182 48.61 -13.04 17.90
N SER B 183 47.89 -12.05 17.38
CA SER B 183 48.22 -11.54 16.06
C SER B 183 49.47 -10.67 16.12
N ASN B 184 49.93 -10.26 14.94
CA ASN B 184 51.27 -9.69 14.81
C ASN B 184 51.32 -8.25 15.30
N SER B 185 50.38 -7.42 14.87
CA SER B 185 50.41 -5.99 15.21
C SER B 185 49.84 -5.73 16.60
N THR B 186 48.80 -6.48 16.98
CA THR B 186 48.05 -6.16 18.18
C THR B 186 48.84 -6.47 19.44
N VAL B 187 49.76 -7.45 19.36
CA VAL B 187 50.59 -7.75 20.52
C VAL B 187 51.54 -6.59 20.81
N TYR B 188 51.89 -5.81 19.79
CA TYR B 188 52.67 -4.61 20.03
C TYR B 188 51.79 -3.42 20.42
N PHE B 189 50.55 -3.39 19.92
CA PHE B 189 49.61 -2.36 20.36
C PHE B 189 49.32 -2.46 21.84
N LEU B 190 49.23 -3.68 22.36
CA LEU B 190 48.98 -3.86 23.79
C LEU B 190 50.18 -3.39 24.61
N ASN B 191 51.38 -3.47 24.06
CA ASN B 191 52.54 -2.99 24.80
C ASN B 191 52.61 -1.47 24.77
N LEU B 192 52.20 -0.84 23.65
CA LEU B 192 52.15 0.62 23.63
C LEU B 192 51.04 1.15 24.53
N PHE B 193 49.99 0.35 24.74
CA PHE B 193 49.06 0.65 25.80
C PHE B 193 49.75 0.61 27.16
N ASN B 194 50.60 -0.39 27.36
CA ASN B 194 51.29 -0.51 28.63
C ASN B 194 52.39 0.55 28.76
N HIS B 195 53.02 0.92 27.64
CA HIS B 195 53.98 2.03 27.64
C HIS B 195 53.31 3.33 28.05
N THR B 196 52.14 3.61 27.48
CA THR B 196 51.44 4.84 27.79
C THR B 196 50.95 4.84 29.24
N LEU B 197 50.57 3.68 29.76
CA LEU B 197 50.21 3.62 31.17
C LEU B 197 51.41 3.81 32.08
N THR B 198 52.58 3.29 31.69
CA THR B 198 53.78 3.51 32.50
C THR B 198 54.21 4.97 32.47
N CYS B 199 54.02 5.65 31.34
CA CYS B 199 54.34 7.07 31.28
C CYS B 199 53.34 7.89 32.09
N PHE B 200 52.06 7.51 32.04
CA PHE B 200 51.05 8.11 32.90
C PHE B 200 51.40 7.96 34.36
N GLU B 201 51.89 6.77 34.75
CA GLU B 201 52.20 6.52 36.15
C GLU B 201 53.45 7.25 36.59
N HIS B 202 54.47 7.30 35.72
CA HIS B 202 55.71 7.92 36.11
C HIS B 202 55.66 9.43 36.05
N ASN B 203 54.69 10.01 35.35
CA ASN B 203 54.54 11.46 35.32
C ASN B 203 53.60 11.97 36.41
N LEU B 204 53.24 11.15 37.39
CA LEU B 204 52.34 11.59 38.45
C LEU B 204 53.05 12.48 39.47
N ASN B 216 45.65 19.35 39.18
CA ASN B 216 46.91 19.94 38.74
C ASN B 216 47.68 18.94 37.87
N TYR B 217 47.12 18.63 36.72
CA TYR B 217 47.73 17.69 35.77
C TYR B 217 48.44 18.45 34.64
N SER B 218 49.42 19.26 35.02
CA SER B 218 50.07 20.15 34.06
C SER B 218 51.21 19.47 33.32
N GLU B 219 52.02 18.69 34.02
CA GLU B 219 53.18 18.02 33.42
C GLU B 219 52.80 16.66 32.85
N VAL B 220 51.61 16.16 33.15
CA VAL B 220 51.16 14.92 32.56
C VAL B 220 50.66 15.17 31.14
N CYS B 221 50.17 16.38 30.86
CA CYS B 221 49.91 16.79 29.48
C CYS B 221 51.21 16.85 28.69
N LYS B 222 52.29 17.27 29.35
CA LYS B 222 53.64 17.14 28.83
C LYS B 222 54.06 15.67 28.92
N ASN B 223 55.15 15.33 28.22
CA ASN B 223 55.93 14.10 28.39
C ASN B 223 55.20 12.85 27.85
N CYS B 224 53.95 12.99 27.42
CA CYS B 224 53.26 11.81 26.93
C CYS B 224 52.48 12.06 25.65
N ARG B 225 52.32 13.32 25.22
CA ARG B 225 51.56 13.61 24.01
C ARG B 225 52.24 13.06 22.76
N GLU B 226 53.55 12.87 22.78
CA GLU B 226 54.21 12.22 21.65
C GLU B 226 54.12 10.70 21.70
N ALA B 227 53.55 10.13 22.77
CA ALA B 227 53.27 8.70 22.84
C ALA B 227 51.79 8.39 22.72
N TYR B 228 50.94 9.26 23.29
CA TYR B 228 49.51 9.15 23.09
C TYR B 228 49.15 9.30 21.62
N LYS B 229 49.85 10.18 20.91
CA LYS B 229 49.55 10.41 19.51
C LYS B 229 49.90 9.20 18.66
N THR B 230 51.05 8.58 18.91
CA THR B 230 51.38 7.39 18.13
C THR B 230 50.55 6.18 18.57
N LEU B 231 50.07 6.17 19.81
CA LEU B 231 49.15 5.11 20.22
C LEU B 231 47.82 5.21 19.48
N SER B 232 47.25 6.42 19.41
CA SER B 232 46.02 6.63 18.66
C SER B 232 46.25 6.42 17.17
N SER B 233 47.45 6.76 16.67
CA SER B 233 47.78 6.51 15.27
C SER B 233 47.80 5.02 14.97
N LEU B 234 48.34 4.22 15.90
CA LEU B 234 48.39 2.78 15.68
C LEU B 234 46.99 2.18 15.72
N TYR B 235 46.15 2.68 16.63
CA TYR B 235 44.77 2.21 16.70
C TYR B 235 44.01 2.52 15.43
N SER B 236 44.13 3.75 14.93
CA SER B 236 43.44 4.13 13.70
C SER B 236 44.03 3.41 12.50
N GLU B 237 45.31 3.07 12.55
CA GLU B 237 45.91 2.31 11.46
C GLU B 237 45.40 0.88 11.42
N MET B 238 45.23 0.24 12.60
CA MET B 238 44.63 -1.09 12.62
C MET B 238 43.15 -1.05 12.26
N GLN B 239 42.46 0.04 12.60
CA GLN B 239 41.07 0.14 12.24
C GLN B 239 40.91 0.35 10.73
N LYS B 240 41.82 1.10 10.11
CA LYS B 240 41.81 1.19 8.66
C LYS B 240 42.21 -0.14 8.01
N MET B 241 43.03 -0.94 8.70
CA MET B 241 43.38 -2.26 8.20
C MET B 241 42.16 -3.17 8.13
N ASN B 242 41.37 -3.20 9.20
CA ASN B 242 40.11 -3.95 9.13
C ASN B 242 39.07 -3.28 8.24
N GLU B 243 39.18 -1.98 8.00
CA GLU B 243 38.30 -1.34 7.03
C GLU B 243 38.62 -1.80 5.62
N LEU B 244 39.90 -2.00 5.30
CA LEU B 244 40.29 -2.47 3.98
C LEU B 244 39.93 -3.94 3.77
N GLU B 245 39.90 -4.73 4.85
CA GLU B 245 39.48 -6.13 4.72
C GLU B 245 38.01 -6.23 4.37
N ASN B 246 37.17 -5.48 5.07
CA ASN B 246 35.74 -5.43 4.75
C ASN B 246 35.54 -4.68 3.44
N HIS B 253 33.28 -2.38 14.32
CA HIS B 253 33.80 -2.77 15.62
C HIS B 253 34.95 -3.76 15.53
N LEU B 254 36.03 -3.49 16.25
CA LEU B 254 37.23 -4.30 16.21
C LEU B 254 37.19 -5.37 17.29
N CYS B 255 38.34 -6.00 17.51
CA CYS B 255 38.55 -6.91 18.62
C CYS B 255 38.35 -6.18 19.94
N ILE B 256 37.61 -6.81 20.86
CA ILE B 256 37.18 -6.15 22.08
C ILE B 256 38.35 -5.85 23.01
N ASP B 257 39.46 -6.56 22.86
CA ASP B 257 40.60 -6.38 23.75
C ASP B 257 41.28 -5.05 23.50
N VAL B 258 41.43 -4.66 22.24
CA VAL B 258 42.12 -3.42 21.93
C VAL B 258 41.19 -2.21 21.97
N GLU B 259 39.90 -2.40 21.66
CA GLU B 259 38.97 -1.29 21.71
C GLU B 259 38.76 -0.80 23.13
N ASP B 260 38.74 -1.71 24.09
CA ASP B 260 38.59 -1.27 25.47
C ASP B 260 39.86 -0.59 25.97
N ALA B 261 41.02 -1.01 25.48
CA ALA B 261 42.27 -0.37 25.86
C ALA B 261 42.33 1.06 25.34
N MET B 262 41.95 1.25 24.08
CA MET B 262 41.90 2.60 23.55
C MET B 262 40.76 3.41 24.16
N ASN B 263 39.69 2.74 24.62
CA ASN B 263 38.62 3.46 25.31
C ASN B 263 39.06 3.97 26.66
N ILE B 264 39.82 3.15 27.40
CA ILE B 264 40.43 3.58 28.66
C ILE B 264 41.40 4.72 28.42
N THR B 265 42.24 4.60 27.39
CA THR B 265 43.25 5.61 27.09
C THR B 265 42.61 6.94 26.73
N ARG B 266 41.55 6.91 25.93
CA ARG B 266 40.86 8.15 25.58
C ARG B 266 40.05 8.70 26.75
N LYS B 267 39.47 7.83 27.57
CA LYS B 267 38.70 8.26 28.71
C LYS B 267 39.58 8.78 29.84
N LEU B 268 40.87 8.48 29.78
CA LEU B 268 41.81 8.94 30.79
C LEU B 268 42.65 10.12 30.33
N TRP B 269 42.93 10.22 29.03
CA TRP B 269 43.69 11.36 28.52
C TRP B 269 42.79 12.59 28.37
N SER B 270 41.66 12.43 27.69
CA SER B 270 40.85 13.58 27.30
C SER B 270 40.11 14.16 28.51
N ARG B 271 39.49 13.31 29.32
CA ARG B 271 38.99 13.73 30.61
C ARG B 271 39.75 12.99 31.70
N THR B 272 39.65 13.54 32.92
CA THR B 272 40.37 13.27 34.17
C THR B 272 41.81 13.78 34.13
N PHE B 273 42.28 14.18 32.94
CA PHE B 273 43.47 14.99 32.78
C PHE B 273 43.13 16.35 32.20
N ASN B 274 42.12 16.41 31.33
CA ASN B 274 41.70 17.61 30.58
C ASN B 274 42.84 18.20 29.76
N CYS B 275 43.66 17.33 29.18
CA CYS B 275 44.76 17.77 28.34
C CYS B 275 44.24 18.14 26.96
N SER B 276 44.38 19.40 26.59
CA SER B 276 43.89 19.89 25.31
C SER B 276 44.67 21.10 24.87
N VAL B 277 44.49 21.46 23.61
CA VAL B 277 45.08 22.64 23.00
C VAL B 277 43.94 23.56 22.56
N PRO B 278 43.96 24.84 22.92
CA PRO B 278 42.83 25.71 22.56
C PRO B 278 42.73 26.02 21.07
N CYS B 279 43.84 26.43 20.45
CA CYS B 279 43.92 26.83 19.04
C CYS B 279 42.88 27.90 18.72
N SER B 280 43.12 29.09 19.29
CA SER B 280 42.16 30.19 19.26
C SER B 280 42.11 30.79 17.85
N ASP B 281 41.46 30.05 16.96
CA ASP B 281 41.29 30.41 15.56
C ASP B 281 39.84 30.82 15.34
N THR B 282 39.26 31.49 16.33
CA THR B 282 37.89 31.94 16.23
C THR B 282 37.76 33.19 15.38
N VAL B 283 38.58 34.20 15.68
CA VAL B 283 38.52 35.51 15.02
C VAL B 283 38.91 35.46 13.55
N PRO B 284 39.91 34.69 13.08
CA PRO B 284 40.08 34.58 11.61
C PRO B 284 38.95 33.83 10.91
N VAL B 285 38.18 33.01 11.62
CA VAL B 285 36.98 32.45 11.01
C VAL B 285 35.91 33.53 10.89
N ILE B 286 35.70 34.29 11.97
CA ILE B 286 34.76 35.42 11.97
C ILE B 286 35.21 36.51 11.00
N ALA B 287 36.51 36.58 10.70
CA ALA B 287 36.99 37.47 9.67
C ALA B 287 36.53 37.06 8.27
N VAL B 288 36.11 35.82 8.08
CA VAL B 288 35.59 35.35 6.80
C VAL B 288 34.09 35.08 6.87
N SER B 289 33.64 34.45 7.96
CA SER B 289 32.25 34.03 8.09
C SER B 289 31.28 35.19 8.18
N VAL B 290 31.75 36.40 8.47
CA VAL B 290 30.89 37.56 8.42
C VAL B 290 30.92 38.20 7.04
N PHE B 291 32.08 38.14 6.35
CA PHE B 291 32.22 38.79 5.06
C PHE B 291 31.41 38.10 3.98
N ILE B 292 31.31 36.77 4.04
CA ILE B 292 30.49 36.07 3.06
C ILE B 292 29.01 36.29 3.34
N LEU B 293 28.63 36.33 4.61
CA LEU B 293 27.26 36.64 4.96
C LEU B 293 26.89 38.09 4.68
N PHE B 294 27.89 38.96 4.51
CA PHE B 294 27.64 40.34 4.14
C PHE B 294 27.49 40.52 2.63
N LEU B 295 27.90 39.53 1.84
CA LEU B 295 27.69 39.59 0.39
C LEU B 295 26.23 39.66 -0.08
N PRO B 296 25.26 38.89 0.45
CA PRO B 296 23.94 38.94 -0.19
C PRO B 296 23.17 40.23 0.02
N VAL B 297 23.36 40.92 1.14
CA VAL B 297 22.68 42.20 1.30
C VAL B 297 23.27 43.22 0.33
N VAL B 298 24.57 43.11 0.05
CA VAL B 298 25.20 43.92 -0.99
C VAL B 298 24.64 43.55 -2.36
N PHE B 299 24.43 42.26 -2.62
CA PHE B 299 23.96 41.82 -3.92
C PHE B 299 22.51 42.21 -4.16
N TYR B 300 21.70 42.19 -3.11
CA TYR B 300 20.30 42.57 -3.25
C TYR B 300 20.16 44.08 -3.39
N LEU B 301 20.79 44.84 -2.49
CA LEU B 301 20.62 46.27 -2.54
C LEU B 301 21.41 46.94 -3.65
N SER B 302 22.35 46.23 -4.27
CA SER B 302 23.03 46.77 -5.44
C SER B 302 22.10 46.81 -6.64
N SER B 303 21.45 45.68 -6.94
CA SER B 303 20.59 45.58 -8.11
C SER B 303 19.25 46.27 -7.91
N PHE B 304 18.81 46.40 -6.65
CA PHE B 304 17.57 47.09 -6.37
C PHE B 304 17.67 48.58 -6.69
N LEU B 305 18.86 49.16 -6.55
CA LEU B 305 19.03 50.57 -6.86
C LEU B 305 19.27 50.78 -8.35
N HIS B 306 20.07 49.92 -8.96
CA HIS B 306 20.30 49.98 -10.38
C HIS B 306 19.14 49.35 -11.17
N TYR C 114 -35.34 -4.27 -16.27
CA TYR C 114 -34.99 -3.71 -14.96
C TYR C 114 -34.95 -2.20 -14.99
N GLU C 115 -34.95 -1.60 -13.80
CA GLU C 115 -35.07 -0.16 -13.67
C GLU C 115 -33.71 0.51 -13.80
N SER C 116 -33.69 1.64 -14.51
CA SER C 116 -32.49 2.45 -14.63
C SER C 116 -32.34 3.32 -13.38
N LEU C 117 -31.44 4.31 -13.44
CA LEU C 117 -31.16 5.15 -12.28
C LEU C 117 -30.52 6.43 -12.79
N ASP C 118 -31.15 7.58 -12.54
CA ASP C 118 -30.57 8.82 -13.00
C ASP C 118 -29.38 9.22 -12.14
N TYR C 119 -28.45 9.92 -12.75
CA TYR C 119 -27.34 10.46 -11.98
C TYR C 119 -27.16 11.95 -12.20
N ASP C 120 -27.38 12.44 -13.42
CA ASP C 120 -27.42 13.89 -13.62
C ASP C 120 -28.67 14.47 -13.02
N ASN C 121 -28.51 15.59 -12.33
CA ASN C 121 -29.64 16.25 -11.73
C ASN C 121 -30.48 16.91 -12.81
N SER C 122 -31.75 17.15 -12.47
CA SER C 122 -32.68 17.73 -13.43
C SER C 122 -32.34 19.17 -13.77
N GLU C 123 -31.66 19.89 -12.86
CA GLU C 123 -31.24 21.29 -13.05
C GLU C 123 -32.40 22.23 -13.36
N ASN C 124 -33.61 21.86 -12.94
CA ASN C 124 -34.78 22.68 -13.13
C ASN C 124 -34.72 23.91 -12.23
N GLN C 125 -35.60 24.86 -12.50
CA GLN C 125 -35.47 26.18 -11.88
C GLN C 125 -35.78 26.17 -10.40
N LEU C 126 -36.48 25.13 -9.93
CA LEU C 126 -36.65 24.95 -8.50
C LEU C 126 -35.33 24.57 -7.84
N PHE C 127 -34.51 23.78 -8.54
CA PHE C 127 -33.18 23.48 -8.02
C PHE C 127 -32.27 24.70 -8.08
N LEU C 128 -32.49 25.60 -9.04
CA LEU C 128 -31.74 26.86 -9.04
C LEU C 128 -32.17 27.76 -7.90
N GLU C 129 -33.46 27.79 -7.60
CA GLU C 129 -33.96 28.49 -6.41
C GLU C 129 -33.38 27.90 -5.13
N GLU C 130 -33.19 26.57 -5.11
CA GLU C 130 -32.62 25.94 -3.93
C GLU C 130 -31.14 26.23 -3.82
N GLU C 131 -30.44 26.32 -4.96
CA GLU C 131 -29.05 26.78 -4.99
C GLU C 131 -28.93 28.19 -4.43
N ARG C 132 -29.86 29.07 -4.80
CA ARG C 132 -29.82 30.43 -4.29
C ARG C 132 -30.18 30.51 -2.81
N ARG C 133 -31.07 29.62 -2.34
CA ARG C 133 -31.46 29.66 -0.93
C ARG C 133 -30.34 29.14 -0.04
N ILE C 134 -29.71 28.02 -0.43
CA ILE C 134 -28.61 27.50 0.37
C ILE C 134 -27.39 28.40 0.25
N ASN C 135 -27.23 29.08 -0.88
CA ASN C 135 -26.13 30.03 -1.03
C ASN C 135 -26.47 31.42 -0.50
N HIS C 136 -26.93 31.48 0.75
CA HIS C 136 -26.96 32.72 1.51
C HIS C 136 -25.90 32.63 2.60
N THR C 141 -21.81 24.52 3.52
CA THR C 141 -22.32 24.06 4.80
C THR C 141 -23.09 22.75 4.62
N VAL C 142 -23.22 22.32 3.37
CA VAL C 142 -23.82 21.03 3.05
C VAL C 142 -22.75 19.99 2.76
N GLU C 143 -21.56 20.40 2.32
CA GLU C 143 -20.47 19.46 2.10
C GLU C 143 -19.96 18.89 3.42
N ILE C 144 -20.08 19.68 4.50
CA ILE C 144 -19.70 19.24 5.84
C ILE C 144 -20.60 18.12 6.32
N LYS C 145 -21.84 18.04 5.83
CA LYS C 145 -22.70 16.92 6.15
C LYS C 145 -22.21 15.63 5.50
N ARG C 146 -21.64 15.72 4.29
CA ARG C 146 -21.23 14.52 3.58
C ARG C 146 -20.07 13.84 4.26
N TRP C 147 -19.18 14.61 4.89
CA TRP C 147 -18.05 14.02 5.60
C TRP C 147 -18.50 13.22 6.80
N VAL C 148 -19.44 13.75 7.59
CA VAL C 148 -19.85 12.99 8.76
C VAL C 148 -20.75 11.82 8.38
N ILE C 149 -21.47 11.92 7.26
CA ILE C 149 -22.22 10.77 6.78
C ILE C 149 -21.29 9.65 6.32
N CYS C 150 -20.24 10.00 5.58
CA CYS C 150 -19.26 9.00 5.15
C CYS C 150 -18.51 8.41 6.33
N ALA C 151 -18.24 9.22 7.35
CA ALA C 151 -17.62 8.71 8.57
C ALA C 151 -18.53 7.72 9.28
N LEU C 152 -19.83 8.00 9.32
CA LEU C 152 -20.76 7.07 9.95
C LEU C 152 -20.89 5.78 9.15
N ILE C 153 -20.86 5.89 7.81
CA ILE C 153 -20.87 4.69 6.96
C ILE C 153 -19.67 3.82 7.27
N GLY C 154 -18.50 4.45 7.42
CA GLY C 154 -17.30 3.70 7.75
C GLY C 154 -17.37 3.05 9.12
N ILE C 155 -17.84 3.79 10.12
CA ILE C 155 -17.92 3.26 11.49
C ILE C 155 -18.90 2.09 11.55
N LEU C 156 -20.04 2.22 10.88
CA LEU C 156 -21.04 1.17 10.95
C LEU C 156 -20.62 -0.08 10.18
N THR C 157 -19.92 0.10 9.05
CA THR C 157 -19.44 -1.08 8.33
C THR C 157 -18.35 -1.79 9.13
N GLY C 158 -17.50 -1.03 9.82
CA GLY C 158 -16.51 -1.65 10.67
C GLY C 158 -17.13 -2.41 11.83
N LEU C 159 -18.20 -1.85 12.40
CA LEU C 159 -18.85 -2.54 13.51
C LEU C 159 -19.60 -3.78 13.06
N VAL C 160 -20.15 -3.77 11.84
CA VAL C 160 -20.80 -4.96 11.31
C VAL C 160 -19.78 -6.05 11.03
N ALA C 161 -18.63 -5.70 10.45
CA ALA C 161 -17.56 -6.66 10.22
C ALA C 161 -17.06 -7.26 11.53
N CYS C 162 -16.92 -6.41 12.56
CA CYS C 162 -16.46 -6.93 13.84
C CYS C 162 -17.51 -7.81 14.50
N PHE C 163 -18.78 -7.46 14.36
CA PHE C 163 -19.85 -8.29 14.91
C PHE C 163 -19.90 -9.65 14.24
N ILE C 164 -19.72 -9.69 12.91
CA ILE C 164 -19.66 -10.95 12.20
C ILE C 164 -18.47 -11.78 12.66
N ASP C 165 -17.31 -11.15 12.85
CA ASP C 165 -16.13 -11.88 13.31
C ASP C 165 -16.34 -12.46 14.71
N ILE C 166 -16.96 -11.68 15.59
CA ILE C 166 -17.22 -12.12 16.96
C ILE C 166 -18.15 -13.31 16.98
N VAL C 167 -19.29 -13.22 16.29
CA VAL C 167 -20.27 -14.28 16.43
C VAL C 167 -19.88 -15.51 15.63
N VAL C 168 -19.17 -15.34 14.50
CA VAL C 168 -18.70 -16.51 13.76
C VAL C 168 -17.58 -17.22 14.50
N GLU C 169 -16.71 -16.48 15.21
CA GLU C 169 -15.72 -17.16 16.04
C GLU C 169 -16.37 -17.89 17.20
N ASN C 170 -17.41 -17.30 17.80
CA ASN C 170 -17.99 -17.90 18.99
C ASN C 170 -18.83 -19.12 18.67
N LEU C 171 -19.65 -19.06 17.61
CA LEU C 171 -20.51 -20.20 17.31
C LEU C 171 -19.72 -21.38 16.76
N ALA C 172 -18.78 -21.10 15.85
CA ALA C 172 -17.95 -22.19 15.34
C ALA C 172 -17.00 -22.70 16.41
N GLY C 173 -16.61 -21.83 17.35
CA GLY C 173 -15.85 -22.30 18.49
C GLY C 173 -16.67 -23.19 19.40
N LEU C 174 -17.96 -22.88 19.53
CA LEU C 174 -18.85 -23.73 20.31
C LEU C 174 -19.21 -24.99 19.55
N LYS C 175 -19.14 -24.95 18.21
CA LYS C 175 -19.60 -26.08 17.44
C LYS C 175 -18.59 -27.22 17.46
N TYR C 176 -17.31 -26.92 17.32
CA TYR C 176 -16.33 -27.99 17.23
C TYR C 176 -15.99 -28.60 18.57
N ARG C 177 -16.24 -27.91 19.67
CA ARG C 177 -15.99 -28.52 20.98
C ARG C 177 -17.00 -29.62 21.28
N VAL C 178 -18.15 -29.61 20.61
CA VAL C 178 -19.01 -30.78 20.63
C VAL C 178 -18.38 -31.91 19.84
N ILE C 179 -17.90 -31.61 18.63
CA ILE C 179 -17.53 -32.63 17.67
C ILE C 179 -16.19 -33.25 18.02
N LYS C 180 -15.24 -32.44 18.47
CA LYS C 180 -13.98 -32.98 18.98
C LYS C 180 -14.22 -33.81 20.23
N GLY C 181 -15.08 -33.32 21.11
CA GLY C 181 -15.42 -34.01 22.34
C GLY C 181 -16.24 -35.27 22.19
N ASN C 182 -16.60 -35.66 20.98
CA ASN C 182 -17.26 -36.94 20.75
C ASN C 182 -16.51 -37.84 19.81
N ILE C 183 -15.77 -37.28 18.84
CA ILE C 183 -14.81 -38.07 18.10
C ILE C 183 -13.76 -38.63 19.04
N ASP C 184 -13.31 -37.82 19.99
CA ASP C 184 -12.39 -38.33 21.02
C ASP C 184 -13.10 -39.23 22.03
N LYS C 185 -14.43 -39.24 22.06
CA LYS C 185 -15.10 -40.12 23.00
C LYS C 185 -15.23 -41.53 22.46
N PHE C 186 -15.51 -41.67 21.16
CA PHE C 186 -15.74 -43.00 20.60
C PHE C 186 -14.47 -43.69 20.15
N THR C 187 -13.36 -42.97 19.99
CA THR C 187 -12.16 -43.52 19.36
C THR C 187 -11.40 -44.53 20.21
N GLU C 188 -11.85 -44.81 21.43
CA GLU C 188 -11.27 -45.86 22.24
C GLU C 188 -12.26 -46.98 22.51
N LYS C 189 -13.50 -46.85 22.04
CA LYS C 189 -14.49 -47.92 22.12
C LYS C 189 -14.98 -48.36 20.75
N GLY C 190 -15.43 -47.42 19.93
CA GLY C 190 -15.98 -47.75 18.63
C GLY C 190 -17.32 -47.10 18.39
N GLY C 191 -17.74 -47.03 17.12
CA GLY C 191 -19.01 -46.44 16.78
C GLY C 191 -18.93 -44.97 16.42
N LEU C 192 -18.06 -44.62 15.48
CA LEU C 192 -17.95 -43.24 15.03
C LEU C 192 -19.11 -42.81 14.14
N SER C 193 -19.96 -43.74 13.71
CA SER C 193 -21.07 -43.37 12.84
C SER C 193 -22.07 -42.48 13.56
N PHE C 194 -22.18 -42.63 14.86
CA PHE C 194 -22.99 -41.70 15.63
C PHE C 194 -22.34 -40.32 15.69
N SER C 195 -21.00 -40.27 15.72
CA SER C 195 -20.31 -38.98 15.67
C SER C 195 -20.43 -38.33 14.30
N LEU C 196 -20.34 -39.14 13.24
CA LEU C 196 -20.52 -38.62 11.89
C LEU C 196 -21.95 -38.13 11.67
N LEU C 197 -22.94 -38.86 12.20
CA LEU C 197 -24.32 -38.39 12.08
C LEU C 197 -24.56 -37.16 12.93
N LEU C 198 -23.86 -37.03 14.06
CA LEU C 198 -23.94 -35.80 14.83
C LEU C 198 -23.35 -34.62 14.07
N TRP C 199 -22.24 -34.84 13.38
CA TRP C 199 -21.57 -33.75 12.70
C TRP C 199 -22.32 -33.34 11.44
N ALA C 200 -22.86 -34.32 10.73
CA ALA C 200 -23.74 -34.01 9.61
C ALA C 200 -25.04 -33.36 10.07
N THR C 201 -25.55 -33.74 11.24
CA THR C 201 -26.78 -33.14 11.74
C THR C 201 -26.56 -31.70 12.17
N LEU C 202 -25.40 -31.41 12.76
CA LEU C 202 -25.11 -30.03 13.15
C LEU C 202 -24.90 -29.15 11.93
N ASN C 203 -24.19 -29.66 10.92
CA ASN C 203 -24.00 -28.86 9.71
C ASN C 203 -25.31 -28.66 8.96
N ALA C 204 -26.11 -29.72 8.80
CA ALA C 204 -27.39 -29.58 8.12
C ALA C 204 -28.36 -28.73 8.90
N ALA C 205 -28.26 -28.72 10.24
CA ALA C 205 -29.16 -27.92 11.06
C ALA C 205 -28.84 -26.44 10.92
N PHE C 206 -27.55 -26.08 11.07
CA PHE C 206 -27.20 -24.67 10.91
C PHE C 206 -27.44 -24.17 9.49
N VAL C 207 -27.21 -25.01 8.48
CA VAL C 207 -27.45 -24.55 7.11
C VAL C 207 -28.95 -24.48 6.81
N LEU C 208 -29.75 -25.37 7.41
CA LEU C 208 -31.21 -25.29 7.28
C LEU C 208 -31.75 -24.01 7.89
N VAL C 209 -31.27 -23.67 9.10
CA VAL C 209 -31.72 -22.46 9.76
C VAL C 209 -31.27 -21.22 8.99
N GLY C 210 -30.03 -21.25 8.50
CA GLY C 210 -29.54 -20.10 7.77
C GLY C 210 -29.93 -20.02 6.32
N SER C 211 -30.61 -21.03 5.78
CA SER C 211 -31.02 -20.99 4.40
C SER C 211 -32.53 -20.96 4.21
N VAL C 212 -33.31 -21.35 5.21
CA VAL C 212 -34.76 -21.25 5.07
C VAL C 212 -35.20 -19.79 5.10
N ILE C 213 -34.38 -18.91 5.68
CA ILE C 213 -34.66 -17.48 5.66
C ILE C 213 -34.24 -16.82 4.36
N VAL C 214 -33.58 -17.55 3.46
CA VAL C 214 -33.05 -16.97 2.25
C VAL C 214 -33.89 -17.34 1.03
N ALA C 215 -34.42 -18.56 0.99
CA ALA C 215 -35.20 -18.98 -0.16
C ALA C 215 -36.65 -18.52 -0.07
N PHE C 216 -37.21 -18.49 1.15
CA PHE C 216 -38.61 -18.14 1.31
C PHE C 216 -38.83 -16.65 1.57
N ILE C 217 -38.01 -16.03 2.42
CA ILE C 217 -38.27 -14.65 2.81
C ILE C 217 -37.92 -13.70 1.67
N GLU C 218 -36.67 -13.69 1.25
CA GLU C 218 -36.32 -12.84 0.13
C GLU C 218 -35.21 -13.47 -0.69
N PRO C 219 -35.44 -13.77 -1.96
CA PRO C 219 -34.48 -14.56 -2.73
C PRO C 219 -33.35 -13.75 -3.35
N VAL C 220 -33.12 -12.53 -2.87
CA VAL C 220 -32.15 -11.64 -3.48
C VAL C 220 -30.87 -11.53 -2.66
N ALA C 221 -30.86 -12.01 -1.42
CA ALA C 221 -29.64 -12.02 -0.64
C ALA C 221 -28.78 -13.24 -0.91
N ALA C 222 -29.06 -13.99 -1.97
CA ALA C 222 -28.32 -15.22 -2.25
C ALA C 222 -26.94 -14.89 -2.79
N GLY C 223 -25.93 -15.56 -2.25
CA GLY C 223 -24.58 -15.33 -2.67
C GLY C 223 -24.04 -14.01 -2.17
N SER C 224 -22.87 -13.67 -2.69
CA SER C 224 -22.24 -12.40 -2.36
C SER C 224 -23.02 -11.25 -2.98
N GLY C 225 -22.83 -10.06 -2.41
CA GLY C 225 -23.55 -8.92 -2.94
C GLY C 225 -23.01 -8.38 -4.24
N ILE C 226 -21.75 -8.66 -4.54
CA ILE C 226 -20.98 -8.13 -5.67
C ILE C 226 -21.67 -8.20 -7.02
N PRO C 227 -22.39 -9.26 -7.42
CA PRO C 227 -23.13 -9.17 -8.69
C PRO C 227 -24.30 -8.21 -8.65
N GLN C 228 -24.84 -7.89 -7.47
CA GLN C 228 -25.85 -6.85 -7.40
C GLN C 228 -25.26 -5.47 -7.20
N ILE C 229 -24.14 -5.37 -6.49
CA ILE C 229 -23.54 -4.08 -6.22
C ILE C 229 -22.88 -3.51 -7.47
N LYS C 230 -22.28 -4.39 -8.29
CA LYS C 230 -21.72 -3.95 -9.57
C LYS C 230 -22.81 -3.38 -10.48
N CYS C 231 -23.94 -4.07 -10.57
CA CYS C 231 -25.03 -3.58 -11.39
C CYS C 231 -25.71 -2.37 -10.78
N PHE C 232 -25.61 -2.19 -9.46
CA PHE C 232 -26.21 -0.99 -8.89
C PHE C 232 -25.32 0.22 -9.09
N LEU C 233 -24.01 0.07 -8.88
CA LEU C 233 -23.08 1.14 -9.21
C LEU C 233 -23.08 1.43 -10.69
N ASN C 234 -23.36 0.44 -11.51
CA ASN C 234 -23.49 0.70 -12.93
C ASN C 234 -24.86 1.27 -13.27
N GLY C 235 -25.79 1.28 -12.32
CA GLY C 235 -27.04 2.02 -12.47
C GLY C 235 -28.27 1.17 -12.65
N VAL C 236 -28.19 -0.14 -12.56
CA VAL C 236 -29.37 -0.98 -12.65
C VAL C 236 -29.91 -1.14 -11.24
N LYS C 237 -31.16 -0.71 -11.04
CA LYS C 237 -31.84 -0.94 -9.77
C LYS C 237 -32.41 -2.35 -9.79
N ILE C 238 -31.61 -3.31 -9.37
CA ILE C 238 -32.13 -4.65 -9.04
C ILE C 238 -33.16 -4.50 -7.94
N PRO C 239 -34.37 -5.05 -8.08
CA PRO C 239 -35.54 -4.53 -7.34
C PRO C 239 -35.48 -4.69 -5.83
N HIS C 240 -34.52 -5.43 -5.28
CA HIS C 240 -34.28 -5.38 -3.84
C HIS C 240 -32.77 -5.42 -3.64
N VAL C 241 -32.15 -4.25 -3.52
CA VAL C 241 -30.75 -4.17 -3.13
C VAL C 241 -30.58 -3.46 -1.79
N VAL C 242 -31.30 -2.37 -1.57
CA VAL C 242 -31.14 -1.57 -0.37
C VAL C 242 -32.41 -1.74 0.44
N ARG C 243 -32.35 -2.61 1.44
CA ARG C 243 -33.51 -2.88 2.24
C ARG C 243 -33.03 -3.42 3.58
N LEU C 244 -33.63 -2.93 4.65
CA LEU C 244 -33.22 -3.33 6.00
C LEU C 244 -33.46 -4.82 6.22
N LYS C 245 -34.52 -5.35 5.63
CA LYS C 245 -34.77 -6.78 5.70
C LYS C 245 -33.70 -7.56 4.94
N THR C 246 -33.35 -7.07 3.74
CA THR C 246 -32.29 -7.70 2.93
C THR C 246 -30.94 -7.62 3.62
N LEU C 247 -30.72 -6.59 4.43
CA LEU C 247 -29.52 -6.54 5.26
C LEU C 247 -29.52 -7.65 6.30
N VAL C 248 -30.54 -7.67 7.16
CA VAL C 248 -30.51 -8.54 8.33
C VAL C 248 -30.73 -9.99 7.96
N ILE C 249 -31.26 -10.27 6.75
CA ILE C 249 -31.14 -11.61 6.20
C ILE C 249 -29.67 -11.93 5.97
N LYS C 250 -28.96 -11.04 5.29
CA LYS C 250 -27.61 -11.36 4.86
C LYS C 250 -26.62 -11.29 6.01
N VAL C 251 -26.82 -10.40 6.98
CA VAL C 251 -25.91 -10.37 8.13
C VAL C 251 -26.06 -11.63 8.97
N SER C 252 -27.29 -12.05 9.22
CA SER C 252 -27.55 -13.28 9.95
C SER C 252 -27.49 -14.52 9.08
N GLY C 253 -27.32 -14.38 7.77
CA GLY C 253 -27.20 -15.53 6.92
C GLY C 253 -25.79 -16.05 6.89
N VAL C 254 -24.83 -15.12 6.82
CA VAL C 254 -23.43 -15.50 6.76
C VAL C 254 -22.98 -16.11 8.07
N ILE C 255 -23.50 -15.58 9.18
CA ILE C 255 -23.22 -16.15 10.49
C ILE C 255 -23.75 -17.57 10.59
N LEU C 256 -24.97 -17.79 10.09
CA LEU C 256 -25.55 -19.12 10.16
C LEU C 256 -25.13 -20.00 9.00
N SER C 257 -24.23 -19.54 8.14
CA SER C 257 -23.77 -20.34 7.02
C SER C 257 -22.31 -20.72 7.09
N VAL C 258 -21.44 -19.81 7.56
CA VAL C 258 -20.04 -20.17 7.79
C VAL C 258 -19.94 -21.16 8.96
N VAL C 259 -20.77 -20.96 9.99
CA VAL C 259 -20.86 -21.91 11.08
C VAL C 259 -21.53 -23.19 10.61
N GLY C 260 -22.34 -23.13 9.55
CA GLY C 260 -22.91 -24.33 9.00
C GLY C 260 -21.94 -25.27 8.32
N GLY C 261 -20.69 -24.87 8.13
CA GLY C 261 -19.73 -25.76 7.55
C GLY C 261 -19.79 -25.87 6.04
N LEU C 262 -20.50 -24.99 5.38
CA LEU C 262 -20.36 -24.86 3.94
C LEU C 262 -18.96 -24.35 3.63
N ALA C 263 -18.39 -24.83 2.52
CA ALA C 263 -17.02 -24.44 2.14
C ALA C 263 -17.04 -23.06 1.49
N VAL C 264 -17.31 -22.04 2.32
CA VAL C 264 -17.44 -20.67 1.87
C VAL C 264 -16.61 -19.76 2.77
N GLY C 265 -16.53 -18.51 2.38
CA GLY C 265 -15.78 -17.52 3.14
C GLY C 265 -16.59 -16.27 3.35
N LYS C 266 -16.51 -15.73 4.56
CA LYS C 266 -17.38 -14.63 4.96
C LYS C 266 -16.92 -13.27 4.48
N GLU C 267 -15.71 -13.15 3.93
CA GLU C 267 -15.21 -11.85 3.50
C GLU C 267 -15.88 -11.34 2.25
N GLY C 268 -16.49 -12.22 1.47
CA GLY C 268 -17.25 -11.84 0.30
C GLY C 268 -18.38 -10.86 0.56
N PRO C 269 -19.43 -11.30 1.27
CA PRO C 269 -20.62 -10.45 1.45
C PRO C 269 -20.50 -9.37 2.52
N MET C 270 -19.41 -8.61 2.48
CA MET C 270 -19.34 -7.38 3.24
C MET C 270 -19.60 -6.16 2.39
N ILE C 271 -19.48 -6.31 1.07
CA ILE C 271 -19.69 -5.21 0.17
C ILE C 271 -21.17 -4.84 0.12
N HIS C 272 -22.04 -5.84 0.13
CA HIS C 272 -23.47 -5.54 0.16
C HIS C 272 -23.88 -4.96 1.50
N SER C 273 -23.27 -5.39 2.59
CA SER C 273 -23.58 -4.81 3.89
C SER C 273 -23.16 -3.35 3.93
N GLY C 274 -21.98 -3.04 3.38
CA GLY C 274 -21.54 -1.66 3.30
C GLY C 274 -22.45 -0.80 2.44
N SER C 275 -22.91 -1.34 1.32
CA SER C 275 -23.78 -0.56 0.44
C SER C 275 -25.16 -0.34 1.05
N VAL C 276 -25.70 -1.35 1.72
CA VAL C 276 -27.02 -1.23 2.33
C VAL C 276 -26.99 -0.22 3.47
N ILE C 277 -25.98 -0.32 4.34
CA ILE C 277 -25.86 0.63 5.44
C ILE C 277 -25.59 2.03 4.94
N ALA C 278 -24.84 2.16 3.85
CA ALA C 278 -24.55 3.46 3.28
C ALA C 278 -25.79 4.13 2.71
N ALA C 279 -26.56 3.41 1.91
CA ALA C 279 -27.77 4.02 1.37
C ALA C 279 -28.87 4.14 2.41
N GLY C 280 -28.79 3.39 3.50
CA GLY C 280 -29.79 3.52 4.55
C GLY C 280 -29.58 4.74 5.40
N ILE C 281 -28.38 4.92 5.95
CA ILE C 281 -28.19 6.02 6.87
C ILE C 281 -27.95 7.35 6.17
N SER C 282 -27.72 7.34 4.86
CA SER C 282 -27.65 8.61 4.12
C SER C 282 -29.00 9.30 4.13
N GLN C 283 -30.05 8.60 3.72
CA GLN C 283 -31.40 9.10 3.93
C GLN C 283 -31.70 9.17 5.42
N GLY C 284 -32.37 10.25 5.83
CA GLY C 284 -32.89 10.31 7.17
C GLY C 284 -34.32 9.83 7.19
N ARG C 285 -34.56 8.58 6.80
CA ARG C 285 -35.90 8.03 6.72
C ARG C 285 -35.81 6.51 6.61
N SER C 286 -36.61 5.81 7.40
CA SER C 286 -36.69 4.36 7.35
C SER C 286 -38.04 3.99 6.73
N THR C 287 -38.02 3.53 5.48
CA THR C 287 -39.24 3.06 4.85
C THR C 287 -39.63 1.66 5.32
N SER C 288 -38.69 0.93 5.94
CA SER C 288 -39.03 -0.36 6.51
C SER C 288 -39.69 -0.23 7.88
N LEU C 289 -39.54 0.91 8.53
CA LEU C 289 -40.22 1.19 9.79
C LEU C 289 -41.35 2.19 9.63
N LYS C 290 -41.46 2.82 8.46
CA LYS C 290 -42.51 3.80 8.11
C LYS C 290 -42.48 5.01 9.05
N ARG C 291 -41.28 5.41 9.45
CA ARG C 291 -41.10 6.63 10.21
C ARG C 291 -40.11 7.51 9.47
N ASP C 292 -40.00 8.75 9.91
CA ASP C 292 -39.26 9.77 9.17
C ASP C 292 -38.27 10.45 10.09
N PHE C 293 -37.47 11.35 9.50
CA PHE C 293 -36.68 12.31 10.23
C PHE C 293 -36.62 13.58 9.40
N LYS C 294 -36.46 14.71 10.07
CA LYS C 294 -36.20 15.98 9.40
C LYS C 294 -34.70 16.33 9.47
N ILE C 295 -33.87 15.48 8.86
CA ILE C 295 -32.43 15.65 9.04
C ILE C 295 -31.73 15.91 7.71
N PHE C 296 -31.84 14.96 6.79
CA PHE C 296 -31.04 14.97 5.57
C PHE C 296 -31.91 15.10 4.33
N GLU C 297 -32.79 16.10 4.31
CA GLU C 297 -33.71 16.30 3.19
C GLU C 297 -33.00 16.58 1.87
N TYR C 298 -31.77 17.10 1.91
CA TYR C 298 -31.06 17.42 0.68
C TYR C 298 -30.58 16.16 -0.04
N PHE C 299 -30.49 15.03 0.66
CA PHE C 299 -29.80 13.84 0.16
C PHE C 299 -30.72 12.73 -0.28
N ARG C 300 -31.99 13.03 -0.55
CA ARG C 300 -32.88 12.04 -1.15
C ARG C 300 -32.97 12.22 -2.65
N ARG C 301 -31.86 12.28 -3.38
CA ARG C 301 -31.93 12.76 -4.75
C ARG C 301 -31.20 11.93 -5.79
N ASP C 302 -30.47 10.87 -5.37
CA ASP C 302 -30.01 9.77 -6.22
C ASP C 302 -28.89 10.16 -7.18
N THR C 303 -28.59 11.45 -7.30
CA THR C 303 -27.22 11.83 -7.63
C THR C 303 -26.31 11.52 -6.46
N GLU C 304 -26.78 11.85 -5.25
CA GLU C 304 -26.02 11.61 -4.04
C GLU C 304 -26.07 10.14 -3.62
N LYS C 305 -27.25 9.51 -3.74
CA LYS C 305 -27.46 8.16 -3.23
C LYS C 305 -26.63 7.13 -3.99
N ARG C 306 -26.39 7.35 -5.28
CA ARG C 306 -25.48 6.48 -6.02
C ARG C 306 -24.04 6.63 -5.52
N ASP C 307 -23.66 7.82 -5.09
CA ASP C 307 -22.30 8.03 -4.63
C ASP C 307 -22.07 7.59 -3.20
N PHE C 308 -23.13 7.50 -2.37
CA PHE C 308 -22.91 6.97 -1.04
C PHE C 308 -22.77 5.46 -1.04
N VAL C 309 -23.42 4.78 -1.98
CA VAL C 309 -23.24 3.34 -2.16
C VAL C 309 -21.81 3.02 -2.56
N SER C 310 -21.18 3.91 -3.31
CA SER C 310 -19.76 3.78 -3.64
C SER C 310 -18.90 3.79 -2.38
N ALA C 311 -19.19 4.71 -1.47
CA ALA C 311 -18.44 4.79 -0.22
C ALA C 311 -18.68 3.57 0.66
N GLY C 312 -19.91 3.08 0.67
CA GLY C 312 -20.21 1.90 1.48
C GLY C 312 -19.57 0.64 0.94
N ALA C 313 -19.54 0.49 -0.39
CA ALA C 313 -18.88 -0.67 -0.98
C ALA C 313 -17.37 -0.60 -0.79
N ALA C 314 -16.79 0.60 -0.92
CA ALA C 314 -15.36 0.76 -0.69
C ALA C 314 -14.99 0.48 0.76
N ALA C 315 -15.81 0.94 1.70
CA ALA C 315 -15.55 0.66 3.10
C ALA C 315 -15.77 -0.80 3.43
N GLY C 316 -16.71 -1.45 2.73
CA GLY C 316 -16.89 -2.88 2.92
C GLY C 316 -15.69 -3.67 2.44
N VAL C 317 -15.07 -3.23 1.34
CA VAL C 317 -13.85 -3.88 0.86
C VAL C 317 -12.70 -3.67 1.85
N SER C 318 -12.53 -2.43 2.33
CA SER C 318 -11.42 -2.15 3.22
C SER C 318 -11.61 -2.79 4.59
N ALA C 319 -12.84 -2.98 5.02
CA ALA C 319 -13.07 -3.77 6.21
C ALA C 319 -13.01 -5.25 5.94
N ALA C 320 -13.14 -5.67 4.69
CA ALA C 320 -13.04 -7.07 4.39
C ALA C 320 -11.59 -7.51 4.39
N PHE C 321 -10.79 -6.96 3.50
CA PHE C 321 -9.45 -7.45 3.26
C PHE C 321 -8.36 -6.57 3.85
N GLY C 322 -8.73 -5.45 4.47
CA GLY C 322 -7.73 -4.63 5.12
C GLY C 322 -6.89 -3.80 4.18
N ALA C 323 -7.32 -3.60 2.95
CA ALA C 323 -6.57 -2.84 1.95
C ALA C 323 -7.38 -1.63 1.52
N PRO C 324 -7.18 -0.48 2.15
CA PRO C 324 -8.09 0.65 1.95
C PRO C 324 -7.95 1.40 0.64
N VAL C 325 -6.92 1.13 -0.16
CA VAL C 325 -6.95 1.65 -1.52
C VAL C 325 -7.69 0.66 -2.41
N GLY C 326 -7.68 -0.62 -2.03
CA GLY C 326 -8.46 -1.61 -2.76
C GLY C 326 -9.94 -1.35 -2.71
N GLY C 327 -10.41 -0.72 -1.64
CA GLY C 327 -11.75 -0.19 -1.65
C GLY C 327 -11.92 0.95 -2.64
N VAL C 328 -10.94 1.86 -2.68
CA VAL C 328 -11.08 3.04 -3.54
C VAL C 328 -10.97 2.62 -5.00
N LEU C 329 -9.93 1.89 -5.36
CA LEU C 329 -9.85 1.39 -6.72
C LEU C 329 -10.71 0.15 -6.95
N PHE C 330 -11.56 -0.26 -6.00
CA PHE C 330 -12.70 -1.08 -6.38
C PHE C 330 -13.86 -0.19 -6.82
N SER C 331 -14.28 0.71 -5.94
CA SER C 331 -15.47 1.50 -6.22
C SER C 331 -15.25 2.58 -7.26
N LEU C 332 -14.03 2.78 -7.73
CA LEU C 332 -13.80 3.62 -8.90
C LEU C 332 -13.88 2.84 -10.20
N GLU C 333 -13.61 1.53 -10.17
CA GLU C 333 -13.72 0.72 -11.38
C GLU C 333 -15.16 0.66 -11.87
N GLU C 334 -16.05 0.17 -11.04
CA GLU C 334 -17.46 0.32 -11.36
C GLU C 334 -17.91 1.74 -10.98
N GLY C 335 -18.92 2.21 -11.69
CA GLY C 335 -19.23 3.62 -11.63
C GLY C 335 -18.12 4.38 -12.32
N ALA C 336 -17.88 4.04 -13.58
CA ALA C 336 -16.74 4.56 -14.34
C ALA C 336 -17.08 5.96 -14.87
N SER C 337 -17.17 6.91 -13.96
CA SER C 337 -17.59 8.25 -14.32
C SER C 337 -16.40 9.19 -14.30
N PHE C 338 -16.70 10.47 -14.53
CA PHE C 338 -15.71 11.54 -14.52
C PHE C 338 -15.07 11.66 -13.16
N TRP C 339 -13.85 12.20 -13.12
CA TRP C 339 -13.07 12.20 -11.89
C TRP C 339 -13.64 13.24 -10.92
N ASN C 340 -14.69 12.82 -10.22
CA ASN C 340 -15.29 13.65 -9.17
C ASN C 340 -14.34 13.61 -7.99
N GLN C 341 -13.56 14.68 -7.83
CA GLN C 341 -12.38 14.63 -6.98
C GLN C 341 -12.72 14.57 -5.49
N PHE C 342 -13.53 15.50 -5.00
CA PHE C 342 -13.76 15.51 -3.57
C PHE C 342 -14.68 14.38 -3.14
N LEU C 343 -15.47 13.83 -4.07
CA LEU C 343 -16.11 12.55 -3.84
C LEU C 343 -15.09 11.46 -3.56
N THR C 344 -14.06 11.36 -4.41
CA THR C 344 -13.03 10.34 -4.25
C THR C 344 -12.30 10.49 -2.93
N TRP C 345 -12.07 11.73 -2.52
CA TRP C 345 -11.38 11.96 -1.27
C TRP C 345 -12.28 11.63 -0.08
N ARG C 346 -13.60 11.84 -0.19
CA ARG C 346 -14.50 11.38 0.86
C ARG C 346 -14.63 9.86 0.88
N ILE C 347 -14.49 9.21 -0.27
CA ILE C 347 -14.52 7.75 -0.31
C ILE C 347 -13.31 7.17 0.42
N PHE C 348 -12.13 7.74 0.16
CA PHE C 348 -10.93 7.28 0.86
C PHE C 348 -11.01 7.57 2.36
N PHE C 349 -11.67 8.68 2.72
CA PHE C 349 -11.93 9.01 4.12
C PHE C 349 -12.78 7.93 4.80
N ALA C 350 -13.88 7.54 4.16
CA ALA C 350 -14.74 6.51 4.72
C ALA C 350 -14.05 5.17 4.80
N SER C 351 -13.19 4.88 3.81
CA SER C 351 -12.43 3.63 3.78
C SER C 351 -11.48 3.52 4.97
N MET C 352 -10.73 4.59 5.23
CA MET C 352 -9.76 4.56 6.33
C MET C 352 -10.46 4.49 7.67
N ILE C 353 -11.58 5.21 7.82
CA ILE C 353 -12.30 5.15 9.09
C ILE C 353 -12.86 3.76 9.35
N SER C 354 -13.34 3.09 8.30
CA SER C 354 -13.88 1.74 8.46
C SER C 354 -12.81 0.75 8.89
N THR C 355 -11.63 0.80 8.24
CA THR C 355 -10.60 -0.16 8.66
C THR C 355 -10.04 0.16 10.04
N PHE C 356 -10.02 1.44 10.43
CA PHE C 356 -9.53 1.74 11.78
C PHE C 356 -10.53 1.30 12.83
N THR C 357 -11.83 1.45 12.56
CA THR C 357 -12.85 1.04 13.52
C THR C 357 -12.83 -0.47 13.72
N LEU C 358 -12.70 -1.22 12.63
CA LEU C 358 -12.59 -2.67 12.74
C LEU C 358 -11.36 -3.09 13.53
N ASN C 359 -10.22 -2.48 13.22
CA ASN C 359 -8.97 -2.85 13.88
C ASN C 359 -9.02 -2.50 15.37
N PHE C 360 -9.61 -1.36 15.71
CA PHE C 360 -9.69 -0.92 17.09
C PHE C 360 -10.59 -1.82 17.91
N VAL C 361 -11.76 -2.19 17.38
CA VAL C 361 -12.67 -2.97 18.20
C VAL C 361 -12.19 -4.42 18.31
N LEU C 362 -11.56 -4.98 17.26
CA LEU C 362 -10.98 -6.30 17.40
C LEU C 362 -9.78 -6.31 18.34
N SER C 363 -9.02 -5.22 18.40
CA SER C 363 -7.89 -5.21 19.32
C SER C 363 -8.27 -4.85 20.75
N ILE C 364 -9.46 -4.27 20.98
CA ILE C 364 -9.92 -4.17 22.37
C ILE C 364 -10.70 -5.41 22.78
N TYR C 365 -11.18 -6.21 21.83
CA TYR C 365 -11.83 -7.45 22.21
C TYR C 365 -10.82 -8.55 22.47
N HIS C 366 -9.75 -8.61 21.68
CA HIS C 366 -8.75 -9.64 21.92
C HIS C 366 -7.84 -9.35 23.10
N GLY C 367 -7.99 -8.20 23.76
CA GLY C 367 -7.00 -7.75 24.72
C GLY C 367 -5.86 -7.04 24.00
N ASN C 368 -5.02 -6.37 24.79
CA ASN C 368 -3.96 -5.48 24.30
C ASN C 368 -4.57 -4.41 23.39
N MET C 369 -5.35 -3.54 24.05
CA MET C 369 -6.05 -2.42 23.41
C MET C 369 -5.18 -1.61 22.47
N TRP C 370 -3.96 -1.27 22.88
CA TRP C 370 -3.09 -0.42 22.09
C TRP C 370 -2.12 -1.21 21.23
N ASP C 371 -2.53 -2.38 20.74
CA ASP C 371 -1.79 -3.11 19.71
C ASP C 371 -2.78 -3.41 18.58
N LEU C 372 -2.88 -2.47 17.64
CA LEU C 372 -3.83 -2.54 16.54
C LEU C 372 -3.27 -3.51 15.50
N SER C 373 -3.42 -4.81 15.77
CA SER C 373 -2.75 -5.85 15.02
C SER C 373 -3.61 -6.52 13.96
N SER C 374 -4.91 -6.25 13.93
CA SER C 374 -5.85 -6.95 13.07
C SER C 374 -6.51 -5.96 12.12
N PRO C 375 -5.89 -5.67 10.96
CA PRO C 375 -6.41 -4.62 10.08
C PRO C 375 -7.73 -4.97 9.42
N GLY C 376 -7.83 -6.17 8.87
CA GLY C 376 -9.04 -6.56 8.19
C GLY C 376 -9.60 -7.82 8.80
N LEU C 377 -10.53 -8.48 8.12
CA LEU C 377 -10.98 -9.79 8.60
C LEU C 377 -9.89 -10.83 8.41
N ILE C 378 -9.30 -10.88 7.22
CA ILE C 378 -8.18 -11.77 6.96
C ILE C 378 -6.90 -10.95 6.98
N ASN C 379 -5.85 -11.52 7.55
CA ASN C 379 -4.58 -10.82 7.79
C ASN C 379 -3.47 -11.72 7.28
N PHE C 380 -2.91 -11.40 6.11
CA PHE C 380 -1.95 -12.31 5.49
C PHE C 380 -0.59 -12.33 6.18
N GLY C 381 -0.36 -11.49 7.18
CA GLY C 381 0.94 -11.40 7.78
C GLY C 381 1.75 -10.28 7.17
N ARG C 382 3.05 -10.36 7.37
CA ARG C 382 3.97 -9.45 6.74
C ARG C 382 5.16 -10.25 6.24
N PHE C 383 5.66 -9.87 5.06
CA PHE C 383 6.58 -10.68 4.29
C PHE C 383 8.02 -10.18 4.35
N ASP C 384 8.45 -9.68 5.50
CA ASP C 384 9.82 -9.22 5.70
C ASP C 384 10.74 -10.31 6.24
N SER C 385 10.47 -11.57 5.91
CA SER C 385 11.20 -12.72 6.42
C SER C 385 12.41 -13.10 5.57
N GLU C 386 12.54 -12.51 4.37
CA GLU C 386 13.66 -12.62 3.44
C GLU C 386 13.88 -14.01 2.85
N LYS C 387 13.12 -15.01 3.30
CA LYS C 387 12.97 -16.24 2.54
C LYS C 387 11.89 -16.08 1.48
N MET C 388 11.03 -15.10 1.67
CA MET C 388 9.99 -14.73 0.72
C MET C 388 10.51 -13.82 -0.38
N ALA C 389 11.80 -13.49 -0.39
CA ALA C 389 12.33 -12.52 -1.33
C ALA C 389 12.48 -13.17 -2.71
N TYR C 390 12.06 -12.45 -3.74
CA TYR C 390 12.10 -12.96 -5.09
C TYR C 390 13.12 -12.15 -5.88
N THR C 391 13.68 -12.76 -6.91
CA THR C 391 14.53 -12.02 -7.85
C THR C 391 14.10 -12.31 -9.28
N ILE C 392 14.92 -11.86 -10.23
CA ILE C 392 14.53 -11.90 -11.63
C ILE C 392 14.60 -13.31 -12.23
N HIS C 393 15.39 -14.21 -11.66
CA HIS C 393 15.63 -15.50 -12.32
C HIS C 393 14.49 -16.48 -12.15
N GLU C 394 13.36 -16.05 -11.58
CA GLU C 394 12.17 -16.86 -11.41
C GLU C 394 10.92 -16.11 -11.81
N ILE C 395 11.07 -14.98 -12.49
CA ILE C 395 9.96 -14.22 -13.04
C ILE C 395 9.20 -14.98 -14.13
N PRO C 396 9.82 -15.66 -15.12
CA PRO C 396 8.99 -16.47 -16.02
C PRO C 396 8.45 -17.75 -15.40
N VAL C 397 8.81 -18.08 -14.16
CA VAL C 397 8.08 -19.14 -13.46
C VAL C 397 6.71 -18.63 -13.07
N PHE C 398 6.63 -17.37 -12.65
CA PHE C 398 5.37 -16.78 -12.22
C PHE C 398 4.40 -16.59 -13.36
N ILE C 399 4.88 -16.54 -14.61
CA ILE C 399 3.95 -16.51 -15.73
C ILE C 399 3.30 -17.87 -15.89
N ALA C 400 4.02 -18.94 -15.56
CA ALA C 400 3.50 -20.29 -15.71
C ALA C 400 2.43 -20.60 -14.66
N MET C 401 2.50 -19.96 -13.49
CA MET C 401 1.47 -20.17 -12.50
C MET C 401 0.18 -19.48 -12.89
N GLY C 402 0.28 -18.34 -13.57
CA GLY C 402 -0.91 -17.63 -14.02
C GLY C 402 -1.67 -18.37 -15.09
N VAL C 403 -0.98 -19.14 -15.92
CA VAL C 403 -1.64 -19.94 -16.93
C VAL C 403 -2.47 -21.03 -16.29
N VAL C 404 -1.91 -21.69 -15.27
CA VAL C 404 -2.63 -22.76 -14.58
C VAL C 404 -3.78 -22.19 -13.78
N GLY C 405 -3.60 -21.00 -13.22
CA GLY C 405 -4.70 -20.32 -12.55
C GLY C 405 -5.83 -19.96 -13.50
N GLY C 406 -5.49 -19.51 -14.70
CA GLY C 406 -6.52 -19.21 -15.69
C GLY C 406 -7.24 -20.45 -16.18
N VAL C 407 -6.50 -21.55 -16.37
CA VAL C 407 -7.12 -22.81 -16.80
C VAL C 407 -8.06 -23.34 -15.74
N LEU C 408 -7.62 -23.38 -14.49
CA LEU C 408 -8.48 -23.89 -13.42
C LEU C 408 -9.64 -22.95 -13.13
N GLY C 409 -9.47 -21.65 -13.34
CA GLY C 409 -10.60 -20.75 -13.22
C GLY C 409 -11.62 -20.94 -14.33
N ALA C 410 -11.15 -21.25 -15.54
CA ALA C 410 -12.08 -21.54 -16.62
C ALA C 410 -12.82 -22.85 -16.37
N VAL C 411 -12.13 -23.85 -15.82
CA VAL C 411 -12.78 -25.10 -15.45
C VAL C 411 -13.81 -24.87 -14.35
N PHE C 412 -13.45 -24.06 -13.35
CA PHE C 412 -14.33 -23.68 -12.26
C PHE C 412 -15.59 -23.00 -12.78
N ASN C 413 -15.42 -21.98 -13.62
CA ASN C 413 -16.56 -21.21 -14.10
C ASN C 413 -17.40 -22.00 -15.08
N ALA C 414 -16.81 -22.91 -15.84
CA ALA C 414 -17.62 -23.71 -16.76
C ALA C 414 -18.44 -24.75 -16.01
N LEU C 415 -17.83 -25.40 -15.00
CA LEU C 415 -18.58 -26.35 -14.18
C LEU C 415 -19.70 -25.68 -13.43
N ASN C 416 -19.41 -24.51 -12.84
CA ASN C 416 -20.44 -23.74 -12.15
C ASN C 416 -21.49 -23.22 -13.12
N TYR C 417 -21.10 -22.92 -14.36
CA TYR C 417 -22.05 -22.43 -15.34
C TYR C 417 -23.05 -23.51 -15.74
N TRP C 418 -22.55 -24.71 -16.05
CA TRP C 418 -23.50 -25.76 -16.42
C TRP C 418 -24.26 -26.26 -15.21
N LEU C 419 -23.69 -26.11 -14.02
CA LEU C 419 -24.42 -26.43 -12.80
C LEU C 419 -25.59 -25.47 -12.60
N THR C 420 -25.38 -24.18 -12.85
CA THR C 420 -26.46 -23.21 -12.71
C THR C 420 -27.47 -23.36 -13.82
N MET C 421 -27.03 -23.73 -15.03
CA MET C 421 -27.97 -24.06 -16.10
C MET C 421 -28.80 -25.29 -15.75
N PHE C 422 -28.25 -26.19 -14.96
CA PHE C 422 -29.03 -27.29 -14.41
C PHE C 422 -29.93 -26.82 -13.28
N ARG C 423 -29.55 -25.77 -12.57
CA ARG C 423 -30.30 -25.35 -11.39
C ARG C 423 -31.43 -24.39 -11.67
N ILE C 424 -31.32 -23.57 -12.71
CA ILE C 424 -32.38 -22.61 -12.98
C ILE C 424 -33.61 -23.31 -13.54
N ARG C 425 -33.40 -24.24 -14.47
CA ARG C 425 -34.52 -24.87 -15.15
C ARG C 425 -35.23 -25.87 -14.26
N TYR C 426 -34.53 -26.51 -13.34
CA TYR C 426 -35.09 -27.64 -12.61
C TYR C 426 -35.32 -27.39 -11.13
N ILE C 427 -34.54 -26.53 -10.50
CA ILE C 427 -34.65 -26.31 -9.06
C ILE C 427 -34.97 -24.83 -8.87
N HIS C 428 -36.26 -24.51 -8.88
CA HIS C 428 -36.73 -23.13 -8.74
C HIS C 428 -37.86 -22.99 -7.73
N ARG C 429 -38.52 -24.07 -7.36
CA ARG C 429 -39.32 -24.10 -6.15
C ARG C 429 -38.42 -23.79 -4.95
N PRO C 430 -38.89 -23.01 -3.98
CA PRO C 430 -38.04 -22.67 -2.83
C PRO C 430 -37.67 -23.83 -1.94
N CYS C 431 -38.61 -24.76 -1.69
CA CYS C 431 -38.31 -25.86 -0.78
C CYS C 431 -37.34 -26.85 -1.41
N LEU C 432 -37.35 -26.97 -2.74
CA LEU C 432 -36.33 -27.77 -3.42
C LEU C 432 -34.95 -27.18 -3.19
N GLN C 433 -34.84 -25.85 -3.23
CA GLN C 433 -33.57 -25.18 -3.00
C GLN C 433 -33.12 -25.32 -1.57
N VAL C 434 -34.06 -25.32 -0.62
CA VAL C 434 -33.70 -25.53 0.78
C VAL C 434 -33.20 -26.95 1.01
N ILE C 435 -33.85 -27.94 0.39
CA ILE C 435 -33.39 -29.32 0.51
C ILE C 435 -32.03 -29.49 -0.17
N GLU C 436 -31.81 -28.75 -1.26
CA GLU C 436 -30.49 -28.77 -1.90
C GLU C 436 -29.42 -28.21 -0.99
N ALA C 437 -29.70 -27.08 -0.33
CA ALA C 437 -28.71 -26.48 0.56
C ALA C 437 -28.45 -27.32 1.79
N VAL C 438 -29.45 -28.06 2.26
CA VAL C 438 -29.23 -28.96 3.38
C VAL C 438 -28.39 -30.15 2.95
N LEU C 439 -28.68 -30.72 1.78
CA LEU C 439 -28.00 -31.91 1.33
C LEU C 439 -26.71 -31.62 0.58
N VAL C 440 -26.07 -30.49 0.88
CA VAL C 440 -24.68 -30.26 0.53
C VAL C 440 -23.81 -30.20 1.77
N ALA C 441 -24.29 -29.54 2.82
CA ALA C 441 -23.56 -29.49 4.08
C ALA C 441 -23.46 -30.86 4.74
N ALA C 442 -24.46 -31.73 4.51
CA ALA C 442 -24.36 -33.09 5.02
C ALA C 442 -23.33 -33.88 4.25
N VAL C 443 -23.25 -33.65 2.94
CA VAL C 443 -22.29 -34.36 2.12
C VAL C 443 -20.89 -33.85 2.38
N THR C 444 -20.77 -32.55 2.71
CA THR C 444 -19.47 -31.96 2.92
C THR C 444 -18.78 -32.53 4.16
N ALA C 445 -19.54 -32.71 5.23
CA ALA C 445 -18.97 -33.27 6.45
C ALA C 445 -18.61 -34.74 6.26
N THR C 446 -19.42 -35.49 5.49
CA THR C 446 -19.08 -36.89 5.28
C THR C 446 -17.89 -37.04 4.35
N VAL C 447 -17.71 -36.13 3.39
CA VAL C 447 -16.50 -36.14 2.58
C VAL C 447 -15.28 -35.82 3.44
N ALA C 448 -15.40 -34.80 4.29
CA ALA C 448 -14.31 -34.44 5.19
C ALA C 448 -13.99 -35.58 6.17
N PHE C 449 -14.99 -36.32 6.59
CA PHE C 449 -14.75 -37.39 7.54
C PHE C 449 -14.28 -38.67 6.87
N VAL C 450 -14.62 -38.87 5.60
CA VAL C 450 -13.93 -39.88 4.80
C VAL C 450 -12.45 -39.56 4.70
N LEU C 451 -12.12 -38.30 4.48
CA LEU C 451 -10.72 -37.93 4.31
C LEU C 451 -9.95 -37.99 5.62
N ILE C 452 -10.57 -37.57 6.72
CA ILE C 452 -9.91 -37.61 8.00
C ILE C 452 -9.80 -39.03 8.52
N TYR C 453 -10.87 -39.82 8.37
CA TYR C 453 -10.91 -41.18 8.86
C TYR C 453 -9.94 -42.08 8.10
N SER C 454 -9.68 -41.78 6.83
CA SER C 454 -8.79 -42.60 6.02
C SER C 454 -7.40 -42.01 5.87
N SER C 455 -7.08 -40.94 6.57
CA SER C 455 -5.75 -40.37 6.46
C SER C 455 -4.75 -41.23 7.21
N ARG C 456 -3.53 -41.29 6.69
CA ARG C 456 -2.49 -42.17 7.22
C ARG C 456 -1.24 -41.40 7.60
N ASP C 457 -1.38 -40.13 7.96
CA ASP C 457 -0.25 -39.32 8.36
C ASP C 457 -0.58 -38.50 9.59
N CYS C 458 0.39 -38.38 10.48
CA CYS C 458 0.23 -37.66 11.72
C CYS C 458 1.42 -36.73 11.88
N GLN C 459 1.17 -35.54 12.40
CA GLN C 459 2.25 -34.64 12.75
C GLN C 459 1.91 -33.97 14.08
N PRO C 460 2.88 -33.88 14.99
CA PRO C 460 2.60 -33.35 16.32
C PRO C 460 2.45 -31.84 16.29
N LEU C 461 1.90 -31.30 17.37
CA LEU C 461 1.74 -29.86 17.43
C LEU C 461 3.02 -29.23 17.93
N GLN C 462 3.30 -28.01 17.46
CA GLN C 462 4.43 -27.24 17.95
C GLN C 462 3.95 -25.96 18.65
N GLY C 463 3.19 -25.14 17.95
CA GLY C 463 2.57 -23.97 18.56
C GLY C 463 1.11 -23.95 18.18
N GLY C 464 0.50 -22.76 18.14
CA GLY C 464 -0.86 -22.69 17.67
C GLY C 464 -0.92 -22.92 16.17
N SER C 465 -1.34 -24.12 15.79
CA SER C 465 -1.55 -24.46 14.39
C SER C 465 -2.85 -25.18 14.13
N MET C 466 -3.45 -25.82 15.14
CA MET C 466 -4.70 -26.55 14.96
C MET C 466 -5.83 -25.93 15.76
N SER C 467 -5.65 -25.83 17.09
CA SER C 467 -6.55 -25.29 18.12
C SER C 467 -7.78 -26.17 18.39
N TYR C 468 -7.99 -27.18 17.55
CA TYR C 468 -8.89 -28.30 17.87
C TYR C 468 -8.24 -29.56 17.31
N PRO C 469 -7.23 -30.08 17.99
CA PRO C 469 -6.49 -31.22 17.43
C PRO C 469 -7.21 -32.53 17.71
N LEU C 470 -7.11 -33.44 16.73
CA LEU C 470 -7.75 -34.74 16.79
C LEU C 470 -6.69 -35.82 16.82
N GLN C 471 -6.50 -36.44 17.98
CA GLN C 471 -5.64 -37.61 18.08
C GLN C 471 -6.50 -38.81 17.73
N LEU C 472 -6.75 -38.95 16.44
CA LEU C 472 -7.76 -39.91 15.98
C LEU C 472 -7.22 -41.33 16.05
N PHE C 473 -6.24 -41.64 15.23
CA PHE C 473 -5.54 -42.91 15.28
C PHE C 473 -4.06 -42.73 15.60
N CYS C 474 -3.62 -41.50 15.88
CA CYS C 474 -2.21 -41.19 15.94
C CYS C 474 -1.58 -41.72 17.23
N ALA C 475 -0.29 -41.45 17.38
CA ALA C 475 0.49 -42.01 18.47
C ALA C 475 0.55 -41.10 19.70
N ASP C 476 -0.63 -40.63 20.13
CA ASP C 476 -0.89 -40.01 21.44
C ASP C 476 -0.21 -38.68 21.71
N GLY C 477 0.68 -38.23 20.83
CA GLY C 477 1.24 -36.91 20.96
C GLY C 477 1.24 -36.23 19.62
N GLU C 478 1.01 -37.02 18.58
CA GLU C 478 0.83 -36.52 17.23
C GLU C 478 -0.66 -36.32 16.96
N TYR C 479 -0.97 -35.63 15.88
CA TYR C 479 -2.36 -35.36 15.55
C TYR C 479 -2.57 -35.48 14.06
N ASN C 480 -3.83 -35.70 13.70
CA ASN C 480 -4.17 -36.00 12.32
C ASN C 480 -4.06 -34.74 11.48
N SER C 481 -3.29 -34.82 10.41
CA SER C 481 -2.99 -33.64 9.61
C SER C 481 -4.16 -33.22 8.74
N MET C 482 -4.94 -34.18 8.27
CA MET C 482 -6.13 -33.83 7.51
C MET C 482 -7.20 -33.25 8.42
N ALA C 483 -7.20 -33.66 9.69
CA ALA C 483 -8.05 -33.01 10.67
C ALA C 483 -7.63 -31.57 10.91
N ALA C 484 -6.36 -31.25 10.69
CA ALA C 484 -5.90 -29.88 10.82
C ALA C 484 -6.29 -29.03 9.63
N ALA C 485 -6.42 -29.63 8.45
CA ALA C 485 -6.78 -28.84 7.28
C ALA C 485 -8.27 -28.50 7.28
N PHE C 486 -9.10 -29.39 7.78
CA PHE C 486 -10.46 -29.04 8.15
C PHE C 486 -10.42 -28.57 9.60
N PHE C 487 -11.58 -28.44 10.23
CA PHE C 487 -11.73 -28.06 11.64
C PHE C 487 -11.13 -26.69 11.95
N ASN C 488 -10.97 -25.85 10.95
CA ASN C 488 -10.38 -24.53 11.12
C ASN C 488 -11.25 -23.50 10.43
N THR C 489 -11.03 -22.27 10.84
CA THR C 489 -11.35 -21.16 9.97
C THR C 489 -10.49 -21.28 8.71
N PRO C 490 -11.05 -21.02 7.53
CA PRO C 490 -10.22 -21.03 6.31
C PRO C 490 -9.21 -19.92 6.28
N GLU C 491 -9.45 -18.83 7.04
CA GLU C 491 -8.45 -17.78 7.19
C GLU C 491 -7.16 -18.32 7.77
N LYS C 492 -7.26 -19.19 8.77
CA LYS C 492 -6.06 -19.69 9.42
C LYS C 492 -5.28 -20.63 8.51
N SER C 493 -5.97 -21.37 7.65
CA SER C 493 -5.26 -22.22 6.70
C SER C 493 -4.61 -21.41 5.60
N VAL C 494 -5.28 -20.36 5.13
CA VAL C 494 -4.69 -19.51 4.09
C VAL C 494 -3.47 -18.79 4.62
N VAL C 495 -3.54 -18.30 5.86
CA VAL C 495 -2.39 -17.62 6.46
C VAL C 495 -1.28 -18.60 6.77
N SER C 496 -1.62 -19.83 7.16
CA SER C 496 -0.59 -20.81 7.47
C SER C 496 0.14 -21.26 6.22
N LEU C 497 -0.58 -21.46 5.12
CA LEU C 497 0.07 -21.82 3.85
C LEU C 497 0.98 -20.72 3.35
N PHE C 498 0.70 -19.47 3.68
CA PHE C 498 1.59 -18.39 3.32
C PHE C 498 2.80 -18.31 4.23
N HIS C 499 2.74 -18.88 5.45
CA HIS C 499 3.81 -18.63 6.41
C HIS C 499 4.24 -19.85 7.21
N ASP C 500 3.79 -21.05 6.90
CA ASP C 500 4.39 -22.22 7.54
C ASP C 500 5.78 -22.43 6.97
N PRO C 501 6.74 -22.85 7.79
CA PRO C 501 8.11 -23.03 7.31
C PRO C 501 8.19 -24.19 6.35
N PRO C 502 9.20 -24.23 5.49
CA PRO C 502 9.29 -25.32 4.50
C PRO C 502 9.51 -26.67 5.16
N GLY C 503 8.92 -27.69 4.55
CA GLY C 503 8.91 -29.00 5.17
C GLY C 503 7.91 -29.11 6.28
N SER C 504 6.67 -28.66 6.07
CA SER C 504 5.64 -28.72 7.09
C SER C 504 4.30 -29.22 6.56
N TYR C 505 4.30 -29.89 5.41
CA TYR C 505 3.08 -30.46 4.87
C TYR C 505 3.39 -31.74 4.12
N ASN C 506 2.44 -32.66 4.18
CA ASN C 506 2.46 -33.86 3.36
C ASN C 506 1.85 -33.53 2.00
N PRO C 507 2.54 -33.80 0.89
CA PRO C 507 1.98 -33.43 -0.42
C PRO C 507 0.74 -34.23 -0.78
N LEU C 508 0.62 -35.46 -0.32
CA LEU C 508 -0.60 -36.23 -0.52
C LEU C 508 -1.77 -35.59 0.20
N THR C 509 -1.51 -35.04 1.39
CA THR C 509 -2.55 -34.40 2.19
C THR C 509 -3.12 -33.17 1.49
N LEU C 510 -2.24 -32.28 1.05
CA LEU C 510 -2.69 -31.10 0.31
C LEU C 510 -3.30 -31.49 -1.03
N GLY C 511 -2.82 -32.57 -1.64
CA GLY C 511 -3.41 -33.00 -2.90
C GLY C 511 -4.85 -33.44 -2.74
N LEU C 512 -5.12 -34.25 -1.71
CA LEU C 512 -6.48 -34.69 -1.43
C LEU C 512 -7.37 -33.52 -1.02
N PHE C 513 -6.85 -32.65 -0.14
CA PHE C 513 -7.63 -31.52 0.34
C PHE C 513 -7.95 -30.55 -0.79
N THR C 514 -6.98 -30.26 -1.64
CA THR C 514 -7.16 -29.38 -2.78
C THR C 514 -8.15 -29.96 -3.76
N LEU C 515 -8.00 -31.25 -4.06
CA LEU C 515 -8.80 -31.86 -5.10
C LEU C 515 -10.24 -32.02 -4.66
N VAL C 516 -10.49 -32.26 -3.38
CA VAL C 516 -11.89 -32.26 -2.97
C VAL C 516 -12.39 -30.83 -2.80
N TYR C 517 -11.51 -29.89 -2.49
CA TYR C 517 -12.00 -28.58 -2.10
C TYR C 517 -12.33 -27.73 -3.30
N PHE C 518 -11.69 -28.00 -4.44
CA PHE C 518 -12.04 -27.32 -5.67
C PHE C 518 -13.45 -27.65 -6.11
N PHE C 519 -13.90 -28.86 -5.87
CA PHE C 519 -15.27 -29.17 -6.26
C PHE C 519 -16.25 -28.68 -5.22
N LEU C 520 -15.90 -28.79 -3.93
CA LEU C 520 -16.80 -28.31 -2.89
C LEU C 520 -16.93 -26.79 -2.90
N ALA C 521 -15.90 -26.08 -3.38
CA ALA C 521 -16.06 -24.66 -3.62
C ALA C 521 -16.98 -24.41 -4.82
N CYS C 522 -16.84 -25.25 -5.85
CA CYS C 522 -17.62 -25.06 -7.07
C CYS C 522 -19.06 -25.48 -6.88
N TRP C 523 -19.28 -26.58 -6.16
CA TRP C 523 -20.63 -27.11 -6.02
C TRP C 523 -21.47 -26.28 -5.09
N THR C 524 -20.85 -25.47 -4.25
CA THR C 524 -21.57 -24.72 -3.22
C THR C 524 -21.61 -23.22 -3.55
N TYR C 525 -21.53 -22.84 -4.83
CA TYR C 525 -21.59 -21.42 -5.09
C TYR C 525 -23.00 -20.96 -5.46
N GLY C 526 -23.64 -21.62 -6.41
CA GLY C 526 -24.94 -21.15 -6.87
C GLY C 526 -26.11 -21.39 -5.95
N LEU C 527 -25.87 -21.88 -4.73
CA LEU C 527 -26.93 -22.17 -3.78
C LEU C 527 -27.55 -20.89 -3.25
N THR C 528 -28.62 -21.04 -2.50
CA THR C 528 -29.32 -19.91 -1.90
C THR C 528 -28.83 -19.73 -0.46
N VAL C 529 -27.58 -19.31 -0.36
CA VAL C 529 -26.98 -18.92 0.90
C VAL C 529 -26.16 -17.67 0.68
N SER C 530 -26.24 -16.73 1.63
CA SER C 530 -25.41 -15.54 1.61
C SER C 530 -23.99 -15.94 1.97
N ALA C 531 -23.08 -15.86 1.00
CA ALA C 531 -21.71 -16.31 1.20
C ALA C 531 -20.82 -15.72 0.13
N GLY C 532 -19.52 -15.85 0.33
CA GLY C 532 -18.54 -15.33 -0.61
C GLY C 532 -17.92 -16.43 -1.47
N VAL C 533 -16.89 -16.06 -2.21
CA VAL C 533 -16.16 -17.04 -3.00
C VAL C 533 -14.66 -16.80 -2.87
N PHE C 534 -14.26 -15.69 -2.23
CA PHE C 534 -12.87 -15.25 -2.22
C PHE C 534 -11.97 -16.21 -1.45
N ILE C 535 -12.26 -16.42 -0.18
CA ILE C 535 -11.49 -17.33 0.66
C ILE C 535 -11.59 -18.79 0.20
N PRO C 536 -12.68 -19.27 -0.42
CA PRO C 536 -12.55 -20.51 -1.19
C PRO C 536 -11.56 -20.40 -2.33
N SER C 537 -11.58 -19.30 -3.08
CA SER C 537 -10.69 -19.16 -4.23
C SER C 537 -9.25 -19.01 -3.79
N LEU C 538 -9.01 -18.19 -2.76
CA LEU C 538 -7.67 -18.05 -2.22
C LEU C 538 -7.19 -19.34 -1.55
N LEU C 539 -8.10 -20.12 -0.98
CA LEU C 539 -7.68 -21.35 -0.32
C LEU C 539 -7.30 -22.42 -1.33
N ILE C 540 -8.06 -22.51 -2.42
CA ILE C 540 -7.65 -23.35 -3.54
C ILE C 540 -6.30 -22.90 -4.09
N GLY C 541 -6.15 -21.59 -4.29
CA GLY C 541 -4.93 -21.09 -4.91
C GLY C 541 -3.70 -21.22 -4.05
N ALA C 542 -3.84 -21.06 -2.75
CA ALA C 542 -2.74 -21.35 -1.85
C ALA C 542 -2.56 -22.84 -1.65
N ALA C 543 -3.56 -23.63 -2.02
CA ALA C 543 -3.44 -25.07 -1.87
C ALA C 543 -2.64 -25.68 -3.02
N TRP C 544 -3.06 -25.45 -4.28
CA TRP C 544 -2.26 -25.99 -5.38
C TRP C 544 -0.99 -25.20 -5.61
N GLY C 545 -0.94 -23.95 -5.17
CA GLY C 545 0.29 -23.19 -5.30
C GLY C 545 1.37 -23.67 -4.36
N ARG C 546 0.98 -24.24 -3.21
CA ARG C 546 1.97 -24.74 -2.28
C ARG C 546 2.65 -25.99 -2.82
N LEU C 547 1.90 -26.81 -3.57
CA LEU C 547 2.47 -28.03 -4.15
C LEU C 547 3.53 -27.70 -5.18
N PHE C 548 3.31 -26.62 -5.93
CA PHE C 548 4.27 -26.14 -6.90
C PHE C 548 5.53 -25.58 -6.23
N GLY C 549 5.45 -25.27 -4.94
CA GLY C 549 6.63 -24.85 -4.19
C GLY C 549 7.25 -25.97 -3.39
N ILE C 550 6.51 -27.07 -3.20
CA ILE C 550 7.11 -28.25 -2.59
C ILE C 550 7.91 -29.04 -3.62
N SER C 551 7.35 -29.18 -4.83
CA SER C 551 8.05 -29.93 -5.88
C SER C 551 9.30 -29.20 -6.38
N LEU C 552 9.31 -27.86 -6.30
CA LEU C 552 10.53 -27.14 -6.63
C LEU C 552 11.59 -27.23 -5.55
N SER C 553 11.21 -27.58 -4.32
CA SER C 553 12.23 -27.94 -3.35
C SER C 553 12.64 -29.39 -3.47
N TYR C 554 12.02 -30.14 -4.38
CA TYR C 554 12.45 -31.50 -4.68
C TYR C 554 13.34 -31.56 -5.91
N LEU C 555 13.21 -30.61 -6.83
CA LEU C 555 14.08 -30.57 -7.99
C LEU C 555 15.35 -29.78 -7.74
N THR C 556 15.24 -28.64 -7.07
CA THR C 556 16.42 -27.81 -6.83
C THR C 556 17.25 -28.29 -5.66
N GLY C 557 16.85 -29.35 -4.98
CA GLY C 557 17.58 -29.82 -3.82
C GLY C 557 17.47 -28.85 -2.66
N ALA C 558 16.29 -28.24 -2.48
CA ALA C 558 15.98 -27.28 -1.43
C ALA C 558 16.91 -26.06 -1.50
N ALA C 559 16.74 -25.32 -2.59
CA ALA C 559 17.43 -24.05 -2.74
C ALA C 559 16.71 -22.97 -1.93
N ILE C 560 17.13 -21.73 -2.07
CA ILE C 560 16.53 -20.66 -1.29
C ILE C 560 15.39 -20.00 -2.04
N TRP C 561 15.49 -19.89 -3.37
CA TRP C 561 14.42 -19.33 -4.17
C TRP C 561 13.30 -20.32 -4.43
N ALA C 562 13.45 -21.57 -4.01
CA ALA C 562 12.35 -22.54 -4.05
C ALA C 562 11.61 -22.52 -2.72
N ASP C 563 11.16 -21.33 -2.33
CA ASP C 563 10.55 -21.14 -1.03
C ASP C 563 9.05 -21.39 -1.15
N PRO C 564 8.53 -22.46 -0.56
CA PRO C 564 7.14 -22.83 -0.82
C PRO C 564 6.13 -21.90 -0.16
N GLY C 565 6.54 -21.15 0.85
CA GLY C 565 5.65 -20.13 1.38
C GLY C 565 5.43 -18.97 0.43
N LYS C 566 6.36 -18.76 -0.51
CA LYS C 566 6.18 -17.71 -1.50
C LYS C 566 5.29 -18.15 -2.64
N TYR C 567 5.45 -19.39 -3.09
CA TYR C 567 4.64 -19.89 -4.18
C TYR C 567 3.21 -20.23 -3.76
N ALA C 568 2.90 -20.18 -2.48
CA ALA C 568 1.51 -20.22 -2.09
C ALA C 568 0.86 -18.87 -2.27
N LEU C 569 1.63 -17.80 -2.11
CA LEU C 569 1.09 -16.45 -2.29
C LEU C 569 0.75 -16.18 -3.75
N MET C 570 1.59 -16.62 -4.68
CA MET C 570 1.36 -16.34 -6.07
C MET C 570 0.25 -17.20 -6.65
N GLY C 571 0.09 -18.42 -6.13
CA GLY C 571 -1.03 -19.24 -6.53
C GLY C 571 -2.36 -18.70 -6.06
N ALA C 572 -2.36 -17.99 -4.92
CA ALA C 572 -3.59 -17.40 -4.40
C ALA C 572 -4.11 -16.32 -5.34
N ALA C 573 -3.24 -15.39 -5.71
CA ALA C 573 -3.62 -14.36 -6.67
C ALA C 573 -3.88 -14.96 -8.05
N ALA C 574 -3.21 -16.07 -8.37
CA ALA C 574 -3.45 -16.76 -9.64
C ALA C 574 -4.87 -17.26 -9.73
N GLN C 575 -5.30 -18.02 -8.73
CA GLN C 575 -6.64 -18.59 -8.76
C GLN C 575 -7.70 -17.53 -8.63
N LEU C 576 -7.44 -16.51 -7.81
CA LEU C 576 -8.46 -15.48 -7.64
C LEU C 576 -8.61 -14.63 -8.89
N GLY C 577 -7.51 -14.36 -9.60
CA GLY C 577 -7.66 -13.68 -10.87
C GLY C 577 -8.25 -14.57 -11.93
N GLY C 578 -8.06 -15.88 -11.80
CA GLY C 578 -8.66 -16.79 -12.76
C GLY C 578 -10.16 -16.89 -12.62
N ILE C 579 -10.67 -16.89 -11.39
CA ILE C 579 -12.08 -17.15 -11.17
C ILE C 579 -12.91 -15.89 -11.42
N VAL C 580 -12.59 -14.81 -10.74
CA VAL C 580 -13.16 -13.50 -11.01
C VAL C 580 -12.08 -12.67 -11.69
N ARG C 581 -12.43 -12.00 -12.77
CA ARG C 581 -11.44 -11.29 -13.55
C ARG C 581 -11.55 -9.81 -13.28
N MET C 582 -10.94 -9.40 -12.18
CA MET C 582 -10.72 -8.00 -11.88
C MET C 582 -9.24 -7.80 -11.57
N THR C 583 -8.63 -6.86 -12.26
CA THR C 583 -7.32 -6.36 -11.91
C THR C 583 -7.44 -4.86 -11.63
N LEU C 584 -6.45 -4.35 -10.88
CA LEU C 584 -6.31 -2.99 -10.32
C LEU C 584 -7.27 -2.74 -9.15
N SER C 585 -8.21 -3.64 -8.93
CA SER C 585 -8.85 -3.73 -7.64
C SER C 585 -8.39 -4.94 -6.87
N LEU C 586 -7.64 -5.82 -7.52
CA LEU C 586 -7.10 -7.02 -6.92
C LEU C 586 -5.59 -7.00 -6.86
N THR C 587 -4.94 -6.26 -7.75
CA THR C 587 -3.52 -6.03 -7.58
C THR C 587 -3.28 -5.13 -6.38
N VAL C 588 -4.14 -4.13 -6.20
CA VAL C 588 -3.97 -3.15 -5.14
C VAL C 588 -4.22 -3.77 -3.77
N ILE C 589 -5.16 -4.72 -3.67
CA ILE C 589 -5.38 -5.43 -2.42
C ILE C 589 -4.17 -6.30 -2.09
N MET C 590 -3.71 -7.08 -3.06
CA MET C 590 -2.64 -8.03 -2.79
C MET C 590 -1.29 -7.36 -2.61
N MET C 591 -1.14 -6.11 -3.05
CA MET C 591 0.00 -5.33 -2.60
C MET C 591 -0.15 -4.95 -1.13
N GLU C 592 -1.36 -4.59 -0.73
CA GLU C 592 -1.58 -3.85 0.49
C GLU C 592 -1.94 -4.74 1.66
N ALA C 593 -2.51 -5.91 1.41
CA ALA C 593 -2.73 -6.85 2.51
C ALA C 593 -1.42 -7.48 2.95
N THR C 594 -0.53 -7.75 1.99
CA THR C 594 0.75 -8.37 2.32
C THR C 594 1.71 -7.39 2.97
N SER C 595 1.54 -6.09 2.72
CA SER C 595 2.43 -5.02 3.17
C SER C 595 3.87 -5.27 2.77
N ASN C 596 4.06 -5.72 1.52
CA ASN C 596 5.35 -5.67 0.86
C ASN C 596 5.11 -5.10 -0.52
N VAL C 597 5.73 -3.97 -0.82
CA VAL C 597 5.32 -3.19 -1.96
C VAL C 597 5.80 -3.82 -3.26
N THR C 598 6.99 -4.41 -3.25
CA THR C 598 7.55 -4.99 -4.46
C THR C 598 6.91 -6.31 -4.87
N TYR C 599 5.92 -6.80 -4.12
CA TYR C 599 5.20 -7.99 -4.55
C TYR C 599 4.14 -7.70 -5.58
N GLY C 600 3.85 -6.43 -5.85
CA GLY C 600 2.87 -6.12 -6.86
C GLY C 600 3.29 -6.52 -8.25
N PHE C 601 4.59 -6.56 -8.49
CA PHE C 601 5.07 -6.85 -9.84
C PHE C 601 4.86 -8.30 -10.25
N PRO C 602 5.21 -9.33 -9.45
CA PRO C 602 4.76 -10.69 -9.82
C PRO C 602 3.26 -10.85 -9.80
N ILE C 603 2.58 -10.16 -8.89
CA ILE C 603 1.12 -10.25 -8.83
C ILE C 603 0.49 -9.58 -10.05
N MET C 604 1.09 -8.49 -10.54
CA MET C 604 0.58 -7.87 -11.76
C MET C 604 0.77 -8.80 -12.96
N LEU C 605 1.95 -9.44 -13.05
CA LEU C 605 2.18 -10.40 -14.13
C LEU C 605 1.21 -11.58 -14.07
N VAL C 606 1.00 -12.11 -12.86
CA VAL C 606 0.14 -13.26 -12.65
C VAL C 606 -1.31 -12.90 -12.99
N LEU C 607 -1.75 -11.70 -12.63
CA LEU C 607 -3.14 -11.34 -12.89
C LEU C 607 -3.38 -11.04 -14.36
N MET C 608 -2.42 -10.39 -15.03
CA MET C 608 -2.54 -10.18 -16.47
C MET C 608 -2.60 -11.50 -17.22
N THR C 609 -1.68 -12.41 -16.87
CA THR C 609 -1.64 -13.75 -17.47
C THR C 609 -2.93 -14.51 -17.26
N ALA C 610 -3.41 -14.55 -16.01
CA ALA C 610 -4.59 -15.34 -15.70
C ALA C 610 -5.84 -14.76 -16.31
N LYS C 611 -5.94 -13.42 -16.40
CA LYS C 611 -7.11 -12.84 -17.05
C LYS C 611 -7.12 -13.12 -18.54
N ILE C 612 -5.96 -13.02 -19.20
CA ILE C 612 -5.90 -13.27 -20.64
C ILE C 612 -6.17 -14.73 -20.96
N VAL C 613 -5.59 -15.64 -20.19
CA VAL C 613 -5.79 -17.06 -20.44
C VAL C 613 -7.19 -17.51 -20.00
N GLY C 614 -7.83 -16.78 -19.08
CA GLY C 614 -9.18 -17.13 -18.70
C GLY C 614 -10.26 -16.56 -19.60
N ASP C 615 -9.99 -15.44 -20.28
CA ASP C 615 -11.00 -14.88 -21.17
C ASP C 615 -11.18 -15.64 -22.47
N VAL C 616 -10.28 -16.56 -22.82
CA VAL C 616 -10.42 -17.29 -24.06
C VAL C 616 -11.29 -18.52 -23.91
N PHE C 617 -11.84 -18.76 -22.73
CA PHE C 617 -12.77 -19.86 -22.51
C PHE C 617 -14.16 -19.38 -22.14
N ILE C 618 -14.27 -18.59 -21.07
CA ILE C 618 -15.56 -18.21 -20.50
C ILE C 618 -15.36 -16.91 -19.75
N GLU C 619 -16.46 -16.19 -19.53
CA GLU C 619 -16.40 -14.88 -18.92
C GLU C 619 -16.14 -15.01 -17.42
N GLY C 620 -16.05 -13.87 -16.76
CA GLY C 620 -15.85 -13.86 -15.33
C GLY C 620 -17.09 -14.33 -14.60
N LEU C 621 -16.87 -14.85 -13.39
CA LEU C 621 -17.94 -15.48 -12.62
C LEU C 621 -19.03 -14.49 -12.26
N TYR C 622 -18.63 -13.28 -11.90
CA TYR C 622 -19.61 -12.28 -11.53
C TYR C 622 -20.35 -11.75 -12.75
N ASP C 623 -19.65 -11.58 -13.87
CA ASP C 623 -20.31 -11.19 -15.10
C ASP C 623 -21.20 -12.31 -15.64
N MET C 624 -20.81 -13.56 -15.38
CA MET C 624 -21.66 -14.70 -15.67
C MET C 624 -22.98 -14.62 -14.92
N HIS C 625 -22.91 -14.49 -13.59
CA HIS C 625 -24.16 -14.43 -12.83
C HIS C 625 -24.90 -13.12 -13.01
N ILE C 626 -24.27 -12.09 -13.59
CA ILE C 626 -25.03 -10.95 -14.08
C ILE C 626 -25.85 -11.35 -15.30
N GLN C 627 -25.20 -11.93 -16.31
CA GLN C 627 -25.90 -12.14 -17.57
C GLN C 627 -26.87 -13.31 -17.51
N LEU C 628 -26.78 -14.17 -16.51
CA LEU C 628 -27.75 -15.25 -16.42
C LEU C 628 -29.07 -14.83 -15.81
N GLN C 629 -29.27 -13.55 -15.52
CA GLN C 629 -30.56 -13.08 -15.04
C GLN C 629 -30.95 -11.76 -15.69
N SER C 630 -30.45 -11.52 -16.90
CA SER C 630 -30.97 -10.53 -17.86
C SER C 630 -30.90 -9.10 -17.33
N VAL C 631 -29.68 -8.65 -17.06
CA VAL C 631 -29.44 -7.30 -16.56
C VAL C 631 -29.01 -6.43 -17.73
N PRO C 632 -29.64 -5.27 -17.95
CA PRO C 632 -29.12 -4.32 -18.93
C PRO C 632 -27.85 -3.64 -18.43
N PHE C 633 -26.73 -4.34 -18.55
CA PHE C 633 -25.45 -3.97 -17.97
C PHE C 633 -24.57 -3.29 -19.02
N LEU C 634 -23.63 -2.48 -18.55
CA LEU C 634 -22.71 -1.76 -19.42
C LEU C 634 -21.28 -2.10 -19.06
N HIS C 635 -20.47 -2.32 -20.09
CA HIS C 635 -19.09 -2.73 -19.92
C HIS C 635 -18.23 -1.46 -19.90
N TRP C 636 -16.91 -1.59 -19.96
CA TRP C 636 -16.09 -0.38 -19.87
C TRP C 636 -16.04 0.39 -21.18
N GLU C 637 -16.35 -0.24 -22.30
CA GLU C 637 -16.07 0.33 -23.61
C GLU C 637 -17.12 -0.16 -24.59
N ALA C 638 -16.83 -0.04 -25.88
CA ALA C 638 -17.63 -0.57 -26.98
C ALA C 638 -17.63 -2.11 -26.92
N PRO C 639 -18.54 -2.83 -27.64
CA PRO C 639 -18.43 -4.29 -27.69
C PRO C 639 -17.10 -4.80 -28.24
N VAL C 640 -16.75 -4.46 -29.49
CA VAL C 640 -15.38 -4.66 -29.91
C VAL C 640 -14.83 -3.34 -30.44
N THR C 641 -15.33 -2.92 -31.61
CA THR C 641 -14.98 -1.63 -32.17
C THR C 641 -16.21 -0.76 -32.40
N SER C 642 -17.11 -1.20 -33.28
CA SER C 642 -18.31 -0.50 -33.75
C SER C 642 -18.11 0.98 -34.07
N HIS C 643 -16.92 1.35 -34.56
CA HIS C 643 -16.67 2.73 -34.95
C HIS C 643 -17.48 3.10 -36.19
N SER C 644 -17.66 2.16 -37.10
CA SER C 644 -18.56 2.38 -38.23
C SER C 644 -20.00 2.41 -37.78
N LEU C 645 -20.34 1.64 -36.76
CA LEU C 645 -21.70 1.59 -36.27
C LEU C 645 -21.98 2.86 -35.48
N THR C 646 -22.48 3.88 -36.17
CA THR C 646 -22.74 5.18 -35.56
C THR C 646 -24.04 5.14 -34.76
N ALA C 647 -24.52 6.31 -34.36
CA ALA C 647 -25.76 6.42 -33.61
C ALA C 647 -26.99 6.34 -34.50
N ARG C 648 -26.83 6.07 -35.80
CA ARG C 648 -27.98 5.96 -36.67
C ARG C 648 -28.75 4.68 -36.41
N GLU C 649 -28.04 3.58 -36.26
CA GLU C 649 -28.65 2.26 -36.17
C GLU C 649 -29.11 1.92 -34.76
N VAL C 650 -28.89 2.79 -33.79
CA VAL C 650 -29.01 2.46 -32.37
C VAL C 650 -30.30 3.01 -31.78
N MET C 651 -30.61 4.28 -32.06
CA MET C 651 -31.78 4.98 -31.55
C MET C 651 -33.09 4.30 -31.94
N SER C 652 -34.14 4.58 -31.14
CA SER C 652 -35.46 4.01 -31.35
C SER C 652 -36.28 4.92 -32.25
N THR C 653 -36.99 4.33 -33.21
CA THR C 653 -37.54 5.13 -34.31
C THR C 653 -38.76 5.96 -33.93
N PRO C 654 -39.81 5.46 -33.26
CA PRO C 654 -40.86 6.39 -32.82
C PRO C 654 -40.43 7.17 -31.58
N VAL C 655 -40.90 8.40 -31.50
CA VAL C 655 -40.61 9.28 -30.37
C VAL C 655 -41.92 9.66 -29.71
N THR C 656 -42.02 9.41 -28.41
CA THR C 656 -43.17 9.81 -27.60
C THR C 656 -42.77 11.08 -26.88
N CYS C 657 -43.10 12.22 -27.49
CA CYS C 657 -42.63 13.51 -27.01
C CYS C 657 -43.80 14.40 -26.66
N LEU C 658 -43.53 15.40 -25.85
CA LEU C 658 -44.55 16.29 -25.33
C LEU C 658 -44.37 17.67 -25.92
N ARG C 659 -45.18 18.62 -25.44
CA ARG C 659 -45.04 20.02 -25.82
C ARG C 659 -45.21 20.87 -24.58
N ARG C 660 -44.65 22.07 -24.60
CA ARG C 660 -44.82 22.98 -23.47
C ARG C 660 -46.17 23.66 -23.46
N ARG C 661 -46.87 23.66 -24.59
CA ARG C 661 -48.18 24.29 -24.72
C ARG C 661 -49.15 23.16 -25.05
N GLU C 662 -49.10 22.11 -24.24
CA GLU C 662 -49.86 20.90 -24.46
C GLU C 662 -51.22 20.99 -23.77
N LYS C 663 -51.91 19.85 -23.66
CA LYS C 663 -53.09 19.71 -22.83
C LYS C 663 -52.99 18.40 -22.07
N VAL C 664 -53.23 18.45 -20.75
CA VAL C 664 -53.24 17.23 -19.95
C VAL C 664 -54.40 16.35 -20.40
N GLY C 665 -54.17 15.04 -20.40
CA GLY C 665 -55.03 14.11 -21.08
C GLY C 665 -54.22 13.44 -22.16
N VAL C 666 -53.43 14.26 -22.87
CA VAL C 666 -52.30 13.72 -23.63
C VAL C 666 -51.26 13.18 -22.66
N ILE C 667 -51.07 13.85 -21.53
CA ILE C 667 -50.22 13.37 -20.45
C ILE C 667 -50.75 12.04 -19.92
N VAL C 668 -52.07 11.94 -19.75
CA VAL C 668 -52.67 10.72 -19.20
C VAL C 668 -52.49 9.56 -20.17
N ASP C 669 -52.59 9.84 -21.47
CA ASP C 669 -52.46 8.77 -22.47
C ASP C 669 -51.01 8.36 -22.67
N VAL C 670 -50.09 9.30 -22.58
CA VAL C 670 -48.68 8.96 -22.69
C VAL C 670 -48.22 8.18 -21.46
N LEU C 671 -48.60 8.61 -20.27
CA LEU C 671 -48.23 7.87 -19.07
C LEU C 671 -49.02 6.59 -18.90
N SER C 672 -50.14 6.44 -19.59
CA SER C 672 -50.96 5.23 -19.48
C SER C 672 -51.01 4.54 -20.82
N ASP C 673 -49.84 4.36 -21.44
CA ASP C 673 -49.72 3.62 -22.68
C ASP C 673 -50.14 2.16 -22.50
N THR C 674 -49.85 1.58 -21.33
CA THR C 674 -50.14 0.20 -20.95
C THR C 674 -49.49 -0.83 -21.88
N ALA C 675 -48.48 -0.43 -22.63
CA ALA C 675 -47.71 -1.37 -23.44
C ALA C 675 -46.22 -1.12 -23.41
N SER C 676 -45.76 0.05 -22.96
CA SER C 676 -44.34 0.40 -23.07
C SER C 676 -43.68 0.64 -21.73
N ASN C 677 -44.25 1.52 -20.89
CA ASN C 677 -43.72 1.91 -19.58
C ASN C 677 -42.30 2.48 -19.70
N HIS C 678 -42.22 3.64 -20.36
CA HIS C 678 -40.99 4.40 -20.42
C HIS C 678 -40.82 5.20 -19.13
N ASN C 679 -39.69 5.90 -19.02
CA ASN C 679 -39.50 6.84 -17.93
C ASN C 679 -38.90 8.17 -18.35
N GLY C 680 -38.45 8.32 -19.58
CA GLY C 680 -37.93 9.59 -20.04
C GLY C 680 -38.67 10.12 -21.24
N PHE C 681 -39.08 11.38 -21.19
CA PHE C 681 -39.89 11.96 -22.24
C PHE C 681 -39.30 13.32 -22.59
N PRO C 682 -38.91 13.55 -23.84
CA PRO C 682 -38.45 14.89 -24.23
C PRO C 682 -39.63 15.83 -24.35
N VAL C 683 -39.32 17.12 -24.49
CA VAL C 683 -40.35 18.12 -24.72
C VAL C 683 -39.87 19.11 -25.77
N VAL C 684 -40.71 19.37 -26.75
CA VAL C 684 -40.37 20.20 -27.89
C VAL C 684 -41.45 21.28 -28.07
N GLU C 685 -41.27 22.12 -29.08
CA GLU C 685 -42.22 23.18 -29.37
C GLU C 685 -43.19 22.78 -30.47
N ALA C 693 -40.70 21.28 -33.59
CA ALA C 693 -40.05 20.03 -33.20
C ALA C 693 -38.68 20.31 -32.61
N ARG C 694 -38.46 21.54 -32.17
CA ARG C 694 -37.17 21.93 -31.64
C ARG C 694 -37.03 21.48 -30.19
N LEU C 695 -35.95 20.74 -29.91
CA LEU C 695 -35.73 20.14 -28.59
C LEU C 695 -35.57 21.21 -27.53
N GLN C 696 -36.46 21.18 -26.54
CA GLN C 696 -36.40 22.10 -25.41
C GLN C 696 -35.90 21.46 -24.13
N GLY C 697 -36.24 20.20 -23.88
CA GLY C 697 -35.86 19.60 -22.63
C GLY C 697 -36.31 18.15 -22.58
N LEU C 698 -36.20 17.58 -21.38
CA LEU C 698 -36.42 16.17 -21.14
C LEU C 698 -37.11 16.01 -19.79
N ILE C 699 -38.37 15.63 -19.80
CA ILE C 699 -39.15 15.49 -18.57
C ILE C 699 -39.26 14.02 -18.21
N LEU C 700 -39.08 13.72 -16.93
CA LEU C 700 -39.10 12.36 -16.44
C LEU C 700 -40.53 11.90 -16.27
N ARG C 701 -40.70 10.61 -16.00
CA ARG C 701 -42.05 10.14 -15.68
C ARG C 701 -42.44 10.55 -14.27
N SER C 702 -41.52 10.38 -13.31
CA SER C 702 -41.87 10.57 -11.90
C SER C 702 -42.12 12.03 -11.57
N GLN C 703 -41.36 12.95 -12.18
CA GLN C 703 -41.65 14.37 -12.02
C GLN C 703 -43.01 14.72 -12.62
N LEU C 704 -43.35 14.08 -13.73
CA LEU C 704 -44.65 14.33 -14.35
C LEU C 704 -45.78 13.74 -13.51
N ILE C 705 -45.51 12.63 -12.81
CA ILE C 705 -46.47 12.07 -11.87
C ILE C 705 -46.74 13.06 -10.73
N VAL C 706 -45.67 13.60 -10.15
CA VAL C 706 -45.83 14.54 -9.03
C VAL C 706 -46.50 15.84 -9.50
N LEU C 707 -46.24 16.27 -10.75
CA LEU C 707 -47.00 17.37 -11.32
C LEU C 707 -48.47 17.04 -11.52
N LEU C 708 -48.80 15.78 -11.79
CA LEU C 708 -50.21 15.44 -11.97
C LEU C 708 -51.00 15.49 -10.67
N LYS C 709 -50.34 15.27 -9.53
CA LYS C 709 -51.07 15.25 -8.27
C LYS C 709 -51.53 16.64 -7.87
N HIS C 710 -50.57 17.54 -7.65
CA HIS C 710 -50.94 18.86 -7.18
C HIS C 710 -51.50 19.69 -8.33
N LYS C 711 -52.24 20.73 -7.97
CA LYS C 711 -53.07 21.48 -8.92
C LYS C 711 -52.17 22.29 -9.85
N VAL C 712 -51.91 21.76 -11.04
CA VAL C 712 -51.15 22.45 -12.07
C VAL C 712 -51.96 22.38 -13.35
N PHE C 713 -52.27 23.55 -13.92
CA PHE C 713 -53.02 23.62 -15.17
C PHE C 713 -52.74 24.92 -15.91
N ARG C 724 -47.37 26.95 -7.60
CA ARG C 724 -46.59 28.09 -7.14
C ARG C 724 -45.72 27.70 -5.96
N ARG C 725 -46.33 26.99 -5.02
CA ARG C 725 -45.67 26.53 -3.81
C ARG C 725 -44.72 25.35 -4.07
N LEU C 726 -44.83 24.72 -5.25
CA LEU C 726 -44.02 23.54 -5.59
C LEU C 726 -42.54 23.85 -5.59
N ARG C 727 -41.80 23.06 -4.83
CA ARG C 727 -40.35 23.19 -4.76
C ARG C 727 -39.75 21.80 -4.66
N LEU C 728 -38.45 21.73 -4.37
CA LEU C 728 -37.72 20.48 -4.48
C LEU C 728 -38.15 19.45 -3.44
N LYS C 729 -38.57 19.89 -2.26
CA LYS C 729 -39.02 18.93 -1.25
C LYS C 729 -40.33 18.27 -1.63
N ASP C 730 -41.13 18.89 -2.49
CA ASP C 730 -42.30 18.21 -3.02
C ASP C 730 -41.91 17.10 -3.99
N PHE C 731 -40.74 17.20 -4.61
CA PHE C 731 -40.22 16.18 -5.51
C PHE C 731 -39.36 15.15 -4.81
N ARG C 732 -39.19 15.26 -3.49
CA ARG C 732 -38.56 14.21 -2.71
C ARG C 732 -39.55 13.55 -1.77
N ASP C 733 -40.84 13.71 -2.02
CA ASP C 733 -41.86 13.06 -1.22
C ASP C 733 -41.89 11.57 -1.54
N ALA C 734 -41.39 10.76 -0.60
CA ALA C 734 -41.26 9.31 -0.72
C ALA C 734 -40.50 8.93 -1.99
N TYR C 735 -39.22 9.31 -1.97
CA TYR C 735 -38.43 9.40 -3.19
C TYR C 735 -38.24 8.06 -3.92
N PRO C 736 -38.06 6.91 -3.28
CA PRO C 736 -38.30 5.67 -4.02
C PRO C 736 -39.76 5.29 -4.00
N ARG C 737 -40.19 4.63 -5.08
CA ARG C 737 -41.53 4.06 -5.28
C ARG C 737 -42.61 5.14 -5.21
N PHE C 738 -42.60 6.01 -6.22
CA PHE C 738 -43.70 6.95 -6.40
C PHE C 738 -44.97 6.22 -6.82
N PRO C 739 -46.12 6.89 -6.76
CA PRO C 739 -47.39 6.20 -7.02
C PRO C 739 -47.68 6.13 -8.52
N PRO C 740 -48.05 4.95 -9.02
CA PRO C 740 -48.30 4.81 -10.46
C PRO C 740 -49.57 5.49 -10.95
N ILE C 741 -49.80 5.43 -12.27
CA ILE C 741 -50.78 6.28 -12.94
C ILE C 741 -52.22 5.91 -12.66
N GLN C 742 -52.51 4.64 -12.37
CA GLN C 742 -53.87 4.23 -12.05
C GLN C 742 -54.36 4.79 -10.74
N SER C 743 -53.47 5.22 -9.86
CA SER C 743 -53.83 5.67 -8.52
C SER C 743 -54.03 7.19 -8.47
N ILE C 744 -54.40 7.81 -9.59
CA ILE C 744 -54.77 9.22 -9.56
C ILE C 744 -55.96 9.51 -10.46
N HIS C 745 -57.10 9.79 -9.84
CA HIS C 745 -58.33 10.06 -10.58
C HIS C 745 -58.42 11.54 -10.89
N VAL C 746 -57.96 11.93 -12.07
CA VAL C 746 -57.98 13.32 -12.51
C VAL C 746 -58.48 13.38 -13.95
N SER C 747 -59.61 12.73 -14.22
CA SER C 747 -60.06 12.56 -15.59
C SER C 747 -61.40 13.22 -15.88
N GLN C 748 -61.86 14.10 -14.99
CA GLN C 748 -63.15 14.74 -15.25
C GLN C 748 -62.99 16.23 -15.49
N ASP C 749 -62.47 16.95 -14.49
CA ASP C 749 -62.16 18.35 -14.68
C ASP C 749 -60.77 18.51 -15.27
N GLU C 750 -59.81 17.80 -14.70
CA GLU C 750 -58.52 17.60 -15.34
C GLU C 750 -58.68 16.54 -16.43
N ARG C 751 -57.59 16.31 -17.17
CA ARG C 751 -57.55 15.59 -18.46
C ARG C 751 -58.50 16.23 -19.49
N GLU C 752 -58.75 17.53 -19.32
CA GLU C 752 -59.52 18.30 -20.29
C GLU C 752 -58.96 19.69 -20.52
N CYS C 753 -57.92 20.10 -19.81
CA CYS C 753 -57.38 21.45 -19.91
C CYS C 753 -55.90 21.38 -20.22
N THR C 754 -55.21 22.52 -20.15
CA THR C 754 -53.81 22.63 -20.55
C THR C 754 -52.89 22.11 -19.44
N MET C 755 -51.59 22.34 -19.61
CA MET C 755 -50.56 21.84 -18.71
C MET C 755 -49.27 22.63 -18.93
N ASP C 756 -48.69 23.18 -17.88
CA ASP C 756 -47.45 23.94 -17.99
C ASP C 756 -46.33 23.23 -17.26
N LEU C 757 -45.30 22.85 -18.00
CA LEU C 757 -44.12 22.22 -17.44
C LEU C 757 -42.87 22.97 -17.88
N SER C 758 -43.05 24.22 -18.31
CA SER C 758 -41.94 25.12 -18.59
C SER C 758 -41.10 25.42 -17.36
N GLU C 759 -41.73 25.49 -16.19
CA GLU C 759 -40.99 25.62 -14.95
C GLU C 759 -40.37 24.29 -14.51
N PHE C 760 -40.90 23.17 -15.01
CA PHE C 760 -40.51 21.85 -14.53
C PHE C 760 -39.93 21.07 -15.70
N MET C 761 -38.64 21.28 -15.99
CA MET C 761 -37.99 20.59 -17.10
C MET C 761 -36.49 20.74 -16.99
N ASN C 762 -35.79 19.78 -17.58
CA ASN C 762 -34.34 19.75 -17.69
C ASN C 762 -33.94 20.47 -18.97
N PRO C 763 -33.57 21.75 -18.90
CA PRO C 763 -33.50 22.56 -20.13
C PRO C 763 -32.36 22.22 -21.05
N SER C 764 -31.30 21.59 -20.55
CA SER C 764 -30.15 21.22 -21.37
C SER C 764 -29.82 19.74 -21.18
N PRO C 765 -30.56 18.85 -21.82
CA PRO C 765 -30.17 17.44 -21.81
C PRO C 765 -29.01 17.23 -22.77
N TYR C 766 -28.21 16.21 -22.47
CA TYR C 766 -27.07 15.92 -23.31
C TYR C 766 -27.53 15.33 -24.64
N THR C 767 -26.85 15.73 -25.70
CA THR C 767 -27.38 15.59 -27.05
C THR C 767 -26.25 15.24 -28.01
N VAL C 768 -26.41 14.15 -28.74
CA VAL C 768 -25.46 13.79 -29.78
C VAL C 768 -26.20 13.85 -31.11
N PRO C 769 -25.52 14.09 -32.22
CA PRO C 769 -26.14 13.90 -33.53
C PRO C 769 -26.10 12.44 -33.93
N GLN C 770 -26.87 12.10 -34.96
CA GLN C 770 -27.00 10.71 -35.37
C GLN C 770 -25.74 10.18 -36.03
N GLU C 771 -24.88 11.04 -36.56
CA GLU C 771 -23.63 10.62 -37.17
C GLU C 771 -22.48 10.60 -36.18
N ALA C 772 -22.78 10.66 -34.88
CA ALA C 772 -21.76 10.45 -33.86
C ALA C 772 -21.40 8.97 -33.80
N SER C 773 -20.11 8.67 -33.82
CA SER C 773 -19.66 7.29 -33.71
C SER C 773 -19.92 6.76 -32.30
N LEU C 774 -20.03 5.44 -32.22
CA LEU C 774 -20.39 4.81 -30.95
C LEU C 774 -19.35 4.95 -29.83
N PRO C 775 -18.02 4.96 -30.07
CA PRO C 775 -17.11 5.28 -28.95
C PRO C 775 -17.15 6.73 -28.52
N ARG C 776 -17.88 7.60 -29.22
CA ARG C 776 -18.20 8.92 -28.71
C ARG C 776 -19.57 8.95 -28.03
N VAL C 777 -20.48 8.07 -28.44
CA VAL C 777 -21.78 7.99 -27.78
C VAL C 777 -21.68 7.22 -26.47
N PHE C 778 -20.96 6.11 -26.47
CA PHE C 778 -20.80 5.33 -25.26
C PHE C 778 -19.90 6.02 -24.24
N LYS C 779 -19.01 6.89 -24.69
CA LYS C 779 -18.16 7.62 -23.76
C LYS C 779 -18.95 8.69 -23.02
N LEU C 780 -19.85 9.36 -23.72
CA LEU C 780 -20.65 10.40 -23.07
C LEU C 780 -21.73 9.81 -22.19
N PHE C 781 -22.20 8.61 -22.52
CA PHE C 781 -23.31 8.03 -21.76
C PHE C 781 -22.83 7.35 -20.50
N ARG C 782 -21.70 6.64 -20.57
CA ARG C 782 -21.26 5.84 -19.45
C ARG C 782 -20.57 6.69 -18.40
N ALA C 783 -19.82 7.70 -18.82
CA ALA C 783 -19.03 8.51 -17.90
C ALA C 783 -19.85 9.58 -17.19
N LEU C 784 -21.10 9.81 -17.56
CA LEU C 784 -21.92 10.80 -16.88
C LEU C 784 -23.04 10.19 -16.07
N GLY C 785 -23.27 8.89 -16.19
CA GLY C 785 -24.43 8.31 -15.55
C GLY C 785 -25.74 8.76 -16.15
N LEU C 786 -25.75 9.07 -17.44
CA LEU C 786 -27.00 9.39 -18.10
C LEU C 786 -27.89 8.15 -18.18
N ARG C 787 -29.19 8.39 -18.33
CA ARG C 787 -30.12 7.33 -18.62
C ARG C 787 -31.04 7.64 -19.78
N HIS C 788 -31.00 8.86 -20.32
CA HIS C 788 -31.74 9.21 -21.53
C HIS C 788 -30.88 10.17 -22.34
N LEU C 789 -30.29 9.68 -23.42
CA LEU C 789 -29.42 10.49 -24.27
C LEU C 789 -30.20 10.82 -25.54
N VAL C 790 -30.66 12.06 -25.65
CA VAL C 790 -31.47 12.46 -26.79
C VAL C 790 -30.58 12.62 -28.02
N VAL C 791 -31.07 12.17 -29.17
CA VAL C 791 -30.33 12.26 -30.42
C VAL C 791 -31.06 13.26 -31.33
N VAL C 792 -30.34 14.30 -31.74
CA VAL C 792 -30.90 15.42 -32.49
C VAL C 792 -30.04 15.66 -33.73
N ASP C 793 -30.70 15.80 -34.88
CA ASP C 793 -30.00 15.96 -36.16
C ASP C 793 -29.46 17.38 -36.36
N ASN C 794 -29.14 17.70 -37.62
CA ASN C 794 -28.56 18.96 -38.09
C ASN C 794 -29.31 20.18 -37.60
N ARG C 795 -30.56 20.34 -38.02
CA ARG C 795 -31.43 21.27 -37.34
C ARG C 795 -31.88 20.66 -36.02
N ASN C 796 -32.34 21.51 -35.11
CA ASN C 796 -32.87 20.96 -33.87
C ASN C 796 -34.22 20.29 -34.12
N GLN C 797 -34.18 19.01 -34.45
CA GLN C 797 -35.36 18.15 -34.43
C GLN C 797 -34.94 16.82 -33.85
N VAL C 798 -35.81 16.23 -33.06
CA VAL C 798 -35.48 15.05 -32.27
C VAL C 798 -35.83 13.78 -33.04
N VAL C 799 -34.88 12.86 -33.12
CA VAL C 799 -35.09 11.50 -33.63
C VAL C 799 -34.37 10.54 -32.69
N GLY C 800 -35.12 9.73 -31.96
CA GLY C 800 -34.53 8.69 -31.16
C GLY C 800 -33.98 9.18 -29.83
N LEU C 801 -33.83 8.23 -28.91
CA LEU C 801 -33.44 8.56 -27.55
C LEU C 801 -32.80 7.31 -26.95
N VAL C 802 -31.48 7.31 -26.83
CA VAL C 802 -30.75 6.10 -26.46
C VAL C 802 -30.89 5.85 -24.96
N THR C 803 -31.38 4.67 -24.61
CA THR C 803 -31.80 4.38 -23.24
C THR C 803 -31.28 3.01 -22.81
N ARG C 804 -29.96 2.83 -22.96
CA ARG C 804 -29.17 1.85 -22.20
C ARG C 804 -29.39 0.39 -22.57
N LYS C 805 -30.47 0.08 -23.27
CA LYS C 805 -30.68 -1.29 -23.69
C LYS C 805 -29.92 -1.56 -24.97
N ASP C 806 -29.83 -0.54 -25.81
CA ASP C 806 -29.15 -0.59 -27.10
C ASP C 806 -27.67 -0.26 -27.00
N LEU C 807 -27.15 -0.07 -25.80
CA LEU C 807 -25.73 -0.08 -25.58
C LEU C 807 -25.30 -1.35 -24.87
N ALA C 808 -26.24 -2.21 -24.52
CA ALA C 808 -25.97 -3.53 -23.99
C ALA C 808 -26.20 -4.63 -24.99
N ARG C 809 -27.13 -4.42 -25.95
CA ARG C 809 -27.37 -5.45 -26.96
C ARG C 809 -26.18 -5.58 -27.93
N TYR C 810 -25.37 -4.55 -28.07
CA TYR C 810 -24.19 -4.67 -28.91
C TYR C 810 -23.00 -5.09 -28.05
N TYR D 114 0.85 30.68 -24.04
CA TYR D 114 0.33 29.46 -23.44
C TYR D 114 -0.93 29.01 -24.17
N GLU D 115 -0.78 27.99 -25.01
CA GLU D 115 -1.83 27.55 -25.92
C GLU D 115 -2.16 26.10 -25.61
N SER D 116 -3.46 25.82 -25.47
CA SER D 116 -3.89 24.48 -25.07
C SER D 116 -3.66 23.47 -26.17
N LEU D 117 -3.64 22.20 -25.78
CA LEU D 117 -3.59 21.10 -26.73
C LEU D 117 -4.94 20.39 -26.77
N ASP D 118 -5.11 19.54 -27.79
CA ASP D 118 -6.40 18.93 -28.09
C ASP D 118 -6.36 17.43 -27.77
N TYR D 119 -6.93 17.06 -26.63
CA TYR D 119 -7.13 15.67 -26.26
C TYR D 119 -8.38 15.09 -26.90
N ASP D 120 -9.19 15.91 -27.53
CA ASP D 120 -10.38 15.41 -28.20
C ASP D 120 -10.01 14.90 -29.59
N ASN D 121 -10.73 13.90 -30.06
CA ASN D 121 -10.43 13.25 -31.32
C ASN D 121 -11.20 13.89 -32.46
N SER D 122 -10.57 13.89 -33.64
CA SER D 122 -11.14 14.56 -34.81
C SER D 122 -12.34 13.79 -35.33
N GLU D 123 -12.17 12.49 -35.59
CA GLU D 123 -13.21 11.59 -36.08
C GLU D 123 -13.84 12.06 -37.39
N ASN D 124 -13.02 12.61 -38.27
CA ASN D 124 -13.47 12.96 -39.61
C ASN D 124 -13.44 11.71 -40.49
N GLN D 125 -13.57 11.91 -41.81
CA GLN D 125 -13.65 10.78 -42.72
C GLN D 125 -12.31 10.06 -42.87
N LEU D 126 -11.21 10.80 -42.78
CA LEU D 126 -9.91 10.14 -42.82
C LEU D 126 -9.63 9.37 -41.54
N PHE D 127 -10.27 9.74 -40.43
CA PHE D 127 -10.17 8.92 -39.23
C PHE D 127 -10.97 7.64 -39.37
N LEU D 128 -12.11 7.71 -40.05
CA LEU D 128 -12.92 6.51 -40.24
C LEU D 128 -12.29 5.56 -41.24
N GLU D 129 -11.56 6.10 -42.22
CA GLU D 129 -10.82 5.22 -43.13
C GLU D 129 -9.66 4.57 -42.41
N GLU D 130 -8.97 5.32 -41.54
CA GLU D 130 -7.80 4.80 -40.85
C GLU D 130 -8.19 3.84 -39.74
N GLU D 131 -9.45 3.89 -39.29
CA GLU D 131 -9.96 2.86 -38.40
C GLU D 131 -10.02 1.50 -39.09
N ARG D 132 -10.22 1.49 -40.40
CA ARG D 132 -10.14 0.25 -41.14
C ARG D 132 -8.68 -0.18 -41.30
N ARG D 133 -8.52 -1.40 -41.81
CA ARG D 133 -7.25 -2.09 -42.12
C ARG D 133 -6.45 -2.48 -40.87
N ILE D 134 -6.90 -2.07 -39.70
CA ILE D 134 -6.41 -2.63 -38.45
C ILE D 134 -7.50 -3.45 -37.75
N ASN D 135 -8.76 -3.30 -38.16
CA ASN D 135 -9.87 -4.11 -37.68
C ASN D 135 -10.42 -5.00 -38.80
N HIS D 136 -9.65 -5.20 -39.86
CA HIS D 136 -10.06 -6.04 -40.97
C HIS D 136 -9.09 -7.19 -41.17
N ARG D 140 -5.79 -6.98 -34.35
CA ARG D 140 -5.52 -6.30 -33.09
C ARG D 140 -4.01 -6.20 -32.87
N THR D 141 -3.45 -5.07 -33.25
CA THR D 141 -2.01 -4.87 -33.19
C THR D 141 -1.57 -3.72 -32.30
N VAL D 142 -2.35 -2.63 -32.25
CA VAL D 142 -1.87 -1.40 -31.64
C VAL D 142 -1.87 -1.47 -30.13
N GLU D 143 -2.63 -2.39 -29.54
CA GLU D 143 -2.73 -2.46 -28.09
C GLU D 143 -1.43 -2.98 -27.49
N ILE D 144 -0.83 -3.99 -28.11
CA ILE D 144 0.43 -4.52 -27.64
C ILE D 144 1.53 -3.49 -27.83
N LYS D 145 1.40 -2.62 -28.84
CA LYS D 145 2.33 -1.52 -29.00
C LYS D 145 2.22 -0.54 -27.85
N ARG D 146 0.99 -0.29 -27.38
CA ARG D 146 0.78 0.57 -26.21
C ARG D 146 1.41 -0.02 -24.96
N TRP D 147 1.23 -1.33 -24.75
CA TRP D 147 1.80 -1.97 -23.57
C TRP D 147 3.32 -1.96 -23.62
N VAL D 148 3.92 -2.20 -24.79
CA VAL D 148 5.38 -2.26 -24.88
C VAL D 148 5.98 -0.86 -24.73
N ILE D 149 5.33 0.17 -25.26
CA ILE D 149 5.82 1.53 -25.06
C ILE D 149 5.74 1.93 -23.59
N CYS D 150 4.65 1.57 -22.90
CA CYS D 150 4.56 1.87 -21.47
C CYS D 150 5.63 1.13 -20.67
N ALA D 151 5.94 -0.11 -21.08
CA ALA D 151 7.01 -0.85 -20.42
C ALA D 151 8.37 -0.21 -20.63
N LEU D 152 8.61 0.33 -21.83
CA LEU D 152 9.88 0.99 -22.09
C LEU D 152 9.98 2.31 -21.33
N ILE D 153 8.85 3.00 -21.16
CA ILE D 153 8.83 4.21 -20.33
C ILE D 153 9.23 3.88 -18.90
N GLY D 154 8.70 2.77 -18.38
CA GLY D 154 9.07 2.33 -17.04
C GLY D 154 10.55 1.99 -16.91
N ILE D 155 11.07 1.23 -17.88
CA ILE D 155 12.47 0.80 -17.82
C ILE D 155 13.41 2.00 -17.92
N LEU D 156 13.13 2.92 -18.85
CA LEU D 156 14.00 4.07 -19.03
C LEU D 156 13.95 5.01 -17.84
N THR D 157 12.78 5.15 -17.21
CA THR D 157 12.70 6.02 -16.04
C THR D 157 13.45 5.41 -14.86
N GLY D 158 13.39 4.08 -14.73
CA GLY D 158 14.18 3.42 -13.70
C GLY D 158 15.68 3.56 -13.94
N LEU D 159 16.09 3.51 -15.20
CA LEU D 159 17.51 3.65 -15.52
C LEU D 159 18.01 5.07 -15.27
N VAL D 160 17.18 6.06 -15.58
CA VAL D 160 17.54 7.46 -15.30
C VAL D 160 17.61 7.70 -13.80
N ALA D 161 16.72 7.06 -13.02
CA ALA D 161 16.79 7.17 -11.57
C ALA D 161 18.06 6.53 -11.01
N CYS D 162 18.46 5.39 -11.56
CA CYS D 162 19.70 4.77 -11.11
C CYS D 162 20.92 5.58 -11.49
N PHE D 163 20.89 6.18 -12.69
CA PHE D 163 21.93 7.12 -13.13
C PHE D 163 22.09 8.25 -12.13
N ILE D 164 20.98 8.92 -11.78
CA ILE D 164 21.01 10.05 -10.87
C ILE D 164 21.50 9.63 -9.50
N ASP D 165 21.02 8.50 -9.00
CA ASP D 165 21.36 8.12 -7.62
C ASP D 165 22.81 7.70 -7.50
N ILE D 166 23.31 6.88 -8.42
CA ILE D 166 24.68 6.39 -8.31
C ILE D 166 25.68 7.52 -8.56
N VAL D 167 25.43 8.36 -9.58
CA VAL D 167 26.34 9.46 -9.87
C VAL D 167 26.35 10.49 -8.75
N VAL D 168 25.17 10.79 -8.18
CA VAL D 168 25.09 11.77 -7.12
C VAL D 168 25.76 11.28 -5.85
N GLU D 169 25.55 10.01 -5.46
CA GLU D 169 26.19 9.57 -4.23
C GLU D 169 27.69 9.36 -4.40
N ASN D 170 28.16 9.02 -5.61
CA ASN D 170 29.60 8.94 -5.81
C ASN D 170 30.27 10.31 -5.80
N LEU D 171 29.68 11.29 -6.49
CA LEU D 171 30.25 12.64 -6.48
C LEU D 171 30.19 13.26 -5.10
N ALA D 172 29.10 13.06 -4.37
CA ALA D 172 28.99 13.63 -3.04
C ALA D 172 29.92 12.94 -2.06
N GLY D 173 30.14 11.62 -2.22
CA GLY D 173 31.13 10.95 -1.41
C GLY D 173 32.53 11.44 -1.68
N LEU D 174 32.84 11.69 -2.95
CA LEU D 174 34.12 12.31 -3.32
C LEU D 174 34.30 13.68 -2.66
N LYS D 175 33.28 14.52 -2.78
CA LYS D 175 33.36 15.89 -2.27
C LYS D 175 33.51 15.92 -0.76
N TYR D 176 32.66 15.19 -0.06
CA TYR D 176 32.78 15.22 1.40
C TYR D 176 33.96 14.42 1.91
N ARG D 177 34.52 13.49 1.13
CA ARG D 177 35.77 12.88 1.55
C ARG D 177 36.92 13.86 1.44
N VAL D 178 36.93 14.67 0.38
CA VAL D 178 37.95 15.72 0.24
C VAL D 178 37.84 16.74 1.36
N ILE D 179 36.62 17.13 1.69
CA ILE D 179 36.43 18.16 2.72
C ILE D 179 36.71 17.60 4.11
N LYS D 180 36.28 16.37 4.37
CA LYS D 180 36.48 15.74 5.68
C LYS D 180 37.95 15.45 5.93
N GLY D 181 38.68 15.01 4.90
CA GLY D 181 40.11 14.85 5.06
C GLY D 181 40.86 16.16 5.22
N ASN D 182 40.26 17.26 4.77
CA ASN D 182 40.92 18.55 4.82
C ASN D 182 40.94 19.10 6.25
N ILE D 183 39.80 19.03 6.92
CA ILE D 183 39.61 19.80 8.16
C ILE D 183 40.43 19.20 9.29
N ASP D 184 40.59 17.88 9.28
CA ASP D 184 41.30 17.22 10.37
C ASP D 184 42.79 17.50 10.33
N LYS D 185 43.34 17.72 9.14
CA LYS D 185 44.71 18.19 9.02
C LYS D 185 44.85 19.62 9.54
N PHE D 186 43.86 20.46 9.26
CA PHE D 186 43.89 21.86 9.64
C PHE D 186 43.29 22.14 11.01
N THR D 187 43.10 21.13 11.86
CA THR D 187 42.43 21.36 13.12
C THR D 187 43.35 22.03 14.14
N GLU D 188 44.44 21.37 14.50
CA GLU D 188 45.32 21.89 15.54
C GLU D 188 46.34 22.88 14.99
N LYS D 189 46.57 22.90 13.68
CA LYS D 189 47.54 23.82 13.10
C LYS D 189 47.06 25.25 13.17
N GLY D 190 45.80 25.47 12.79
CA GLY D 190 45.24 26.81 12.83
C GLY D 190 44.85 27.33 11.46
N GLY D 191 44.46 26.43 10.58
CA GLY D 191 43.97 26.85 9.28
C GLY D 191 42.54 26.43 9.05
N LEU D 192 41.69 26.57 10.07
CA LEU D 192 40.29 26.20 9.94
C LEU D 192 39.57 27.13 8.97
N SER D 193 39.90 28.42 9.01
CA SER D 193 39.22 29.37 8.14
C SER D 193 39.60 29.18 6.70
N PHE D 194 40.81 28.67 6.44
CA PHE D 194 41.22 28.39 5.08
C PHE D 194 40.55 27.14 4.53
N SER D 195 40.03 26.29 5.41
CA SER D 195 39.23 25.15 4.96
C SER D 195 37.79 25.54 4.72
N LEU D 196 37.31 26.57 5.40
CA LEU D 196 36.02 27.16 5.09
C LEU D 196 36.00 27.69 3.66
N LEU D 197 37.10 28.30 3.23
CA LEU D 197 37.17 28.85 1.88
C LEU D 197 37.16 27.78 0.81
N LEU D 198 37.58 26.56 1.13
CA LEU D 198 37.49 25.49 0.16
C LEU D 198 36.05 25.03 -0.01
N TRP D 199 35.35 24.84 1.10
CA TRP D 199 34.00 24.31 1.02
C TRP D 199 33.02 25.38 0.56
N ALA D 200 33.32 26.65 0.83
CA ALA D 200 32.54 27.70 0.20
C ALA D 200 32.82 27.78 -1.30
N THR D 201 34.02 27.37 -1.72
CA THR D 201 34.31 27.32 -3.14
C THR D 201 33.71 26.07 -3.78
N LEU D 202 33.80 24.93 -3.09
CA LEU D 202 33.31 23.67 -3.66
C LEU D 202 31.80 23.65 -3.79
N ASN D 203 31.07 24.38 -2.96
CA ASN D 203 29.66 24.60 -3.25
C ASN D 203 29.52 25.51 -4.46
N ALA D 204 30.29 26.59 -4.50
CA ALA D 204 30.12 27.60 -5.52
C ALA D 204 30.56 27.13 -6.89
N ALA D 205 31.43 26.13 -6.96
CA ALA D 205 31.87 25.64 -8.26
C ALA D 205 30.76 24.88 -8.96
N PHE D 206 30.12 23.94 -8.27
CA PHE D 206 29.13 23.10 -8.92
C PHE D 206 27.84 23.85 -9.20
N VAL D 207 27.48 24.80 -8.34
CA VAL D 207 26.24 25.55 -8.56
C VAL D 207 26.39 26.49 -9.75
N LEU D 208 27.58 27.06 -9.91
CA LEU D 208 27.88 27.89 -11.09
C LEU D 208 27.79 27.08 -12.36
N VAL D 209 28.37 25.88 -12.37
CA VAL D 209 28.19 25.00 -13.52
C VAL D 209 26.74 24.56 -13.62
N GLY D 210 26.11 24.33 -12.48
CA GLY D 210 24.74 23.90 -12.43
C GLY D 210 23.68 24.97 -12.60
N SER D 211 24.06 26.20 -12.96
CA SER D 211 23.04 27.21 -13.20
C SER D 211 23.24 27.89 -14.54
N VAL D 212 24.49 27.99 -14.98
CA VAL D 212 24.78 28.58 -16.29
C VAL D 212 24.17 27.75 -17.39
N ILE D 213 24.27 26.42 -17.27
CA ILE D 213 23.67 25.54 -18.26
C ILE D 213 22.15 25.54 -18.16
N VAL D 214 21.59 26.02 -17.05
CA VAL D 214 20.15 26.10 -16.92
C VAL D 214 19.63 27.44 -17.39
N ALA D 215 20.35 28.53 -17.10
CA ALA D 215 19.80 29.85 -17.35
C ALA D 215 19.78 30.19 -18.83
N PHE D 216 20.92 30.03 -19.50
CA PHE D 216 21.01 30.54 -20.86
C PHE D 216 20.43 29.59 -21.89
N ILE D 217 20.41 28.30 -21.63
CA ILE D 217 20.07 27.36 -22.68
C ILE D 217 18.58 27.05 -22.64
N GLU D 218 18.08 26.62 -21.48
CA GLU D 218 16.65 26.31 -21.30
C GLU D 218 16.20 26.82 -19.94
N PRO D 219 15.63 28.02 -19.86
CA PRO D 219 15.19 28.54 -18.56
C PRO D 219 13.94 27.86 -18.04
N VAL D 220 13.29 26.99 -18.82
CA VAL D 220 12.10 26.29 -18.37
C VAL D 220 12.43 25.15 -17.42
N ALA D 221 13.70 24.76 -17.31
CA ALA D 221 14.11 23.71 -16.39
C ALA D 221 14.39 24.23 -14.98
N ALA D 222 13.88 25.41 -14.63
CA ALA D 222 14.14 25.97 -13.32
C ALA D 222 13.12 25.45 -12.32
N GLY D 223 13.55 25.39 -11.05
CA GLY D 223 12.72 24.88 -9.98
C GLY D 223 12.48 23.39 -10.14
N SER D 224 11.28 22.96 -9.77
CA SER D 224 10.87 21.60 -10.05
C SER D 224 10.16 21.52 -11.39
N GLY D 225 10.05 20.31 -11.91
CA GLY D 225 9.32 20.12 -13.14
C GLY D 225 7.85 19.92 -12.96
N ILE D 226 7.41 19.86 -11.72
CA ILE D 226 6.05 19.47 -11.35
C ILE D 226 5.00 20.53 -11.68
N PRO D 227 5.22 21.85 -11.54
CA PRO D 227 4.19 22.77 -12.03
C PRO D 227 4.03 22.75 -13.53
N GLN D 228 5.11 22.53 -14.29
CA GLN D 228 4.98 22.50 -15.74
C GLN D 228 4.20 21.28 -16.20
N ILE D 229 4.45 20.12 -15.60
CA ILE D 229 3.72 18.92 -15.99
C ILE D 229 2.31 18.94 -15.45
N LYS D 230 2.10 19.57 -14.30
CA LYS D 230 0.75 19.77 -13.79
C LYS D 230 -0.05 20.70 -14.69
N CYS D 231 0.61 21.70 -15.28
CA CYS D 231 -0.05 22.50 -16.30
C CYS D 231 -0.18 21.77 -17.62
N PHE D 232 0.64 20.74 -17.85
CA PHE D 232 0.54 19.99 -19.09
C PHE D 232 -0.69 19.11 -19.09
N LEU D 233 -0.92 18.39 -18.00
CA LEU D 233 -2.05 17.47 -17.93
C LEU D 233 -3.39 18.17 -17.79
N ASN D 234 -3.40 19.47 -17.53
CA ASN D 234 -4.63 20.24 -17.68
C ASN D 234 -4.88 20.63 -19.13
N GLY D 235 -3.92 20.43 -20.02
CA GLY D 235 -4.07 20.72 -21.43
C GLY D 235 -3.21 21.86 -21.91
N VAL D 236 -2.73 22.72 -21.00
CA VAL D 236 -1.93 23.86 -21.39
C VAL D 236 -0.56 23.37 -21.82
N LYS D 237 -0.12 23.81 -23.00
CA LYS D 237 1.18 23.41 -23.53
C LYS D 237 2.12 24.58 -23.34
N ILE D 238 2.83 24.57 -22.21
CA ILE D 238 4.02 25.41 -22.00
C ILE D 238 5.04 25.09 -23.07
N PRO D 239 5.71 26.09 -23.70
CA PRO D 239 6.43 25.84 -24.97
C PRO D 239 7.53 24.80 -24.98
N HIS D 240 8.56 24.94 -24.16
CA HIS D 240 9.74 24.10 -24.29
C HIS D 240 9.79 23.03 -23.21
N VAL D 241 8.65 22.45 -22.88
CA VAL D 241 8.58 21.65 -21.67
C VAL D 241 9.06 20.21 -21.90
N VAL D 242 8.89 19.65 -23.10
CA VAL D 242 9.13 18.23 -23.29
C VAL D 242 10.18 17.97 -24.36
N ARG D 243 11.12 18.88 -24.52
CA ARG D 243 12.22 18.63 -25.44
C ARG D 243 13.30 17.79 -24.74
N LEU D 244 14.17 17.17 -25.55
CA LEU D 244 15.21 16.33 -24.98
C LEU D 244 16.30 17.17 -24.34
N LYS D 245 16.50 18.38 -24.86
CA LYS D 245 17.42 19.34 -24.26
C LYS D 245 17.01 19.68 -22.83
N THR D 246 15.71 19.79 -22.59
CA THR D 246 15.19 20.04 -21.25
C THR D 246 15.50 18.88 -20.32
N LEU D 247 15.40 17.65 -20.82
CA LEU D 247 15.77 16.47 -20.04
C LEU D 247 17.23 16.51 -19.65
N VAL D 248 18.11 16.75 -20.63
CA VAL D 248 19.55 16.73 -20.38
C VAL D 248 19.94 17.82 -19.39
N ILE D 249 19.37 19.01 -19.55
CA ILE D 249 19.72 20.13 -18.69
C ILE D 249 19.15 19.94 -17.29
N LYS D 250 17.92 19.42 -17.17
CA LYS D 250 17.36 19.24 -15.83
C LYS D 250 18.04 18.11 -15.07
N VAL D 251 18.41 17.03 -15.77
CA VAL D 251 19.13 15.95 -15.10
C VAL D 251 20.52 16.40 -14.68
N SER D 252 21.25 17.09 -15.58
CA SER D 252 22.57 17.59 -15.25
C SER D 252 22.51 18.64 -14.14
N GLY D 253 21.46 19.46 -14.14
CA GLY D 253 21.33 20.48 -13.13
C GLY D 253 20.97 19.92 -11.76
N VAL D 254 20.15 18.86 -11.73
CA VAL D 254 19.81 18.31 -10.43
C VAL D 254 20.98 17.51 -9.88
N ILE D 255 21.80 16.92 -10.75
CA ILE D 255 23.04 16.30 -10.26
C ILE D 255 23.99 17.36 -9.74
N LEU D 256 24.17 18.45 -10.47
CA LEU D 256 25.09 19.49 -10.06
C LEU D 256 24.60 20.31 -8.89
N SER D 257 23.30 20.28 -8.58
CA SER D 257 22.80 21.03 -7.44
C SER D 257 22.68 20.19 -6.19
N VAL D 258 22.32 18.91 -6.31
CA VAL D 258 22.34 18.03 -5.13
C VAL D 258 23.78 17.74 -4.72
N VAL D 259 24.66 17.53 -5.70
CA VAL D 259 26.09 17.49 -5.38
C VAL D 259 26.59 18.87 -4.99
N GLY D 260 25.95 19.92 -5.51
CA GLY D 260 26.33 21.28 -5.18
C GLY D 260 26.01 21.76 -3.78
N GLY D 261 25.57 20.87 -2.89
CA GLY D 261 25.45 21.20 -1.49
C GLY D 261 24.34 22.14 -1.13
N LEU D 262 23.40 22.40 -2.04
CA LEU D 262 22.28 23.26 -1.72
C LEU D 262 21.27 22.50 -0.86
N ALA D 263 20.25 23.24 -0.42
CA ALA D 263 19.15 22.66 0.35
C ALA D 263 18.04 22.22 -0.61
N VAL D 264 18.35 21.20 -1.41
CA VAL D 264 17.48 20.76 -2.48
C VAL D 264 17.24 19.26 -2.38
N GLY D 265 16.25 18.80 -3.13
CA GLY D 265 15.97 17.39 -3.25
C GLY D 265 15.96 16.99 -4.72
N LYS D 266 16.23 15.71 -4.97
CA LYS D 266 16.35 15.18 -6.32
C LYS D 266 15.18 14.29 -6.71
N GLU D 267 14.12 14.24 -5.90
CA GLU D 267 12.90 13.55 -6.26
C GLU D 267 11.88 14.46 -6.93
N GLY D 268 12.07 15.76 -6.84
CA GLY D 268 11.35 16.72 -7.63
C GLY D 268 11.48 16.50 -9.13
N PRO D 269 12.69 16.64 -9.67
CA PRO D 269 12.87 16.50 -11.13
C PRO D 269 12.69 15.10 -11.68
N MET D 270 12.38 14.10 -10.85
CA MET D 270 12.07 12.79 -11.41
C MET D 270 10.70 12.72 -12.03
N ILE D 271 9.84 13.70 -11.78
CA ILE D 271 8.56 13.73 -12.49
C ILE D 271 8.74 14.27 -13.89
N HIS D 272 9.53 15.33 -14.03
CA HIS D 272 9.71 15.89 -15.36
C HIS D 272 10.60 15.02 -16.22
N SER D 273 11.54 14.30 -15.61
CA SER D 273 12.38 13.37 -16.35
C SER D 273 11.57 12.23 -16.94
N GLY D 274 10.69 11.63 -16.12
CA GLY D 274 9.85 10.56 -16.61
C GLY D 274 8.84 11.04 -17.63
N SER D 275 8.31 12.24 -17.45
CA SER D 275 7.36 12.77 -18.42
C SER D 275 8.03 13.06 -19.76
N VAL D 276 9.27 13.57 -19.74
CA VAL D 276 9.96 13.87 -20.98
C VAL D 276 10.35 12.59 -21.71
N ILE D 277 10.79 11.57 -20.96
CA ILE D 277 11.07 10.26 -21.55
C ILE D 277 9.82 9.68 -22.21
N ALA D 278 8.68 9.84 -21.55
CA ALA D 278 7.46 9.26 -22.07
C ALA D 278 6.91 10.01 -23.28
N ALA D 279 7.01 11.34 -23.29
CA ALA D 279 6.57 12.07 -24.47
C ALA D 279 7.55 11.94 -25.61
N GLY D 280 8.81 11.61 -25.33
CA GLY D 280 9.77 11.41 -26.38
C GLY D 280 9.66 10.07 -27.05
N ILE D 281 9.78 8.98 -26.29
CA ILE D 281 9.96 7.67 -26.93
C ILE D 281 8.67 7.09 -27.48
N SER D 282 7.52 7.69 -27.16
CA SER D 282 6.26 7.27 -27.75
C SER D 282 5.99 7.97 -29.08
N GLN D 283 7.02 8.48 -29.72
CA GLN D 283 6.94 9.11 -31.03
C GLN D 283 7.67 8.34 -32.10
N GLY D 284 8.83 7.78 -31.76
CA GLY D 284 9.75 7.32 -32.77
C GLY D 284 10.23 8.52 -33.57
N ARG D 285 10.77 9.51 -32.86
CA ARG D 285 11.13 10.80 -33.43
C ARG D 285 11.93 11.55 -32.39
N SER D 286 12.91 12.33 -32.84
CA SER D 286 13.64 13.20 -31.92
C SER D 286 13.47 14.68 -32.24
N THR D 287 13.75 15.07 -33.49
CA THR D 287 13.59 16.39 -34.12
C THR D 287 14.61 17.40 -33.59
N SER D 288 15.32 17.04 -32.52
CA SER D 288 16.52 17.74 -32.11
C SER D 288 17.75 17.15 -32.78
N LEU D 289 17.57 16.06 -33.52
CA LEU D 289 18.62 15.48 -34.34
C LEU D 289 18.28 15.45 -35.81
N LYS D 290 17.06 15.86 -36.20
CA LYS D 290 16.54 15.82 -37.57
C LYS D 290 16.63 14.39 -38.11
N ARG D 291 15.85 13.53 -37.47
CA ARG D 291 15.71 12.14 -37.89
C ARG D 291 14.24 11.78 -37.95
N ASP D 292 13.94 10.61 -38.52
CA ASP D 292 12.57 10.25 -38.84
C ASP D 292 12.05 9.08 -38.02
N PHE D 293 12.71 7.92 -38.10
CA PHE D 293 12.47 6.73 -37.25
C PHE D 293 11.01 6.26 -37.34
N LYS D 294 10.57 5.90 -38.53
CA LYS D 294 9.14 5.56 -38.70
C LYS D 294 8.87 4.17 -38.14
N ILE D 295 8.62 4.10 -36.84
CA ILE D 295 8.40 2.83 -36.14
C ILE D 295 6.99 2.72 -35.58
N PHE D 296 6.47 3.77 -34.96
CA PHE D 296 5.16 3.69 -34.33
C PHE D 296 4.07 4.41 -35.11
N GLU D 297 4.35 5.60 -35.66
CA GLU D 297 3.63 6.31 -36.74
C GLU D 297 2.13 6.48 -36.55
N TYR D 298 1.64 6.22 -35.35
CA TYR D 298 0.22 6.31 -35.01
C TYR D 298 0.02 7.03 -33.70
N PHE D 299 1.04 7.06 -32.85
CA PHE D 299 1.01 7.71 -31.55
C PHE D 299 1.54 9.12 -31.64
N ARG D 300 1.00 9.89 -32.58
CA ARG D 300 1.47 11.23 -32.86
C ARG D 300 0.30 12.19 -32.95
N ARG D 301 -0.60 12.08 -31.97
CA ARG D 301 -1.61 13.09 -31.71
C ARG D 301 -1.52 13.44 -30.23
N ASP D 302 -2.14 14.56 -29.88
CA ASP D 302 -2.00 15.05 -28.51
C ASP D 302 -2.82 14.26 -27.50
N THR D 303 -3.69 13.36 -27.94
CA THR D 303 -4.37 12.48 -26.99
C THR D 303 -3.40 11.44 -26.48
N GLU D 304 -2.71 10.78 -27.40
CA GLU D 304 -1.73 9.77 -27.05
C GLU D 304 -0.58 10.36 -26.27
N LYS D 305 -0.15 11.57 -26.64
CA LYS D 305 0.93 12.24 -25.90
C LYS D 305 0.52 12.53 -24.47
N ARG D 306 -0.72 12.96 -24.26
CA ARG D 306 -1.17 13.24 -22.89
C ARG D 306 -1.30 11.96 -22.08
N ASP D 307 -1.75 10.87 -22.71
CA ASP D 307 -1.86 9.61 -22.00
C ASP D 307 -0.49 9.07 -21.62
N PHE D 308 0.48 9.16 -22.52
CA PHE D 308 1.80 8.65 -22.18
C PHE D 308 2.53 9.57 -21.21
N VAL D 309 2.27 10.87 -21.25
CA VAL D 309 2.83 11.76 -20.23
C VAL D 309 2.25 11.45 -18.86
N SER D 310 0.96 11.06 -18.81
CA SER D 310 0.39 10.57 -17.56
C SER D 310 1.12 9.33 -17.06
N ALA D 311 1.44 8.41 -17.97
CA ALA D 311 2.19 7.21 -17.59
C ALA D 311 3.60 7.54 -17.11
N GLY D 312 4.26 8.48 -17.79
CA GLY D 312 5.60 8.85 -17.40
C GLY D 312 5.68 9.61 -16.11
N ALA D 313 4.68 10.46 -15.82
CA ALA D 313 4.66 11.15 -14.54
C ALA D 313 4.37 10.19 -13.41
N ALA D 314 3.51 9.19 -13.64
CA ALA D 314 3.26 8.20 -12.60
C ALA D 314 4.50 7.35 -12.35
N ALA D 315 5.22 6.99 -13.40
CA ALA D 315 6.46 6.25 -13.22
C ALA D 315 7.52 7.11 -12.54
N GLY D 316 7.48 8.43 -12.76
CA GLY D 316 8.41 9.30 -12.07
C GLY D 316 8.11 9.40 -10.59
N VAL D 317 6.84 9.48 -10.23
CA VAL D 317 6.46 9.53 -8.81
C VAL D 317 6.80 8.22 -8.12
N SER D 318 6.55 7.09 -8.79
CA SER D 318 6.86 5.79 -8.21
C SER D 318 8.35 5.55 -8.10
N ALA D 319 9.13 6.05 -9.06
CA ALA D 319 10.58 5.91 -8.95
C ALA D 319 11.14 6.85 -7.89
N ALA D 320 10.48 7.97 -7.66
CA ALA D 320 10.96 8.87 -6.62
C ALA D 320 10.71 8.29 -5.25
N PHE D 321 9.45 8.04 -4.91
CA PHE D 321 9.09 7.74 -3.53
C PHE D 321 8.84 6.26 -3.25
N GLY D 322 8.89 5.41 -4.27
CA GLY D 322 8.74 3.99 -4.01
C GLY D 322 7.32 3.50 -3.81
N ALA D 323 6.32 4.32 -4.09
CA ALA D 323 4.94 3.89 -3.97
C ALA D 323 4.25 3.98 -5.32
N PRO D 324 3.81 2.86 -5.90
CA PRO D 324 3.24 2.91 -7.24
C PRO D 324 1.84 3.49 -7.31
N VAL D 325 0.98 3.13 -6.37
CA VAL D 325 -0.39 3.61 -6.40
C VAL D 325 -0.45 5.09 -6.07
N GLY D 326 0.54 5.60 -5.34
CA GLY D 326 0.74 7.03 -5.28
C GLY D 326 0.95 7.63 -6.64
N GLY D 327 1.70 6.95 -7.51
CA GLY D 327 1.89 7.42 -8.86
C GLY D 327 0.62 7.40 -9.69
N VAL D 328 -0.16 6.32 -9.56
CA VAL D 328 -1.39 6.21 -10.35
C VAL D 328 -2.41 7.25 -9.90
N LEU D 329 -2.59 7.40 -8.59
CA LEU D 329 -3.55 8.39 -8.10
C LEU D 329 -3.05 9.80 -8.29
N PHE D 330 -1.73 10.01 -8.38
CA PHE D 330 -1.23 11.32 -8.72
C PHE D 330 -1.56 11.67 -10.15
N SER D 331 -1.29 10.76 -11.09
CA SER D 331 -1.62 11.05 -12.47
C SER D 331 -3.11 10.95 -12.76
N LEU D 332 -3.92 10.51 -11.80
CA LEU D 332 -5.36 10.66 -11.93
C LEU D 332 -5.93 11.86 -11.20
N GLU D 333 -5.20 12.47 -10.27
CA GLU D 333 -5.63 13.77 -9.75
C GLU D 333 -5.61 14.79 -10.87
N GLU D 334 -4.43 15.09 -11.38
CA GLU D 334 -4.30 15.95 -12.53
C GLU D 334 -4.72 15.19 -13.78
N GLY D 335 -5.30 15.92 -14.71
CA GLY D 335 -5.97 15.26 -15.80
C GLY D 335 -7.20 14.56 -15.26
N ALA D 336 -8.06 15.30 -14.59
CA ALA D 336 -9.27 14.74 -13.99
C ALA D 336 -10.24 14.43 -15.13
N SER D 337 -10.01 13.28 -15.74
CA SER D 337 -10.70 12.92 -16.96
C SER D 337 -11.95 12.10 -16.64
N PHE D 338 -12.59 11.58 -17.67
CA PHE D 338 -13.47 10.45 -17.51
C PHE D 338 -12.65 9.22 -17.12
N TRP D 339 -13.29 8.29 -16.44
CA TRP D 339 -12.60 7.07 -16.06
C TRP D 339 -12.31 6.25 -17.30
N ASN D 340 -11.13 5.62 -17.33
CA ASN D 340 -10.67 4.89 -18.50
C ASN D 340 -9.85 3.72 -17.99
N GLN D 341 -10.43 2.52 -18.05
CA GLN D 341 -9.91 1.41 -17.26
C GLN D 341 -8.58 0.90 -17.78
N PHE D 342 -8.48 0.64 -19.08
CA PHE D 342 -7.25 0.09 -19.63
C PHE D 342 -6.14 1.11 -19.61
N LEU D 343 -6.48 2.40 -19.67
CA LEU D 343 -5.49 3.46 -19.51
C LEU D 343 -4.87 3.43 -18.12
N THR D 344 -5.70 3.41 -17.08
CA THR D 344 -5.17 3.47 -15.72
C THR D 344 -4.46 2.19 -15.35
N TRP D 345 -4.88 1.07 -15.91
CA TRP D 345 -4.17 -0.18 -15.67
C TRP D 345 -2.83 -0.22 -16.40
N ARG D 346 -2.72 0.41 -17.59
CA ARG D 346 -1.40 0.56 -18.21
C ARG D 346 -0.51 1.53 -17.44
N ILE D 347 -1.11 2.57 -16.86
CA ILE D 347 -0.36 3.52 -16.03
C ILE D 347 0.25 2.80 -14.84
N PHE D 348 -0.55 1.96 -14.19
CA PHE D 348 -0.06 1.14 -13.10
C PHE D 348 0.99 0.14 -13.57
N PHE D 349 0.84 -0.37 -14.79
CA PHE D 349 1.83 -1.27 -15.36
C PHE D 349 3.20 -0.62 -15.48
N ALA D 350 3.24 0.57 -16.09
CA ALA D 350 4.50 1.29 -16.25
C ALA D 350 5.08 1.71 -14.91
N SER D 351 4.21 1.97 -13.93
CA SER D 351 4.66 2.30 -12.58
C SER D 351 5.39 1.14 -11.93
N MET D 352 4.82 -0.07 -12.02
CA MET D 352 5.46 -1.24 -11.44
C MET D 352 6.77 -1.56 -12.15
N ILE D 353 6.81 -1.35 -13.48
CA ILE D 353 8.04 -1.57 -14.24
C ILE D 353 9.15 -0.65 -13.75
N SER D 354 8.83 0.63 -13.54
CA SER D 354 9.86 1.59 -13.11
C SER D 354 10.37 1.30 -11.70
N THR D 355 9.46 0.94 -10.79
CA THR D 355 9.86 0.61 -9.43
C THR D 355 10.77 -0.62 -9.41
N PHE D 356 10.38 -1.69 -10.11
CA PHE D 356 11.21 -2.89 -10.08
C PHE D 356 12.53 -2.70 -10.79
N THR D 357 12.57 -1.88 -11.85
CA THR D 357 13.84 -1.62 -12.54
C THR D 357 14.82 -0.88 -11.64
N LEU D 358 14.37 0.22 -11.02
CA LEU D 358 15.18 0.97 -10.07
C LEU D 358 15.66 0.10 -8.92
N ASN D 359 14.76 -0.73 -8.40
CA ASN D 359 15.07 -1.60 -7.28
C ASN D 359 16.12 -2.64 -7.65
N PHE D 360 15.97 -3.24 -8.82
CA PHE D 360 16.89 -4.28 -9.28
C PHE D 360 18.27 -3.71 -9.54
N VAL D 361 18.34 -2.56 -10.19
CA VAL D 361 19.65 -2.05 -10.59
C VAL D 361 20.39 -1.45 -9.41
N LEU D 362 19.71 -0.75 -8.50
CA LEU D 362 20.42 -0.32 -7.29
C LEU D 362 20.71 -1.49 -6.36
N SER D 363 20.03 -2.62 -6.52
CA SER D 363 20.37 -3.80 -5.73
C SER D 363 21.70 -4.40 -6.18
N ILE D 364 21.88 -4.61 -7.49
CA ILE D 364 23.11 -5.21 -7.99
C ILE D 364 24.28 -4.26 -7.97
N TYR D 365 24.05 -2.97 -7.71
CA TYR D 365 25.18 -2.07 -7.50
C TYR D 365 25.91 -2.38 -6.21
N HIS D 366 25.18 -2.81 -5.19
CA HIS D 366 25.80 -3.16 -3.92
C HIS D 366 26.24 -4.60 -3.87
N GLY D 367 26.20 -5.31 -4.99
CA GLY D 367 26.74 -6.66 -5.07
C GLY D 367 25.95 -7.70 -4.30
N ASN D 368 24.65 -7.48 -4.10
CA ASN D 368 23.85 -8.41 -3.32
C ASN D 368 22.78 -9.07 -4.16
N MET D 369 21.88 -8.28 -4.76
CA MET D 369 20.83 -8.66 -5.72
C MET D 369 19.72 -9.52 -5.11
N TRP D 370 19.91 -10.02 -3.89
CA TRP D 370 19.12 -11.12 -3.37
C TRP D 370 18.10 -10.69 -2.32
N ASP D 371 18.00 -9.39 -2.06
CA ASP D 371 17.00 -8.88 -1.12
C ASP D 371 16.02 -7.91 -1.75
N LEU D 372 16.48 -7.07 -2.68
CA LEU D 372 15.72 -5.97 -3.29
C LEU D 372 15.16 -5.03 -2.21
N SER D 373 16.08 -4.40 -1.51
CA SER D 373 15.77 -3.60 -0.33
C SER D 373 15.85 -2.11 -0.59
N SER D 374 15.45 -1.68 -1.79
CA SER D 374 15.38 -0.27 -2.12
C SER D 374 14.43 -0.01 -3.28
N PRO D 375 13.14 0.18 -3.04
CA PRO D 375 12.22 0.41 -4.14
C PRO D 375 12.28 1.81 -4.73
N GLY D 376 12.61 2.82 -3.91
CA GLY D 376 12.64 4.18 -4.37
C GLY D 376 13.96 4.87 -4.03
N LEU D 377 14.04 6.14 -4.39
CA LEU D 377 15.25 6.91 -4.08
C LEU D 377 15.33 7.24 -2.60
N ILE D 378 14.20 7.58 -1.98
CA ILE D 378 14.09 7.70 -0.54
C ILE D 378 13.23 6.55 -0.02
N ASN D 379 13.70 5.89 1.02
CA ASN D 379 13.11 4.65 1.52
C ASN D 379 13.04 4.74 3.04
N PHE D 380 11.84 4.53 3.59
CA PHE D 380 11.58 4.89 4.99
C PHE D 380 11.84 3.76 5.97
N GLY D 381 11.65 2.51 5.58
CA GLY D 381 11.90 1.40 6.47
C GLY D 381 10.64 0.70 6.93
N ARG D 382 10.74 0.03 8.06
CA ARG D 382 9.67 -0.79 8.61
C ARG D 382 9.10 -0.14 9.86
N PHE D 383 7.85 0.31 9.76
CA PHE D 383 7.12 0.86 10.90
C PHE D 383 6.13 -0.18 11.40
N ASP D 384 6.65 -1.18 12.11
CA ASP D 384 5.78 -2.15 12.76
C ASP D 384 6.23 -2.57 14.14
N SER D 385 7.36 -2.09 14.64
CA SER D 385 8.12 -2.81 15.64
C SER D 385 7.62 -2.57 17.07
N GLU D 386 6.34 -2.21 17.24
CA GLU D 386 5.56 -2.24 18.47
C GLU D 386 5.95 -1.11 19.45
N LYS D 387 7.06 -0.44 19.17
CA LYS D 387 7.37 0.85 19.77
C LYS D 387 6.81 1.97 18.93
N MET D 388 6.29 1.65 17.77
CA MET D 388 5.73 2.59 16.82
C MET D 388 4.20 2.57 16.83
N ALA D 389 3.60 1.71 17.65
CA ALA D 389 2.15 1.56 17.64
C ALA D 389 1.47 2.76 18.28
N TYR D 390 0.34 3.18 17.72
CA TYR D 390 -0.36 4.35 18.21
C TYR D 390 -1.71 3.98 18.79
N THR D 391 -2.25 4.87 19.61
CA THR D 391 -3.44 4.61 20.41
C THR D 391 -4.52 5.59 19.97
N ILE D 392 -5.78 5.30 20.35
CA ILE D 392 -6.89 6.12 19.89
C ILE D 392 -7.00 7.45 20.65
N HIS D 393 -6.37 7.58 21.81
CA HIS D 393 -6.54 8.81 22.56
C HIS D 393 -5.67 9.94 22.03
N GLU D 394 -4.60 9.63 21.30
CA GLU D 394 -3.69 10.63 20.79
C GLU D 394 -4.04 11.06 19.37
N ILE D 395 -5.27 10.80 18.95
CA ILE D 395 -5.76 11.40 17.70
C ILE D 395 -5.83 12.93 17.77
N PRO D 396 -6.32 13.58 18.84
CA PRO D 396 -6.22 15.05 18.88
C PRO D 396 -4.80 15.59 18.91
N VAL D 397 -3.82 14.81 19.38
CA VAL D 397 -2.42 15.20 19.26
C VAL D 397 -2.04 15.28 17.79
N PHE D 398 -2.53 14.34 17.00
CA PHE D 398 -2.23 14.34 15.57
C PHE D 398 -2.94 15.47 14.86
N ILE D 399 -4.15 15.81 15.31
CA ILE D 399 -4.83 16.99 14.78
C ILE D 399 -4.05 18.26 15.11
N ALA D 400 -3.50 18.33 16.33
CA ALA D 400 -2.74 19.51 16.73
C ALA D 400 -1.44 19.63 15.93
N MET D 401 -0.78 18.51 15.66
CA MET D 401 0.39 18.54 14.80
C MET D 401 0.03 18.93 13.38
N GLY D 402 -1.15 18.55 12.91
CA GLY D 402 -1.61 19.00 11.62
C GLY D 402 -1.84 20.50 11.57
N VAL D 403 -2.34 21.06 12.68
CA VAL D 403 -2.50 22.51 12.77
C VAL D 403 -1.14 23.20 12.75
N VAL D 404 -0.17 22.65 13.48
CA VAL D 404 1.15 23.29 13.58
C VAL D 404 1.87 23.25 12.24
N GLY D 405 1.87 22.09 11.57
CA GLY D 405 2.47 22.02 10.25
C GLY D 405 1.71 22.81 9.21
N GLY D 406 0.41 22.95 9.36
CA GLY D 406 -0.38 23.70 8.41
C GLY D 406 -0.28 25.19 8.51
N VAL D 407 0.48 25.73 9.46
CA VAL D 407 0.73 27.15 9.50
C VAL D 407 2.19 27.49 9.21
N LEU D 408 3.14 26.58 9.49
CA LEU D 408 4.50 26.80 9.02
C LEU D 408 4.60 26.61 7.52
N GLY D 409 3.69 25.84 6.93
CA GLY D 409 3.60 25.80 5.48
C GLY D 409 3.12 27.13 4.92
N ALA D 410 2.21 27.79 5.63
CA ALA D 410 1.75 29.10 5.20
C ALA D 410 2.86 30.15 5.34
N VAL D 411 3.66 30.03 6.41
CA VAL D 411 4.82 30.91 6.59
C VAL D 411 5.82 30.68 5.47
N PHE D 412 6.10 29.41 5.16
CA PHE D 412 7.03 29.02 4.11
C PHE D 412 6.59 29.60 2.77
N ASN D 413 5.34 29.35 2.39
CA ASN D 413 4.85 29.79 1.10
C ASN D 413 4.72 31.30 1.01
N ALA D 414 4.37 31.96 2.13
CA ALA D 414 4.22 33.40 2.10
C ALA D 414 5.57 34.09 1.97
N LEU D 415 6.56 33.65 2.75
CA LEU D 415 7.89 34.23 2.64
C LEU D 415 8.55 33.89 1.32
N ASN D 416 8.18 32.76 0.71
CA ASN D 416 8.64 32.53 -0.65
C ASN D 416 7.92 33.45 -1.62
N TYR D 417 6.66 33.78 -1.35
CA TYR D 417 5.88 34.59 -2.29
C TYR D 417 6.38 36.02 -2.33
N TRP D 418 6.74 36.58 -1.18
CA TRP D 418 7.31 37.91 -1.25
C TRP D 418 8.77 37.87 -1.68
N LEU D 419 9.41 36.71 -1.63
CA LEU D 419 10.76 36.60 -2.16
C LEU D 419 10.74 36.40 -3.67
N THR D 420 9.79 35.62 -4.18
CA THR D 420 9.72 35.34 -5.60
C THR D 420 9.26 36.57 -6.37
N MET D 421 8.37 37.36 -5.77
CA MET D 421 7.90 38.58 -6.40
C MET D 421 9.02 39.60 -6.56
N PHE D 422 9.98 39.61 -5.63
CA PHE D 422 11.13 40.50 -5.77
C PHE D 422 12.03 40.06 -6.91
N ARG D 423 12.26 38.76 -7.04
CA ARG D 423 13.14 38.25 -8.08
C ARG D 423 12.55 38.44 -9.47
N ILE D 424 11.22 38.40 -9.59
CA ILE D 424 10.61 38.61 -10.89
C ILE D 424 10.71 40.07 -11.31
N ARG D 425 10.53 40.99 -10.35
CA ARG D 425 10.54 42.40 -10.70
C ARG D 425 11.93 42.91 -11.04
N TYR D 426 12.95 42.42 -10.37
CA TYR D 426 14.29 43.00 -10.49
C TYR D 426 15.30 42.03 -11.10
N ILE D 427 15.50 40.87 -10.50
CA ILE D 427 16.60 39.99 -10.90
C ILE D 427 16.06 39.10 -12.01
N HIS D 428 16.05 39.64 -13.23
CA HIS D 428 15.52 38.92 -14.37
C HIS D 428 16.49 38.88 -15.55
N ARG D 429 17.69 39.42 -15.38
CA ARG D 429 18.72 39.18 -16.36
C ARG D 429 19.23 37.75 -16.23
N PRO D 430 19.42 37.04 -17.35
CA PRO D 430 19.90 35.64 -17.26
C PRO D 430 21.33 35.50 -16.80
N CYS D 431 22.10 36.58 -16.79
CA CYS D 431 23.47 36.56 -16.30
C CYS D 431 23.58 37.09 -14.88
N LEU D 432 22.48 37.58 -14.31
CA LEU D 432 22.47 38.16 -12.99
C LEU D 432 21.86 37.25 -11.95
N GLN D 433 20.87 36.46 -12.33
CA GLN D 433 20.31 35.44 -11.46
C GLN D 433 21.23 34.24 -11.32
N VAL D 434 22.24 34.12 -12.19
CA VAL D 434 23.27 33.10 -12.01
C VAL D 434 24.16 33.45 -10.82
N ILE D 435 24.50 34.73 -10.69
CA ILE D 435 25.37 35.17 -9.61
C ILE D 435 24.67 35.00 -8.27
N GLU D 436 23.34 35.05 -8.28
CA GLU D 436 22.55 34.87 -7.07
C GLU D 436 22.73 33.49 -6.47
N ALA D 437 22.65 32.45 -7.31
CA ALA D 437 22.70 31.07 -6.83
C ALA D 437 24.05 30.72 -6.24
N VAL D 438 25.11 31.33 -6.78
CA VAL D 438 26.45 31.15 -6.25
C VAL D 438 26.53 31.69 -4.83
N LEU D 439 25.93 32.85 -4.60
CA LEU D 439 25.89 33.40 -3.26
C LEU D 439 24.99 32.59 -2.33
N VAL D 440 23.96 31.95 -2.87
CA VAL D 440 23.12 31.06 -2.05
C VAL D 440 23.93 29.87 -1.58
N ALA D 441 24.74 29.28 -2.48
CA ALA D 441 25.61 28.19 -2.08
C ALA D 441 26.66 28.63 -1.08
N ALA D 442 27.17 29.85 -1.24
CA ALA D 442 28.15 30.38 -0.30
C ALA D 442 27.55 30.60 1.08
N VAL D 443 26.30 31.06 1.13
CA VAL D 443 25.64 31.25 2.41
C VAL D 443 25.35 29.92 3.09
N THR D 444 24.98 28.90 2.30
CA THR D 444 24.77 27.57 2.88
C THR D 444 26.05 27.03 3.49
N ALA D 445 27.18 27.21 2.78
CA ALA D 445 28.47 26.78 3.29
C ALA D 445 28.85 27.52 4.58
N THR D 446 28.72 28.84 4.57
CA THR D 446 29.13 29.65 5.71
C THR D 446 28.27 29.36 6.92
N VAL D 447 26.95 29.29 6.73
CA VAL D 447 26.04 29.08 7.85
C VAL D 447 26.21 27.68 8.42
N ALA D 448 26.41 26.69 7.56
CA ALA D 448 26.60 25.33 8.06
C ALA D 448 27.91 25.19 8.82
N PHE D 449 28.97 25.83 8.34
CA PHE D 449 30.24 25.74 9.04
C PHE D 449 30.23 26.51 10.35
N VAL D 450 29.47 27.61 10.41
CA VAL D 450 29.31 28.34 11.65
C VAL D 450 28.53 27.52 12.67
N LEU D 451 27.48 26.82 12.21
CA LEU D 451 26.71 25.99 13.15
C LEU D 451 27.50 24.76 13.59
N ILE D 452 28.35 24.22 12.72
CA ILE D 452 29.14 23.06 13.11
C ILE D 452 30.25 23.47 14.08
N TYR D 453 30.89 24.61 13.83
CA TYR D 453 31.98 25.10 14.67
C TYR D 453 31.55 25.42 16.09
N SER D 454 30.28 25.71 16.32
CA SER D 454 29.81 26.20 17.61
C SER D 454 28.75 25.28 18.21
N SER D 455 28.98 23.97 18.20
CA SER D 455 28.10 23.00 18.83
C SER D 455 28.87 22.32 19.95
N ARG D 456 28.47 22.57 21.19
CA ARG D 456 29.27 22.17 22.34
C ARG D 456 29.15 20.71 22.71
N ASP D 457 28.36 19.92 22.00
CA ASP D 457 28.18 18.52 22.36
C ASP D 457 28.95 17.59 21.41
N CYS D 458 29.32 16.43 21.94
CA CYS D 458 29.95 15.38 21.15
C CYS D 458 29.21 14.09 21.43
N GLN D 459 29.16 13.21 20.44
CA GLN D 459 28.37 12.03 20.65
C GLN D 459 28.96 10.88 19.82
N PRO D 460 29.25 9.74 20.44
CA PRO D 460 30.05 8.71 19.76
C PRO D 460 29.28 8.03 18.63
N LEU D 461 30.05 7.36 17.78
CA LEU D 461 29.48 6.48 16.76
C LEU D 461 28.67 5.38 17.39
N GLN D 462 27.38 5.33 17.06
CA GLN D 462 26.48 4.30 17.56
C GLN D 462 26.52 3.04 16.72
N GLY D 463 27.56 2.85 15.90
CA GLY D 463 27.56 1.77 14.95
C GLY D 463 27.15 2.18 13.54
N GLY D 464 27.78 3.21 13.01
CA GLY D 464 27.55 3.58 11.63
C GLY D 464 26.37 4.50 11.38
N SER D 465 26.04 5.37 12.34
CA SER D 465 24.92 6.27 12.15
C SER D 465 25.28 7.49 11.31
N MET D 466 26.56 7.89 11.30
CA MET D 466 26.97 9.16 10.70
C MET D 466 27.53 9.01 9.29
N SER D 467 28.40 8.01 9.08
CA SER D 467 29.07 7.61 7.84
C SER D 467 30.13 8.60 7.37
N TYR D 468 30.21 9.77 8.00
CA TYR D 468 31.32 10.70 7.80
C TYR D 468 31.62 11.37 9.12
N PRO D 469 32.29 10.66 10.03
CA PRO D 469 32.45 11.21 11.38
C PRO D 469 33.47 12.33 11.45
N LEU D 470 33.00 13.56 11.55
CA LEU D 470 33.86 14.74 11.49
C LEU D 470 34.09 15.24 12.91
N GLN D 471 35.19 14.80 13.50
CA GLN D 471 35.57 15.31 14.81
C GLN D 471 36.20 16.69 14.67
N LEU D 472 35.64 17.68 15.37
CA LEU D 472 36.22 19.01 15.38
C LEU D 472 37.00 19.27 16.67
N PHE D 473 36.32 19.22 17.80
CA PHE D 473 36.87 19.60 19.10
C PHE D 473 36.70 18.51 20.15
N CYS D 474 36.31 17.30 19.75
CA CYS D 474 35.77 16.32 20.68
C CYS D 474 36.87 15.62 21.46
N ALA D 475 36.48 14.57 22.19
CA ALA D 475 37.35 13.90 23.13
C ALA D 475 37.99 12.64 22.55
N ASP D 476 38.30 12.67 21.24
CA ASP D 476 39.17 11.74 20.52
C ASP D 476 38.54 10.35 20.34
N GLY D 477 37.38 10.10 20.93
CA GLY D 477 36.64 8.89 20.61
C GLY D 477 35.25 9.24 20.12
N GLU D 478 34.75 10.36 20.61
CA GLU D 478 33.45 10.87 20.22
C GLU D 478 33.59 11.77 19.00
N TYR D 479 32.46 12.07 18.38
CA TYR D 479 32.45 12.88 17.18
C TYR D 479 31.40 13.96 17.32
N ASN D 480 31.39 14.89 16.36
CA ASN D 480 30.49 16.02 16.44
C ASN D 480 29.07 15.57 16.11
N SER D 481 28.11 16.22 16.75
CA SER D 481 26.70 15.90 16.55
C SER D 481 26.10 16.66 15.38
N MET D 482 26.41 17.96 15.27
CA MET D 482 25.85 18.78 14.20
C MET D 482 26.45 18.40 12.85
N ALA D 483 27.70 17.92 12.85
CA ALA D 483 28.33 17.43 11.63
C ALA D 483 27.70 16.14 11.13
N ALA D 484 26.89 15.48 11.94
CA ALA D 484 26.02 14.43 11.42
C ALA D 484 24.76 15.01 10.81
N ALA D 485 24.26 16.12 11.35
CA ALA D 485 23.04 16.70 10.82
C ALA D 485 23.30 17.36 9.47
N PHE D 486 24.44 18.02 9.32
CA PHE D 486 24.94 18.39 8.01
C PHE D 486 25.85 17.26 7.54
N PHE D 487 26.61 17.49 6.46
CA PHE D 487 27.57 16.55 5.90
C PHE D 487 26.93 15.21 5.53
N ASN D 488 25.67 15.22 5.15
CA ASN D 488 24.95 14.03 4.76
C ASN D 488 24.00 14.36 3.62
N THR D 489 23.45 13.30 3.05
CA THR D 489 22.22 13.45 2.30
C THR D 489 21.12 13.87 3.26
N PRO D 490 20.14 14.64 2.79
CA PRO D 490 18.96 14.88 3.63
C PRO D 490 18.13 13.63 3.84
N GLU D 491 18.25 12.66 2.93
CA GLU D 491 17.43 11.47 2.98
C GLU D 491 17.83 10.57 4.13
N LYS D 492 19.13 10.38 4.35
CA LYS D 492 19.58 9.60 5.49
C LYS D 492 19.24 10.29 6.81
N SER D 493 19.23 11.62 6.82
CA SER D 493 18.84 12.34 8.02
C SER D 493 17.36 12.17 8.32
N VAL D 494 16.53 12.18 7.27
CA VAL D 494 15.09 11.96 7.45
C VAL D 494 14.80 10.56 7.96
N VAL D 495 15.46 9.56 7.37
CA VAL D 495 15.29 8.19 7.85
C VAL D 495 15.87 8.03 9.25
N SER D 496 16.90 8.80 9.58
CA SER D 496 17.45 8.76 10.92
C SER D 496 16.81 9.73 11.89
N LEU D 497 15.99 10.67 11.43
CA LEU D 497 15.10 11.33 12.37
C LEU D 497 13.92 10.45 12.70
N PHE D 498 13.67 9.44 11.87
CA PHE D 498 12.84 8.31 12.26
C PHE D 498 13.78 7.30 12.92
N HIS D 499 13.22 6.20 13.41
CA HIS D 499 13.94 4.95 13.67
C HIS D 499 15.04 4.98 14.72
N ASP D 500 15.33 6.13 15.32
CA ASP D 500 16.31 6.14 16.38
C ASP D 500 15.69 5.65 17.68
N PRO D 501 16.51 5.16 18.61
CA PRO D 501 16.02 4.99 19.96
C PRO D 501 15.78 6.34 20.60
N PRO D 502 14.77 6.47 21.46
CA PRO D 502 14.50 7.76 22.09
C PRO D 502 15.63 8.15 23.03
N GLY D 503 15.87 9.45 23.13
CA GLY D 503 17.06 9.92 23.79
C GLY D 503 18.25 9.73 22.89
N SER D 504 18.20 10.36 21.72
CA SER D 504 19.32 10.26 20.79
C SER D 504 19.62 11.59 20.09
N TYR D 505 19.12 12.70 20.60
CA TYR D 505 19.47 14.01 20.05
C TYR D 505 19.54 15.03 21.17
N ASN D 506 20.20 16.13 20.87
CA ASN D 506 20.16 17.30 21.72
C ASN D 506 19.15 18.26 21.12
N PRO D 507 18.12 18.67 21.86
CA PRO D 507 17.09 19.55 21.28
C PRO D 507 17.58 20.93 20.91
N LEU D 508 18.66 21.40 21.52
CA LEU D 508 19.25 22.65 21.07
C LEU D 508 19.88 22.49 19.70
N THR D 509 20.64 21.40 19.50
CA THR D 509 21.29 21.18 18.22
C THR D 509 20.28 20.83 17.14
N LEU D 510 19.36 19.92 17.45
CA LEU D 510 18.39 19.47 16.47
C LEU D 510 17.37 20.55 16.16
N GLY D 511 16.94 21.30 17.18
CA GLY D 511 16.06 22.42 16.94
C GLY D 511 16.78 23.58 16.28
N LEU D 512 18.09 23.66 16.47
CA LEU D 512 18.87 24.73 15.87
C LEU D 512 19.09 24.47 14.39
N PHE D 513 19.24 23.19 14.02
CA PHE D 513 19.28 22.82 12.62
C PHE D 513 17.95 23.10 11.93
N THR D 514 16.85 22.88 12.64
CA THR D 514 15.53 23.11 12.06
C THR D 514 15.29 24.58 11.82
N LEU D 515 15.74 25.41 12.76
CA LEU D 515 15.47 26.84 12.74
C LEU D 515 16.23 27.54 11.63
N VAL D 516 17.28 26.92 11.12
CA VAL D 516 18.08 27.45 10.04
C VAL D 516 17.64 26.90 8.69
N TYR D 517 17.45 25.57 8.63
CA TYR D 517 17.19 24.90 7.37
C TYR D 517 15.85 25.28 6.78
N PHE D 518 14.90 25.68 7.62
CA PHE D 518 13.62 26.17 7.14
C PHE D 518 13.79 27.43 6.30
N PHE D 519 14.60 28.36 6.79
CA PHE D 519 14.83 29.58 6.03
C PHE D 519 15.75 29.34 4.84
N LEU D 520 16.70 28.42 4.97
CA LEU D 520 17.55 28.10 3.82
C LEU D 520 16.77 27.43 2.70
N ALA D 521 15.76 26.65 3.05
CA ALA D 521 14.92 26.03 2.02
C ALA D 521 13.87 26.99 1.50
N CYS D 522 13.45 27.96 2.32
CA CYS D 522 12.56 28.99 1.83
C CYS D 522 13.27 29.92 0.87
N TRP D 523 14.58 30.06 1.04
CA TRP D 523 15.35 30.98 0.23
C TRP D 523 15.88 30.34 -1.04
N THR D 524 16.02 29.01 -1.07
CA THR D 524 16.49 28.30 -2.25
C THR D 524 15.32 27.65 -2.98
N TYR D 525 14.39 28.45 -3.50
CA TYR D 525 13.40 27.82 -4.38
C TYR D 525 13.37 28.43 -5.76
N GLY D 526 13.19 29.74 -5.88
CA GLY D 526 12.98 30.33 -7.19
C GLY D 526 14.24 30.63 -7.96
N LEU D 527 15.35 29.99 -7.61
CA LEU D 527 16.60 30.19 -8.34
C LEU D 527 16.51 29.56 -9.72
N THR D 528 17.52 29.83 -10.53
CA THR D 528 17.59 29.20 -11.85
C THR D 528 18.42 27.92 -11.76
N VAL D 529 17.89 26.99 -10.98
CA VAL D 529 18.44 25.64 -10.84
C VAL D 529 17.27 24.68 -10.88
N SER D 530 17.57 23.42 -11.16
CA SER D 530 16.56 22.37 -11.11
C SER D 530 16.60 21.72 -9.74
N ALA D 531 15.53 21.86 -8.99
CA ALA D 531 15.53 21.54 -7.58
C ALA D 531 14.25 20.82 -7.22
N GLY D 532 14.12 20.44 -5.96
CA GLY D 532 12.93 19.84 -5.43
C GLY D 532 12.39 20.63 -4.26
N VAL D 533 11.26 20.18 -3.74
CA VAL D 533 10.76 20.77 -2.50
C VAL D 533 10.30 19.69 -1.53
N PHE D 534 10.19 18.44 -2.01
CA PHE D 534 9.65 17.36 -1.18
C PHE D 534 10.56 17.03 -0.01
N ILE D 535 11.78 16.62 -0.29
CA ILE D 535 12.70 16.18 0.75
C ILE D 535 13.17 17.34 1.63
N PRO D 536 13.34 18.58 1.14
CA PRO D 536 13.45 19.69 2.11
C PRO D 536 12.23 19.87 2.98
N SER D 537 11.02 19.65 2.46
CA SER D 537 9.86 19.68 3.33
C SER D 537 9.86 18.51 4.28
N LEU D 538 10.32 17.35 3.82
CA LEU D 538 10.41 16.22 4.73
C LEU D 538 11.58 16.35 5.69
N LEU D 539 12.62 17.11 5.35
CA LEU D 539 13.67 17.28 6.32
C LEU D 539 13.28 18.30 7.38
N ILE D 540 12.52 19.32 7.00
CA ILE D 540 11.98 20.25 7.99
C ILE D 540 10.97 19.54 8.88
N GLY D 541 10.03 18.80 8.26
CA GLY D 541 8.93 18.23 9.01
C GLY D 541 9.33 17.08 9.91
N ALA D 542 10.36 16.34 9.53
CA ALA D 542 10.84 15.30 10.42
C ALA D 542 11.74 15.84 11.50
N ALA D 543 12.03 17.15 11.49
CA ALA D 543 12.93 17.72 12.48
C ALA D 543 12.16 18.27 13.68
N TRP D 544 11.27 19.24 13.46
CA TRP D 544 10.48 19.74 14.57
C TRP D 544 9.44 18.74 15.01
N GLY D 545 8.94 17.92 14.08
CA GLY D 545 8.11 16.79 14.47
C GLY D 545 8.82 15.77 15.31
N ARG D 546 10.15 15.69 15.20
CA ARG D 546 10.91 14.90 16.17
C ARG D 546 10.95 15.62 17.50
N LEU D 547 11.11 16.95 17.48
CA LEU D 547 11.28 17.73 18.71
C LEU D 547 10.05 17.67 19.59
N PHE D 548 8.88 17.56 18.99
CA PHE D 548 7.65 17.39 19.74
C PHE D 548 7.65 16.07 20.50
N GLY D 549 8.35 15.07 19.97
CA GLY D 549 8.48 13.82 20.69
C GLY D 549 9.35 13.94 21.93
N ILE D 550 10.43 14.72 21.87
CA ILE D 550 11.28 14.91 23.05
C ILE D 550 10.51 15.67 24.12
N SER D 551 9.70 16.64 23.72
CA SER D 551 8.91 17.38 24.70
C SER D 551 7.84 16.52 25.32
N LEU D 552 7.25 15.61 24.54
CA LEU D 552 6.29 14.67 25.11
C LEU D 552 6.97 13.67 26.02
N SER D 553 8.22 13.33 25.74
CA SER D 553 8.97 12.48 26.67
C SER D 553 9.45 13.25 27.89
N TYR D 554 9.51 14.57 27.81
CA TYR D 554 9.89 15.41 28.93
C TYR D 554 8.73 15.72 29.85
N LEU D 555 7.51 15.76 29.33
CA LEU D 555 6.34 16.13 30.11
C LEU D 555 5.51 14.94 30.55
N THR D 556 5.86 13.71 30.15
CA THR D 556 5.14 12.52 30.59
C THR D 556 6.05 11.49 31.24
N GLY D 557 7.32 11.83 31.47
CA GLY D 557 8.23 10.80 31.91
C GLY D 557 8.55 9.87 30.75
N ALA D 558 8.97 8.66 31.09
CA ALA D 558 9.30 7.66 30.08
C ALA D 558 8.05 6.91 29.61
N ALA D 559 7.15 7.67 28.98
CA ALA D 559 5.93 7.09 28.43
C ALA D 559 6.24 6.35 27.14
N ILE D 560 5.58 5.20 26.96
CA ILE D 560 5.85 4.37 25.79
C ILE D 560 5.23 4.99 24.55
N TRP D 561 4.04 5.58 24.70
CA TRP D 561 3.29 6.11 23.58
C TRP D 561 3.81 7.45 23.08
N ALA D 562 4.77 8.06 23.77
CA ALA D 562 5.43 9.27 23.31
C ALA D 562 6.75 8.96 22.63
N ASP D 563 6.81 7.85 21.91
CA ASP D 563 7.99 7.44 21.16
C ASP D 563 8.23 8.42 20.02
N PRO D 564 9.32 9.18 20.04
CA PRO D 564 9.50 10.24 19.04
C PRO D 564 9.83 9.74 17.65
N GLY D 565 10.04 8.44 17.46
CA GLY D 565 10.08 7.91 16.11
C GLY D 565 8.73 7.86 15.44
N LYS D 566 7.66 7.96 16.24
CA LYS D 566 6.31 8.01 15.71
C LYS D 566 5.91 9.44 15.38
N TYR D 567 6.25 10.38 16.26
CA TYR D 567 5.86 11.76 16.05
C TYR D 567 6.74 12.46 15.01
N ALA D 568 7.91 11.92 14.70
CA ALA D 568 8.74 12.49 13.65
C ALA D 568 8.15 12.27 12.28
N LEU D 569 7.27 11.29 12.14
CA LEU D 569 6.60 10.98 10.88
C LEU D 569 5.37 11.84 10.66
N MET D 570 4.58 12.06 11.72
CA MET D 570 3.42 12.91 11.63
C MET D 570 3.81 14.35 11.31
N GLY D 571 4.94 14.80 11.84
CA GLY D 571 5.41 16.13 11.49
C GLY D 571 5.87 16.24 10.06
N ALA D 572 6.46 15.17 9.53
CA ALA D 572 6.86 15.15 8.13
C ALA D 572 5.65 15.24 7.22
N ALA D 573 4.60 14.46 7.53
CA ALA D 573 3.37 14.53 6.77
C ALA D 573 2.69 15.89 6.90
N ALA D 574 2.74 16.48 8.09
CA ALA D 574 2.13 17.78 8.33
C ALA D 574 2.78 18.87 7.51
N GLN D 575 4.10 18.89 7.53
CA GLN D 575 4.81 19.93 6.80
C GLN D 575 4.68 19.73 5.31
N LEU D 576 4.68 18.47 4.85
CA LEU D 576 4.61 18.24 3.43
C LEU D 576 3.22 18.51 2.89
N GLY D 577 2.19 18.31 3.71
CA GLY D 577 0.87 18.75 3.29
C GLY D 577 0.66 20.23 3.43
N GLY D 578 1.38 20.88 4.32
CA GLY D 578 1.22 22.32 4.46
C GLY D 578 1.85 23.07 3.32
N ILE D 579 3.05 22.66 2.91
CA ILE D 579 3.79 23.43 1.90
C ILE D 579 3.20 23.23 0.52
N VAL D 580 3.07 21.99 0.07
CA VAL D 580 2.42 21.68 -1.18
C VAL D 580 1.08 21.03 -0.85
N ARG D 581 0.01 21.79 -1.03
CA ARG D 581 -1.30 21.39 -0.56
C ARG D 581 -1.84 20.33 -1.49
N MET D 582 -1.45 19.09 -1.22
CA MET D 582 -1.81 17.95 -2.03
C MET D 582 -2.15 16.83 -1.07
N THR D 583 -3.30 16.19 -1.24
CA THR D 583 -3.78 15.28 -0.22
C THR D 583 -3.86 13.83 -0.68
N LEU D 584 -4.60 13.52 -1.75
CA LEU D 584 -4.96 12.13 -2.02
C LEU D 584 -3.75 11.32 -2.49
N SER D 585 -2.97 11.85 -3.42
CA SER D 585 -1.76 11.15 -3.84
C SER D 585 -0.73 11.14 -2.73
N LEU D 586 -0.65 12.24 -1.98
CA LEU D 586 0.30 12.32 -0.89
C LEU D 586 -0.05 11.39 0.25
N THR D 587 -1.35 11.16 0.50
CA THR D 587 -1.73 10.26 1.57
C THR D 587 -1.36 8.84 1.25
N VAL D 588 -1.53 8.44 -0.01
CA VAL D 588 -1.20 7.09 -0.42
C VAL D 588 0.31 6.89 -0.47
N ILE D 589 1.06 7.93 -0.85
CA ILE D 589 2.52 7.86 -0.79
C ILE D 589 2.98 7.71 0.66
N MET D 590 2.43 8.49 1.57
CA MET D 590 2.86 8.39 2.96
C MET D 590 2.36 7.12 3.62
N MET D 591 1.30 6.51 3.12
CA MET D 591 0.79 5.29 3.71
C MET D 591 1.53 4.08 3.19
N GLU D 592 2.07 4.17 1.97
CA GLU D 592 2.71 3.04 1.35
C GLU D 592 4.22 3.05 1.52
N ALA D 593 4.84 4.23 1.56
CA ALA D 593 6.28 4.31 1.71
C ALA D 593 6.74 3.88 3.09
N THR D 594 5.89 4.00 4.10
CA THR D 594 6.19 3.46 5.41
C THR D 594 6.00 1.96 5.48
N SER D 595 5.25 1.40 4.52
CA SER D 595 4.85 -0.01 4.49
C SER D 595 4.13 -0.42 5.77
N ASN D 596 3.17 0.40 6.16
CA ASN D 596 2.26 0.09 7.26
C ASN D 596 0.97 0.84 6.97
N VAL D 597 -0.14 0.10 6.95
CA VAL D 597 -1.36 0.64 6.38
C VAL D 597 -2.28 1.22 7.44
N THR D 598 -2.02 0.95 8.71
CA THR D 598 -2.80 1.58 9.76
C THR D 598 -2.34 2.99 10.06
N TYR D 599 -1.22 3.43 9.49
CA TYR D 599 -0.80 4.81 9.66
C TYR D 599 -1.51 5.76 8.73
N GLY D 600 -2.27 5.26 7.76
CA GLY D 600 -2.95 6.14 6.84
C GLY D 600 -4.03 6.96 7.53
N PHE D 601 -4.57 6.45 8.62
CA PHE D 601 -5.63 7.17 9.32
C PHE D 601 -5.12 8.42 10.05
N PRO D 602 -4.07 8.36 10.89
CA PRO D 602 -3.56 9.63 11.44
C PRO D 602 -2.96 10.52 10.38
N ILE D 603 -2.30 9.95 9.37
CA ILE D 603 -1.72 10.75 8.31
C ILE D 603 -2.80 11.44 7.49
N MET D 604 -3.93 10.79 7.26
CA MET D 604 -4.94 11.50 6.48
C MET D 604 -5.66 12.55 7.31
N LEU D 605 -5.76 12.35 8.62
CA LEU D 605 -6.31 13.41 9.46
C LEU D 605 -5.38 14.62 9.48
N VAL D 606 -4.08 14.35 9.56
CA VAL D 606 -3.05 15.38 9.50
C VAL D 606 -3.13 16.15 8.18
N LEU D 607 -3.33 15.44 7.08
CA LEU D 607 -3.30 16.11 5.78
C LEU D 607 -4.56 16.90 5.50
N MET D 608 -5.73 16.39 5.93
CA MET D 608 -6.96 17.19 5.87
C MET D 608 -6.83 18.46 6.70
N THR D 609 -6.35 18.32 7.94
CA THR D 609 -6.17 19.44 8.84
C THR D 609 -5.22 20.47 8.26
N ALA D 610 -4.10 20.01 7.71
CA ALA D 610 -3.11 20.91 7.16
C ALA D 610 -3.61 21.61 5.91
N LYS D 611 -4.37 20.92 5.05
CA LYS D 611 -4.88 21.57 3.85
C LYS D 611 -5.91 22.62 4.19
N ILE D 612 -6.79 22.35 5.16
CA ILE D 612 -7.80 23.35 5.51
C ILE D 612 -7.16 24.56 6.18
N VAL D 613 -6.31 24.32 7.19
CA VAL D 613 -5.62 25.37 7.91
C VAL D 613 -4.64 26.10 7.00
N GLY D 614 -4.21 25.49 5.91
CA GLY D 614 -3.39 26.21 4.97
C GLY D 614 -4.14 27.01 3.94
N ASP D 615 -5.21 26.46 3.36
CA ASP D 615 -6.01 27.18 2.38
C ASP D 615 -6.83 28.30 2.97
N VAL D 616 -6.99 28.37 4.30
CA VAL D 616 -7.57 29.59 4.84
C VAL D 616 -6.61 30.76 4.85
N PHE D 617 -5.34 30.56 4.48
CA PHE D 617 -4.40 31.68 4.38
C PHE D 617 -3.94 31.94 2.96
N ILE D 618 -3.33 30.97 2.30
CA ILE D 618 -2.58 31.20 1.06
C ILE D 618 -2.95 30.09 0.08
N GLU D 619 -2.46 30.21 -1.15
CA GLU D 619 -2.87 29.34 -2.24
C GLU D 619 -2.28 27.93 -2.10
N GLY D 620 -0.96 27.83 -2.14
CA GLY D 620 -0.31 26.54 -2.27
C GLY D 620 0.87 26.63 -3.22
N LEU D 621 1.99 25.99 -2.86
CA LEU D 621 3.28 26.31 -3.47
C LEU D 621 3.33 25.94 -4.95
N TYR D 622 2.79 24.79 -5.29
CA TYR D 622 2.76 24.40 -6.69
C TYR D 622 1.79 25.24 -7.49
N ASP D 623 0.68 25.63 -6.89
CA ASP D 623 -0.29 26.43 -7.60
C ASP D 623 0.11 27.90 -7.64
N MET D 624 0.94 28.34 -6.70
CA MET D 624 1.32 29.75 -6.64
C MET D 624 2.30 30.10 -7.73
N HIS D 625 3.31 29.26 -7.96
CA HIS D 625 4.23 29.47 -9.05
C HIS D 625 3.58 29.19 -10.40
N ILE D 626 2.45 28.50 -10.41
CA ILE D 626 1.63 28.40 -11.61
C ILE D 626 0.90 29.70 -11.85
N GLN D 627 0.34 30.31 -10.81
CA GLN D 627 -0.44 31.52 -10.97
C GLN D 627 0.45 32.72 -11.27
N LEU D 628 1.71 32.70 -10.82
CA LEU D 628 2.61 33.82 -11.09
C LEU D 628 3.01 33.94 -12.55
N GLN D 629 2.75 32.93 -13.37
CA GLN D 629 3.04 33.01 -14.79
C GLN D 629 1.78 33.17 -15.62
N SER D 630 0.62 33.33 -14.96
CA SER D 630 -0.68 33.63 -15.57
C SER D 630 -1.09 32.60 -16.61
N VAL D 631 -0.71 31.35 -16.41
CA VAL D 631 -1.21 30.26 -17.24
C VAL D 631 -2.64 30.02 -16.78
N PRO D 632 -3.53 29.50 -17.64
CA PRO D 632 -4.95 29.38 -17.25
C PRO D 632 -5.24 28.44 -16.09
N PHE D 633 -4.86 27.16 -16.20
CA PHE D 633 -4.90 26.18 -15.09
C PHE D 633 -6.32 26.04 -14.53
N LEU D 634 -7.17 25.36 -15.30
CA LEU D 634 -8.47 24.94 -14.78
C LEU D 634 -8.32 24.16 -13.49
N HIS D 635 -9.03 24.61 -12.45
CA HIS D 635 -8.97 23.94 -11.16
C HIS D 635 -9.83 22.68 -11.21
N TRP D 636 -9.97 21.99 -10.07
CA TRP D 636 -10.71 20.73 -10.04
C TRP D 636 -12.19 20.94 -10.29
N GLU D 637 -12.79 21.90 -9.60
CA GLU D 637 -14.20 22.22 -9.77
C GLU D 637 -14.32 23.65 -10.24
N ALA D 638 -15.56 24.09 -10.43
CA ALA D 638 -15.83 25.50 -10.59
C ALA D 638 -15.65 26.20 -9.24
N PRO D 639 -15.46 27.52 -9.25
CA PRO D 639 -15.49 28.25 -7.98
C PRO D 639 -16.91 28.31 -7.45
N VAL D 640 -17.29 27.30 -6.66
CA VAL D 640 -18.66 26.99 -6.25
C VAL D 640 -19.42 28.14 -5.61
N THR D 641 -18.70 29.16 -5.13
CA THR D 641 -19.34 30.43 -4.74
C THR D 641 -19.46 31.38 -5.94
N SER D 642 -19.97 30.83 -7.03
CA SER D 642 -20.44 31.57 -8.19
C SER D 642 -21.80 30.99 -8.53
N HIS D 643 -22.77 31.84 -8.78
CA HIS D 643 -24.15 31.41 -8.90
C HIS D 643 -24.39 30.80 -10.28
N SER D 644 -25.65 30.59 -10.61
CA SER D 644 -26.01 29.85 -11.82
C SER D 644 -25.75 30.68 -13.07
N LEU D 645 -24.49 30.86 -13.44
CA LEU D 645 -24.16 31.46 -14.71
C LEU D 645 -24.54 30.53 -15.83
N THR D 646 -25.34 31.01 -16.76
CA THR D 646 -25.58 30.24 -17.96
C THR D 646 -24.44 30.46 -18.94
N ALA D 647 -24.53 29.79 -20.09
CA ALA D 647 -23.48 29.96 -21.07
C ALA D 647 -23.56 31.30 -21.81
N ARG D 648 -24.64 32.06 -21.65
CA ARG D 648 -24.77 33.34 -22.34
C ARG D 648 -23.88 34.42 -21.73
N GLU D 649 -23.23 34.14 -20.61
CA GLU D 649 -22.23 35.05 -20.06
C GLU D 649 -20.82 34.61 -20.43
N VAL D 650 -20.44 33.39 -20.07
CA VAL D 650 -19.06 32.92 -20.29
C VAL D 650 -19.01 32.29 -21.68
N MET D 651 -18.95 33.15 -22.69
CA MET D 651 -18.68 32.75 -24.06
C MET D 651 -18.26 34.00 -24.81
N SER D 652 -17.96 33.84 -26.10
CA SER D 652 -17.43 34.94 -26.89
C SER D 652 -18.33 35.16 -28.09
N THR D 653 -19.30 36.08 -27.93
CA THR D 653 -20.41 36.27 -28.87
C THR D 653 -20.06 36.77 -30.28
N PRO D 654 -19.02 37.61 -30.51
CA PRO D 654 -18.57 37.75 -31.90
C PRO D 654 -17.77 36.53 -32.33
N VAL D 655 -18.30 35.78 -33.30
CA VAL D 655 -17.75 34.49 -33.68
C VAL D 655 -17.18 34.60 -35.10
N THR D 656 -16.01 34.02 -35.33
CA THR D 656 -15.42 33.93 -36.65
C THR D 656 -15.63 32.52 -37.18
N CYS D 657 -16.77 32.29 -37.81
CA CYS D 657 -17.13 30.99 -38.32
C CYS D 657 -16.85 30.89 -39.82
N LEU D 658 -16.77 29.66 -40.31
CA LEU D 658 -16.48 29.40 -41.71
C LEU D 658 -17.69 28.75 -42.38
N ARG D 659 -17.56 28.36 -43.64
CA ARG D 659 -18.62 27.64 -44.34
C ARG D 659 -18.06 26.37 -44.95
N ARG D 660 -18.96 25.49 -45.37
CA ARG D 660 -18.53 24.25 -46.01
C ARG D 660 -17.98 24.51 -47.40
N ARG D 661 -18.81 25.05 -48.28
CA ARG D 661 -18.42 25.38 -49.64
C ARG D 661 -18.16 26.88 -49.70
N GLU D 662 -16.93 27.27 -49.36
CA GLU D 662 -16.62 28.68 -49.19
C GLU D 662 -15.40 29.04 -50.03
N LYS D 663 -15.49 30.20 -50.68
CA LYS D 663 -14.40 30.77 -51.44
C LYS D 663 -13.24 31.10 -50.53
N VAL D 664 -12.01 30.82 -50.98
CA VAL D 664 -10.88 30.98 -50.08
C VAL D 664 -10.46 32.44 -50.16
N GLY D 665 -11.21 33.30 -49.51
CA GLY D 665 -10.86 34.71 -49.44
C GLY D 665 -11.26 35.19 -48.07
N VAL D 666 -11.87 34.27 -47.32
CA VAL D 666 -12.14 34.47 -45.90
C VAL D 666 -11.35 33.49 -45.06
N ILE D 667 -10.80 32.44 -45.66
CA ILE D 667 -9.85 31.58 -44.98
C ILE D 667 -8.59 32.35 -44.65
N VAL D 668 -7.94 32.91 -45.68
CA VAL D 668 -6.73 33.69 -45.47
C VAL D 668 -7.01 35.04 -44.84
N ASP D 669 -8.27 35.49 -44.83
CA ASP D 669 -8.65 36.61 -43.99
C ASP D 669 -8.57 36.23 -42.52
N VAL D 670 -9.10 35.05 -42.17
CA VAL D 670 -9.22 34.70 -40.76
C VAL D 670 -7.99 33.95 -40.24
N LEU D 671 -7.18 33.37 -41.11
CA LEU D 671 -5.92 32.80 -40.64
C LEU D 671 -4.88 33.86 -40.36
N SER D 672 -4.99 35.03 -41.00
CA SER D 672 -3.98 36.07 -40.90
C SER D 672 -4.69 37.41 -40.68
N ASP D 673 -4.75 37.85 -39.43
CA ASP D 673 -5.30 39.15 -39.10
C ASP D 673 -4.47 39.93 -38.10
N THR D 674 -3.53 39.29 -37.40
CA THR D 674 -2.51 39.85 -36.52
C THR D 674 -3.05 40.57 -35.29
N ALA D 675 -4.36 40.59 -35.07
CA ALA D 675 -4.95 41.20 -33.90
C ALA D 675 -5.96 40.30 -33.23
N SER D 676 -6.41 39.25 -33.89
CA SER D 676 -7.38 38.31 -33.36
C SER D 676 -6.93 36.89 -33.63
N ASN D 677 -5.69 36.57 -33.26
CA ASN D 677 -5.08 35.28 -33.57
C ASN D 677 -5.77 34.18 -32.77
N HIS D 678 -6.63 33.45 -33.44
CA HIS D 678 -7.43 32.38 -32.88
C HIS D 678 -6.92 31.03 -33.37
N ASN D 679 -7.65 29.99 -32.99
CA ASN D 679 -7.27 28.61 -33.32
C ASN D 679 -8.53 27.79 -33.12
N GLY D 680 -8.97 27.10 -34.18
CA GLY D 680 -10.21 26.33 -34.13
C GLY D 680 -11.42 27.14 -34.52
N PHE D 681 -12.20 26.64 -35.48
CA PHE D 681 -13.33 27.36 -36.05
C PHE D 681 -14.49 26.42 -36.27
N PRO D 682 -15.71 26.83 -35.94
CA PRO D 682 -16.89 26.06 -36.35
C PRO D 682 -17.34 26.47 -37.75
N VAL D 683 -17.95 25.52 -38.44
CA VAL D 683 -18.37 25.72 -39.83
C VAL D 683 -19.88 25.60 -39.92
N VAL D 684 -20.48 26.46 -40.73
CA VAL D 684 -21.94 26.55 -40.79
C VAL D 684 -22.45 26.07 -42.12
N ALA D 693 -27.47 31.06 -39.26
CA ALA D 693 -26.63 29.98 -39.78
C ALA D 693 -26.68 28.76 -38.86
N ARG D 694 -26.72 27.58 -39.46
CA ARG D 694 -26.74 26.31 -38.74
C ARG D 694 -25.34 25.93 -38.29
N LEU D 695 -25.15 24.67 -37.92
CA LEU D 695 -23.84 24.17 -37.54
C LEU D 695 -23.61 22.85 -38.25
N GLN D 696 -22.37 22.62 -38.69
CA GLN D 696 -22.03 21.37 -39.35
C GLN D 696 -20.85 20.66 -38.71
N GLY D 697 -20.05 21.34 -37.89
CA GLY D 697 -18.90 20.71 -37.28
C GLY D 697 -17.90 21.77 -36.88
N LEU D 698 -16.70 21.32 -36.54
CA LEU D 698 -15.62 22.20 -36.15
C LEU D 698 -14.36 21.81 -36.90
N ILE D 699 -13.66 22.80 -37.42
CA ILE D 699 -12.40 22.60 -38.14
C ILE D 699 -11.28 23.21 -37.30
N LEU D 700 -10.12 22.56 -37.31
CA LEU D 700 -8.96 23.07 -36.60
C LEU D 700 -8.03 23.81 -37.55
N ARG D 701 -7.51 24.94 -37.06
CA ARG D 701 -6.53 25.72 -37.80
C ARG D 701 -5.26 24.94 -38.08
N SER D 702 -4.85 24.08 -37.14
CA SER D 702 -3.68 23.25 -37.39
C SER D 702 -3.95 22.21 -38.47
N GLN D 703 -5.21 21.83 -38.66
CA GLN D 703 -5.57 20.94 -39.75
C GLN D 703 -5.88 21.67 -41.04
N LEU D 704 -6.20 22.95 -40.96
CA LEU D 704 -6.66 23.69 -42.13
C LEU D 704 -5.52 24.28 -42.95
N ILE D 705 -4.33 24.39 -42.38
CA ILE D 705 -3.18 24.83 -43.16
C ILE D 705 -2.72 23.70 -44.08
N VAL D 706 -2.83 22.45 -43.64
CA VAL D 706 -2.47 21.31 -44.47
C VAL D 706 -3.44 21.16 -45.63
N LEU D 707 -4.67 21.66 -45.47
CA LEU D 707 -5.60 21.82 -46.58
C LEU D 707 -5.14 22.88 -47.58
N LEU D 708 -4.21 23.75 -47.20
CA LEU D 708 -3.72 24.78 -48.11
C LEU D 708 -2.36 24.48 -48.70
N LYS D 709 -1.49 23.80 -47.95
CA LYS D 709 -0.15 23.52 -48.45
C LYS D 709 -0.19 22.48 -49.56
N HIS D 710 -0.96 21.41 -49.35
CA HIS D 710 -1.06 20.34 -50.34
C HIS D 710 -2.06 20.65 -51.44
N LYS D 711 -2.67 21.84 -51.43
CA LYS D 711 -3.57 22.31 -52.50
C LYS D 711 -4.75 21.38 -52.70
N VAL D 712 -5.58 21.24 -51.66
CA VAL D 712 -6.80 20.47 -51.82
C VAL D 712 -7.89 21.41 -52.33
N PHE D 713 -8.25 21.24 -53.60
CA PHE D 713 -9.29 22.02 -54.24
C PHE D 713 -10.07 21.11 -55.17
N VAL D 714 -11.30 21.53 -55.48
CA VAL D 714 -12.09 20.78 -56.45
C VAL D 714 -11.66 21.09 -57.89
N GLU D 715 -10.86 22.13 -58.09
CA GLU D 715 -10.34 22.44 -59.41
C GLU D 715 -8.92 21.92 -59.55
N LEU D 726 -3.42 11.40 -49.20
CA LEU D 726 -4.14 12.00 -48.10
C LEU D 726 -4.97 10.96 -47.37
N ARG D 727 -4.35 10.26 -46.43
CA ARG D 727 -5.00 9.22 -45.65
C ARG D 727 -4.80 9.45 -44.16
N LEU D 728 -4.92 10.72 -43.75
CA LEU D 728 -4.61 11.22 -42.40
C LEU D 728 -3.17 10.88 -42.04
N LYS D 729 -2.26 11.22 -42.94
CA LYS D 729 -0.83 11.06 -42.73
C LYS D 729 -0.06 12.32 -43.03
N ASP D 730 -0.57 13.18 -43.91
CA ASP D 730 0.00 14.53 -44.04
C ASP D 730 -0.43 15.42 -42.88
N PHE D 731 -1.51 15.08 -42.19
CA PHE D 731 -1.85 15.76 -40.95
C PHE D 731 -0.92 15.40 -39.81
N ARG D 732 -0.27 14.24 -39.90
CA ARG D 732 0.42 13.67 -38.75
C ARG D 732 1.92 13.50 -38.98
N ASP D 733 2.40 13.72 -40.21
CA ASP D 733 3.84 13.64 -40.44
C ASP D 733 4.56 14.82 -39.82
N ALA D 734 4.23 16.03 -40.23
CA ALA D 734 4.77 17.25 -39.61
C ALA D 734 3.84 17.71 -38.49
N TYR D 735 3.68 16.83 -37.50
CA TYR D 735 2.65 17.08 -36.50
C TYR D 735 3.06 18.11 -35.45
N PRO D 736 4.17 17.98 -34.70
CA PRO D 736 4.47 19.03 -33.72
C PRO D 736 5.06 20.24 -34.42
N ARG D 737 4.77 21.42 -33.84
CA ARG D 737 5.18 22.72 -34.36
C ARG D 737 4.64 22.90 -35.80
N PHE D 738 3.31 23.02 -35.85
CA PHE D 738 2.59 23.14 -37.11
C PHE D 738 3.07 24.37 -37.89
N PRO D 739 3.10 24.28 -39.22
CA PRO D 739 3.68 25.37 -40.02
C PRO D 739 2.83 26.61 -39.96
N PRO D 740 3.39 27.72 -39.48
CA PRO D 740 2.59 28.95 -39.34
C PRO D 740 2.24 29.56 -40.67
N ILE D 741 0.98 29.95 -40.83
CA ILE D 741 0.49 30.51 -42.08
C ILE D 741 0.98 31.96 -42.20
N GLN D 742 2.14 32.10 -42.83
CA GLN D 742 2.63 33.36 -43.37
C GLN D 742 3.24 33.00 -44.72
N SER D 743 3.57 31.72 -44.87
CA SER D 743 4.50 31.25 -45.88
C SER D 743 3.89 30.99 -47.25
N ILE D 744 2.71 30.35 -47.28
CA ILE D 744 2.14 29.65 -48.44
C ILE D 744 2.11 30.45 -49.76
N HIS D 745 1.73 31.72 -49.68
CA HIS D 745 1.56 32.64 -50.82
C HIS D 745 0.59 32.08 -51.85
N VAL D 746 -0.68 31.97 -51.49
CA VAL D 746 -1.71 31.65 -52.47
C VAL D 746 -1.87 32.82 -53.44
N SER D 747 -2.22 32.51 -54.68
CA SER D 747 -2.32 33.53 -55.70
C SER D 747 -3.73 34.12 -55.73
N GLN D 748 -3.85 35.26 -56.43
CA GLN D 748 -5.06 36.07 -56.35
C GLN D 748 -6.23 35.44 -57.09
N ASP D 749 -5.94 34.51 -58.00
CA ASP D 749 -7.03 33.84 -58.70
C ASP D 749 -7.59 32.69 -57.85
N GLU D 750 -6.86 32.28 -56.82
CA GLU D 750 -7.35 31.31 -55.85
C GLU D 750 -7.94 32.05 -54.66
N ARG D 751 -8.82 33.00 -54.96
CA ARG D 751 -9.51 33.76 -53.92
C ARG D 751 -11.01 33.72 -54.22
N GLU D 752 -11.38 33.00 -55.29
CA GLU D 752 -12.76 32.79 -55.67
C GLU D 752 -12.97 31.31 -55.96
N CYS D 753 -11.91 30.52 -55.87
CA CYS D 753 -12.01 29.08 -56.01
C CYS D 753 -12.64 28.52 -54.72
N THR D 754 -13.13 27.29 -54.78
CA THR D 754 -13.99 26.79 -53.71
C THR D 754 -13.31 25.62 -53.01
N MET D 755 -13.20 25.70 -51.69
CA MET D 755 -12.61 24.65 -50.87
C MET D 755 -13.68 24.01 -50.02
N ASP D 756 -13.79 22.68 -50.15
CA ASP D 756 -14.81 21.89 -49.49
C ASP D 756 -14.14 21.05 -48.41
N LEU D 757 -14.51 21.28 -47.16
CA LEU D 757 -13.89 20.65 -46.01
C LEU D 757 -14.85 19.72 -45.28
N SER D 758 -15.85 19.20 -45.99
CA SER D 758 -16.90 18.42 -45.35
C SER D 758 -16.41 17.08 -44.82
N GLU D 759 -15.29 16.57 -45.34
CA GLU D 759 -14.70 15.32 -44.88
C GLU D 759 -13.59 15.55 -43.86
N PHE D 760 -13.39 16.78 -43.39
CA PHE D 760 -12.31 17.08 -42.47
C PHE D 760 -12.77 17.60 -41.13
N MET D 761 -13.94 18.21 -41.04
CA MET D 761 -14.48 18.71 -39.79
C MET D 761 -14.83 17.56 -38.85
N ASN D 762 -14.87 17.86 -37.56
CA ASN D 762 -15.37 16.95 -36.55
C ASN D 762 -16.89 16.96 -36.64
N PRO D 763 -17.53 15.89 -37.11
CA PRO D 763 -18.99 15.93 -37.29
C PRO D 763 -19.75 15.90 -36.00
N SER D 764 -19.12 15.50 -34.89
CA SER D 764 -19.72 15.55 -33.57
C SER D 764 -18.88 16.46 -32.69
N PRO D 765 -19.17 17.75 -32.68
CA PRO D 765 -18.61 18.64 -31.65
C PRO D 765 -19.44 18.51 -30.38
N TYR D 766 -19.06 19.27 -29.37
CA TYR D 766 -19.78 19.28 -28.09
C TYR D 766 -20.47 20.62 -27.97
N THR D 767 -21.78 20.61 -28.18
CA THR D 767 -22.56 21.83 -28.38
C THR D 767 -23.49 22.02 -27.19
N VAL D 768 -23.01 22.69 -26.16
CA VAL D 768 -23.84 22.96 -24.99
C VAL D 768 -24.85 24.04 -25.37
N PRO D 769 -26.06 24.01 -24.82
CA PRO D 769 -27.02 25.07 -25.12
C PRO D 769 -26.65 26.36 -24.42
N GLN D 770 -27.35 27.43 -24.80
CA GLN D 770 -27.18 28.71 -24.14
C GLN D 770 -27.62 28.66 -22.69
N GLU D 771 -28.74 28.00 -22.42
CA GLU D 771 -29.30 27.98 -21.08
C GLU D 771 -28.68 26.92 -20.17
N ALA D 772 -27.62 26.25 -20.61
CA ALA D 772 -26.93 25.31 -19.74
C ALA D 772 -26.14 26.07 -18.68
N SER D 773 -26.20 25.60 -17.44
CA SER D 773 -25.54 26.31 -16.36
C SER D 773 -24.02 26.13 -16.43
N LEU D 774 -23.31 27.00 -15.72
CA LEU D 774 -21.86 26.90 -15.66
C LEU D 774 -21.32 25.60 -15.02
N PRO D 775 -21.90 25.02 -13.96
CA PRO D 775 -21.40 23.71 -13.51
C PRO D 775 -21.65 22.57 -14.48
N ARG D 776 -22.48 22.74 -15.49
CA ARG D 776 -22.58 21.71 -16.52
C ARG D 776 -21.45 21.84 -17.52
N VAL D 777 -21.18 23.07 -17.99
CA VAL D 777 -20.19 23.26 -19.04
C VAL D 777 -18.76 23.17 -18.52
N PHE D 778 -18.55 23.17 -17.21
CA PHE D 778 -17.22 22.91 -16.70
C PHE D 778 -16.91 21.43 -16.77
N LYS D 779 -17.80 20.59 -16.24
CA LYS D 779 -17.56 19.16 -16.18
C LYS D 779 -17.71 18.47 -17.52
N LEU D 780 -17.92 19.19 -18.61
CA LEU D 780 -17.60 18.69 -19.94
C LEU D 780 -16.28 19.21 -20.45
N PHE D 781 -15.99 20.48 -20.19
CA PHE D 781 -14.78 21.06 -20.74
C PHE D 781 -13.56 20.59 -19.97
N ARG D 782 -13.72 20.28 -18.70
CA ARG D 782 -12.58 19.86 -17.90
C ARG D 782 -12.40 18.35 -17.91
N ALA D 783 -13.50 17.60 -17.77
CA ALA D 783 -13.42 16.14 -17.71
C ALA D 783 -13.00 15.58 -19.05
N LEU D 784 -13.79 15.81 -20.09
CA LEU D 784 -13.34 15.49 -21.43
C LEU D 784 -12.25 16.49 -21.80
N GLY D 785 -11.22 15.99 -22.47
CA GLY D 785 -10.07 16.83 -22.76
C GLY D 785 -10.31 17.80 -23.89
N LEU D 786 -11.12 18.83 -23.65
CA LEU D 786 -11.52 19.75 -24.70
C LEU D 786 -10.63 20.98 -24.73
N ARG D 787 -10.65 21.66 -25.88
CA ARG D 787 -10.20 23.04 -25.94
C ARG D 787 -11.10 23.88 -26.85
N HIS D 788 -12.30 23.40 -27.17
CA HIS D 788 -13.36 24.21 -27.74
C HIS D 788 -14.69 23.69 -27.24
N LEU D 789 -15.70 24.54 -27.32
CA LEU D 789 -17.04 24.16 -26.87
C LEU D 789 -18.02 25.10 -27.55
N VAL D 790 -18.82 24.58 -28.46
CA VAL D 790 -19.76 25.39 -29.20
C VAL D 790 -20.98 25.64 -28.32
N VAL D 791 -21.54 26.84 -28.38
CA VAL D 791 -22.78 27.16 -27.70
C VAL D 791 -23.84 27.47 -28.74
N VAL D 792 -24.97 26.74 -28.69
CA VAL D 792 -26.06 26.94 -29.63
C VAL D 792 -27.39 27.10 -28.89
N ASP D 793 -28.48 27.19 -29.66
CA ASP D 793 -29.79 27.50 -29.10
C ASP D 793 -30.84 26.49 -29.52
N ASN D 794 -32.10 26.83 -29.25
CA ASN D 794 -33.22 26.07 -29.79
C ASN D 794 -33.26 26.16 -31.31
N ARG D 795 -32.85 27.29 -31.87
CA ARG D 795 -32.77 27.51 -33.30
C ARG D 795 -31.57 26.79 -33.91
N ASN D 796 -30.64 26.31 -33.07
CA ASN D 796 -29.31 25.82 -33.44
C ASN D 796 -28.50 26.89 -34.18
N GLN D 797 -28.76 28.15 -33.85
CA GLN D 797 -27.88 29.23 -34.25
C GLN D 797 -26.62 29.18 -33.40
N VAL D 798 -25.47 29.46 -34.01
CA VAL D 798 -24.20 29.44 -33.31
C VAL D 798 -24.02 30.81 -32.66
N VAL D 799 -24.04 30.84 -31.34
CA VAL D 799 -23.79 32.05 -30.57
C VAL D 799 -22.68 31.77 -29.55
N GLY D 800 -21.54 32.42 -29.72
CA GLY D 800 -20.45 32.25 -28.80
C GLY D 800 -19.73 30.91 -28.93
N LEU D 801 -18.73 30.73 -28.06
CA LEU D 801 -17.88 29.56 -27.99
C LEU D 801 -17.08 29.65 -26.69
N VAL D 802 -16.82 28.50 -26.08
CA VAL D 802 -16.16 28.43 -24.77
C VAL D 802 -14.81 27.75 -24.94
N THR D 803 -13.74 28.52 -24.81
CA THR D 803 -12.42 27.95 -24.72
C THR D 803 -11.90 28.09 -23.29
N ARG D 804 -10.65 27.69 -23.07
CA ARG D 804 -10.09 27.67 -21.73
C ARG D 804 -9.91 29.05 -21.15
N LYS D 805 -9.40 29.99 -21.94
CA LYS D 805 -9.23 31.36 -21.49
C LYS D 805 -10.56 32.04 -21.20
N ASP D 806 -11.61 31.66 -21.95
CA ASP D 806 -12.94 32.20 -21.74
C ASP D 806 -13.68 31.49 -20.63
N LEU D 807 -13.03 30.59 -19.91
CA LEU D 807 -13.69 29.78 -18.88
C LEU D 807 -12.92 29.71 -17.58
N ALA D 808 -11.61 29.95 -17.56
CA ALA D 808 -10.85 30.01 -16.33
C ALA D 808 -10.64 31.44 -15.86
N ARG D 809 -11.50 32.36 -16.30
CA ARG D 809 -11.42 33.77 -15.90
C ARG D 809 -12.47 34.12 -14.84
N TYR D 810 -13.01 33.12 -14.16
CA TYR D 810 -14.02 33.34 -13.15
C TYR D 810 -13.60 32.71 -11.82
C1 NAG E . 10.11 -35.60 21.87
C2 NAG E . 10.23 -34.10 21.56
C3 NAG E . 10.52 -33.91 20.07
C4 NAG E . 11.75 -34.70 19.66
C5 NAG E . 11.53 -36.17 20.01
C6 NAG E . 12.70 -37.05 19.68
C7 NAG E . 8.92 -32.73 23.11
C8 NAG E . 7.62 -32.05 23.36
N2 NAG E . 9.04 -33.39 21.96
O3 NAG E . 10.67 -32.52 19.82
O4 NAG E . 12.05 -34.58 18.28
O5 NAG E . 11.28 -36.30 21.42
O6 NAG E . 12.48 -38.39 20.10
O7 NAG E . 9.83 -32.71 23.93
C1 NAG E . 13.11 -33.63 18.04
C2 NAG E . 13.83 -33.88 16.72
C3 NAG E . 14.82 -32.75 16.41
C4 NAG E . 14.15 -31.39 16.51
C5 NAG E . 13.47 -31.24 17.85
C6 NAG E . 12.67 -29.97 17.98
C7 NAG E . 13.96 -36.33 16.47
C8 NAG E . 14.84 -37.53 16.54
N2 NAG E . 14.54 -35.15 16.75
O3 NAG E . 15.37 -32.94 15.11
O4 NAG E . 15.12 -30.36 16.36
O5 NAG E . 12.53 -32.32 18.03
O6 NAG E . 11.51 -30.18 18.76
O7 NAG E . 12.77 -36.42 16.19
C1 NAG F . 33.72 3.01 26.17
C2 NAG F . 32.74 2.08 25.46
C3 NAG F . 31.32 2.58 25.64
C4 NAG F . 31.00 2.68 27.13
C5 NAG F . 32.03 3.58 27.81
C6 NAG F . 31.86 3.66 29.30
C7 NAG F . 33.66 0.87 23.54
C8 NAG F . 33.94 0.91 22.07
N2 NAG F . 33.08 1.96 24.05
O3 NAG F . 30.45 1.69 24.97
O4 NAG F . 29.69 3.20 27.33
O5 NAG F . 33.36 3.10 27.57
O6 NAG F . 33.06 4.10 29.92
O7 NAG F . 33.95 -0.09 24.24
C1 NAG F . 28.74 2.18 27.68
C2 NAG F . 27.53 2.82 28.36
C3 NAG F . 26.46 1.78 28.66
C4 NAG F . 26.10 1.02 27.40
C5 NAG F . 27.34 0.41 26.78
C6 NAG F . 27.05 -0.27 25.45
C7 NAG F . 27.33 4.62 30.01
C8 NAG F . 27.85 5.19 31.29
N2 NAG F . 27.92 3.51 29.58
O3 NAG F . 25.31 2.41 29.18
O4 NAG F . 25.15 0.00 27.70
O5 NAG F . 28.30 1.44 26.52
O6 NAG F . 27.97 0.13 24.46
O7 NAG F . 26.40 5.14 29.40
PB ADP G . -35.59 2.67 -18.48
O1B ADP G . -34.33 1.93 -18.85
O2B ADP G . -36.56 1.81 -17.72
O3B ADP G . -35.32 3.99 -17.82
PA ADP G . -37.52 2.28 -20.64
O1A ADP G . -37.69 0.92 -20.06
O2A ADP G . -38.69 3.20 -20.67
O3A ADP G . -36.31 3.01 -19.88
O5' ADP G . -36.92 2.16 -22.12
C5' ADP G . -36.70 0.83 -22.67
C4' ADP G . -36.62 0.91 -24.17
O4' ADP G . -37.73 1.71 -24.65
C3' ADP G . -35.36 1.57 -24.74
O3' ADP G . -34.97 0.96 -25.97
C2' ADP G . -35.81 3.01 -24.96
O2' ADP G . -35.06 3.66 -25.97
C1' ADP G . -37.26 2.81 -25.40
N9 ADP G . -38.12 3.96 -25.13
C8 ADP G . -38.66 4.31 -23.93
N7 ADP G . -39.40 5.40 -24.00
C5 ADP G . -39.34 5.77 -25.33
C6 ADP G . -39.92 6.85 -26.04
N6 ADP G . -40.68 7.77 -25.47
N1 ADP G . -39.65 6.93 -27.36
C2 ADP G . -38.88 6.00 -27.92
N3 ADP G . -38.28 4.95 -27.36
C4 ADP G . -38.55 4.89 -26.04
CL CL H . -15.35 -14.11 0.73
PB ADP I . -6.33 28.26 -27.01
O1B ADP I . -4.95 27.65 -26.95
O2B ADP I . -7.24 27.55 -27.99
O3B ADP I . -6.96 28.42 -25.64
PA ADP I . -6.65 30.43 -28.94
O1A ADP I . -5.56 31.30 -29.48
O2A ADP I . -7.23 29.38 -29.83
O3A ADP I . -6.14 29.75 -27.59
O5' ADP I . -7.84 31.35 -28.38
C5' ADP I . -7.50 32.53 -27.60
C4' ADP I . -8.70 33.43 -27.50
O4' ADP I . -9.39 33.46 -28.78
C3' ADP I . -9.75 33.01 -26.47
O3' ADP I . -10.30 34.15 -25.80
C2' ADP I . -10.81 32.31 -27.32
O2' ADP I . -12.10 32.36 -26.74
C1' ADP I . -10.75 33.15 -28.59
N9 ADP I . -11.23 32.45 -29.77
C8 ADP I . -10.61 31.42 -30.43
N7 ADP I . -11.26 30.98 -31.47
C5 ADP I . -12.41 31.77 -31.50
C6 ADP I . -13.51 31.80 -32.37
N6 ADP I . -13.66 30.99 -33.41
N1 ADP I . -14.49 32.71 -32.13
C2 ADP I . -14.33 33.53 -31.07
N3 ADP I . -13.34 33.60 -30.20
C4 ADP I . -12.39 32.68 -30.46
CL CL J . 9.57 19.62 -5.86
CL CL K . 12.52 17.30 -3.13
#